data_3AX5
# 
_entry.id   3AX5 
# 
_audit_conform.dict_name       mmcif_pdbx.dic 
_audit_conform.dict_version    5.397 
_audit_conform.dict_location   http://mmcif.pdb.org/dictionaries/ascii/mmcif_pdbx.dic 
# 
loop_
_database_2.database_id 
_database_2.database_code 
_database_2.pdbx_database_accession 
_database_2.pdbx_DOI 
PDB   3AX5         pdb_00003ax5 10.2210/pdb3ax5/pdb 
RCSB  RCSB029805   ?            ?                   
WWPDB D_1000029805 ?            ?                   
# 
loop_
_pdbx_audit_revision_history.ordinal 
_pdbx_audit_revision_history.data_content_type 
_pdbx_audit_revision_history.major_revision 
_pdbx_audit_revision_history.minor_revision 
_pdbx_audit_revision_history.revision_date 
1 'Structure model' 1 0 2011-07-06 
2 'Structure model' 1 1 2011-07-13 
3 'Structure model' 1 2 2023-11-01 
4 'Structure model' 1 3 2024-10-30 
# 
_pdbx_audit_revision_details.ordinal             1 
_pdbx_audit_revision_details.revision_ordinal    1 
_pdbx_audit_revision_details.data_content_type   'Structure model' 
_pdbx_audit_revision_details.provider            repository 
_pdbx_audit_revision_details.type                'Initial release' 
_pdbx_audit_revision_details.description         ? 
_pdbx_audit_revision_details.details             ? 
# 
loop_
_pdbx_audit_revision_group.ordinal 
_pdbx_audit_revision_group.revision_ordinal 
_pdbx_audit_revision_group.data_content_type 
_pdbx_audit_revision_group.group 
1 2 'Structure model' 'Version format compliance' 
2 3 'Structure model' 'Data collection'           
3 3 'Structure model' 'Database references'       
4 3 'Structure model' 'Derived calculations'      
5 3 'Structure model' 'Refinement description'    
6 4 'Structure model' 'Structure summary'         
# 
loop_
_pdbx_audit_revision_category.ordinal 
_pdbx_audit_revision_category.revision_ordinal 
_pdbx_audit_revision_category.data_content_type 
_pdbx_audit_revision_category.category 
1 3 'Structure model' chem_comp_atom                
2 3 'Structure model' chem_comp_bond                
3 3 'Structure model' database_2                    
4 3 'Structure model' pdbx_initial_refinement_model 
5 3 'Structure model' struct_conn                   
6 3 'Structure model' struct_ref_seq_dif            
7 3 'Structure model' struct_site                   
8 4 'Structure model' pdbx_entry_details            
9 4 'Structure model' pdbx_modification_feature     
# 
loop_
_pdbx_audit_revision_item.ordinal 
_pdbx_audit_revision_item.revision_ordinal 
_pdbx_audit_revision_item.data_content_type 
_pdbx_audit_revision_item.item 
1 3 'Structure model' '_database_2.pdbx_DOI'                
2 3 'Structure model' '_database_2.pdbx_database_accession' 
3 3 'Structure model' '_struct_conn.pdbx_leaving_atom_flag' 
4 3 'Structure model' '_struct_ref_seq_dif.details'         
5 3 'Structure model' '_struct_site.pdbx_auth_asym_id'      
6 3 'Structure model' '_struct_site.pdbx_auth_comp_id'      
7 3 'Structure model' '_struct_site.pdbx_auth_seq_id'       
# 
_pdbx_database_status.status_code                     REL 
_pdbx_database_status.entry_id                        3AX5 
_pdbx_database_status.recvd_initial_deposition_date   2011-03-29 
_pdbx_database_status.deposit_site                    PDBJ 
_pdbx_database_status.process_site                    PDBJ 
_pdbx_database_status.status_code_sf                  REL 
_pdbx_database_status.status_code_mr                  ? 
_pdbx_database_status.SG_entry                        ? 
_pdbx_database_status.status_code_cs                  ? 
_pdbx_database_status.pdb_format_compatible           Y 
_pdbx_database_status.status_code_nmr_data            ? 
_pdbx_database_status.methods_development_category    ? 
# 
loop_
_pdbx_database_related.db_name 
_pdbx_database_related.db_id 
_pdbx_database_related.details 
_pdbx_database_related.content_type 
PDB 3AWR . unspecified 
PDB 3AX2 . unspecified 
PDB 3AX3 . unspecified 
# 
loop_
_audit_author.name 
_audit_author.pdbx_ordinal 
'Saitoh, T.' 1 
'Maita, Y.'  2 
'Kohda, D.'  3 
# 
_citation.id                        primary 
_citation.title                     
'Crystallographic snapshots of tom20-mitochondrial presequence interactions with disulfide-stabilized peptides.' 
_citation.journal_abbrev            Biochemistry 
_citation.journal_volume            50 
_citation.page_first                5487 
_citation.page_last                 5496 
_citation.year                      2011 
_citation.journal_id_ASTM           BICHAW 
_citation.country                   US 
_citation.journal_id_ISSN           0006-2960 
_citation.journal_id_CSD            0033 
_citation.book_publisher            ? 
_citation.pdbx_database_id_PubMed   21591667 
_citation.pdbx_database_id_DOI      10.1021/bi200470x 
# 
loop_
_citation_author.citation_id 
_citation_author.name 
_citation_author.ordinal 
_citation_author.identifier_ORCID 
primary 'Saitoh, T.'   1 ? 
primary 'Igura, M.'    2 ? 
primary 'Miyazaki, Y.' 3 ? 
primary 'Ose, T.'      4 ? 
primary 'Maita, N.'    5 ? 
primary 'Kohda, D.'    6 ? 
# 
loop_
_entity.id 
_entity.type 
_entity.src_method 
_entity.pdbx_description 
_entity.formula_weight 
_entity.pdbx_number_of_molecules 
_entity.pdbx_ec 
_entity.pdbx_mutation 
_entity.pdbx_fragment 
_entity.details 
1 polymer     man 'Mitochondrial import receptor subunit TOM20 homolog' 8022.181 2  ? ?            
'CYTOSOLIC DOMAIN, UNP RESIDUES 59-126' ? 
2 polymer     syn 'Aldehyde dehydrogenase, mitochondrial'               1256.543 2  ? 'P13C, S16C' 
'C-TERMINAL HALF, UNP RESIDUES 12-20'   ? 
3 non-polymer syn 'PHOSPHATE ION'                                       94.971   1  ? ?            ? ? 
4 water       nat water                                                 18.015   23 ? ?            ? ? 
# 
loop_
_entity_poly.entity_id 
_entity_poly.type 
_entity_poly.nstd_linkage 
_entity_poly.nstd_monomer 
_entity_poly.pdbx_seq_one_letter_code 
_entity_poly.pdbx_seq_one_letter_code_can 
_entity_poly.pdbx_strand_id 
_entity_poly.pdbx_target_identifier 
1 'polypeptide(L)' no no  GPLGSDLKDAEAVQKFFLEEIQLGEELLAQGDYEKGVDHLTNAIAVCGQPQQLLQVLQQTLPPPVFQMLLTKL 
GPLGSDLKDAEAVQKFFLEEIQLGEELLAQGDYEKGVDHLTNAIAVCGQPQQLLQVLQQTLPPPVFQMLLTKL A,C ? 
2 'polypeptide(L)' no yes 'G(DCY)RLCRLLSYA'                                                         GCRLCRLLSYA B,D ? 
# 
loop_
_pdbx_entity_nonpoly.entity_id 
_pdbx_entity_nonpoly.name 
_pdbx_entity_nonpoly.comp_id 
3 'PHOSPHATE ION' PO4 
4 water           HOH 
# 
loop_
_entity_poly_seq.entity_id 
_entity_poly_seq.num 
_entity_poly_seq.mon_id 
_entity_poly_seq.hetero 
1 1  GLY n 
1 2  PRO n 
1 3  LEU n 
1 4  GLY n 
1 5  SER n 
1 6  ASP n 
1 7  LEU n 
1 8  LYS n 
1 9  ASP n 
1 10 ALA n 
1 11 GLU n 
1 12 ALA n 
1 13 VAL n 
1 14 GLN n 
1 15 LYS n 
1 16 PHE n 
1 17 PHE n 
1 18 LEU n 
1 19 GLU n 
1 20 GLU n 
1 21 ILE n 
1 22 GLN n 
1 23 LEU n 
1 24 GLY n 
1 25 GLU n 
1 26 GLU n 
1 27 LEU n 
1 28 LEU n 
1 29 ALA n 
1 30 GLN n 
1 31 GLY n 
1 32 ASP n 
1 33 TYR n 
1 34 GLU n 
1 35 LYS n 
1 36 GLY n 
1 37 VAL n 
1 38 ASP n 
1 39 HIS n 
1 40 LEU n 
1 41 THR n 
1 42 ASN n 
1 43 ALA n 
1 44 ILE n 
1 45 ALA n 
1 46 VAL n 
1 47 CYS n 
1 48 GLY n 
1 49 GLN n 
1 50 PRO n 
1 51 GLN n 
1 52 GLN n 
1 53 LEU n 
1 54 LEU n 
1 55 GLN n 
1 56 VAL n 
1 57 LEU n 
1 58 GLN n 
1 59 GLN n 
1 60 THR n 
1 61 LEU n 
1 62 PRO n 
1 63 PRO n 
1 64 PRO n 
1 65 VAL n 
1 66 PHE n 
1 67 GLN n 
1 68 MET n 
1 69 LEU n 
1 70 LEU n 
1 71 THR n 
1 72 LYS n 
1 73 LEU n 
2 1  GLY n 
2 2  DCY n 
2 3  ARG n 
2 4  LEU n 
2 5  CYS n 
2 6  ARG n 
2 7  LEU n 
2 8  LEU n 
2 9  SER n 
2 10 TYR n 
2 11 ALA n 
# 
_entity_src_gen.entity_id                          1 
_entity_src_gen.pdbx_src_id                        1 
_entity_src_gen.pdbx_alt_source_flag               sample 
_entity_src_gen.pdbx_seq_type                      ? 
_entity_src_gen.pdbx_beg_seq_num                   ? 
_entity_src_gen.pdbx_end_seq_num                   ? 
_entity_src_gen.gene_src_common_name               rat 
_entity_src_gen.gene_src_genus                     ? 
_entity_src_gen.pdbx_gene_src_gene                 Tomm20 
_entity_src_gen.gene_src_species                   ? 
_entity_src_gen.gene_src_strain                    ? 
_entity_src_gen.gene_src_tissue                    ? 
_entity_src_gen.gene_src_tissue_fraction           ? 
_entity_src_gen.gene_src_details                   ? 
_entity_src_gen.pdbx_gene_src_fragment             ? 
_entity_src_gen.pdbx_gene_src_scientific_name      'Rattus norvegicus' 
_entity_src_gen.pdbx_gene_src_ncbi_taxonomy_id     10116 
_entity_src_gen.pdbx_gene_src_variant              ? 
_entity_src_gen.pdbx_gene_src_cell_line            ? 
_entity_src_gen.pdbx_gene_src_atcc                 ? 
_entity_src_gen.pdbx_gene_src_organ                ? 
_entity_src_gen.pdbx_gene_src_organelle            ? 
_entity_src_gen.pdbx_gene_src_cell                 ? 
_entity_src_gen.pdbx_gene_src_cellular_location    ? 
_entity_src_gen.host_org_common_name               ? 
_entity_src_gen.pdbx_host_org_scientific_name      'Escherichia coli' 
_entity_src_gen.pdbx_host_org_ncbi_taxonomy_id     562 
_entity_src_gen.host_org_genus                     ? 
_entity_src_gen.pdbx_host_org_gene                 ? 
_entity_src_gen.pdbx_host_org_organ                ? 
_entity_src_gen.host_org_species                   ? 
_entity_src_gen.pdbx_host_org_tissue               ? 
_entity_src_gen.pdbx_host_org_tissue_fraction      ? 
_entity_src_gen.pdbx_host_org_strain               'BL21(DE3)' 
_entity_src_gen.pdbx_host_org_variant              ? 
_entity_src_gen.pdbx_host_org_cell_line            ? 
_entity_src_gen.pdbx_host_org_atcc                 ? 
_entity_src_gen.pdbx_host_org_culture_collection   ? 
_entity_src_gen.pdbx_host_org_cell                 ? 
_entity_src_gen.pdbx_host_org_organelle            ? 
_entity_src_gen.pdbx_host_org_cellular_location    ? 
_entity_src_gen.pdbx_host_org_vector_type          plasmid 
_entity_src_gen.pdbx_host_org_vector               ? 
_entity_src_gen.host_org_details                   ? 
_entity_src_gen.expression_system_id               ? 
_entity_src_gen.plasmid_name                       pGEX-6P-1 
_entity_src_gen.plasmid_details                    ? 
_entity_src_gen.pdbx_description                   ? 
# 
_pdbx_entity_src_syn.entity_id              2 
_pdbx_entity_src_syn.pdbx_src_id            1 
_pdbx_entity_src_syn.pdbx_alt_source_flag   sample 
_pdbx_entity_src_syn.pdbx_beg_seq_num       ? 
_pdbx_entity_src_syn.pdbx_end_seq_num       ? 
_pdbx_entity_src_syn.organism_scientific    'Rattus norvegicus' 
_pdbx_entity_src_syn.organism_common_name   rat 
_pdbx_entity_src_syn.ncbi_taxonomy_id       10116 
_pdbx_entity_src_syn.details                'The peptide was chemically synthesized.' 
# 
loop_
_chem_comp.id 
_chem_comp.type 
_chem_comp.mon_nstd_flag 
_chem_comp.name 
_chem_comp.pdbx_synonyms 
_chem_comp.formula 
_chem_comp.formula_weight 
ALA 'L-peptide linking' y ALANINE         ? 'C3 H7 N O2'     89.093  
ARG 'L-peptide linking' y ARGININE        ? 'C6 H15 N4 O2 1' 175.209 
ASN 'L-peptide linking' y ASPARAGINE      ? 'C4 H8 N2 O3'    132.118 
ASP 'L-peptide linking' y 'ASPARTIC ACID' ? 'C4 H7 N O4'     133.103 
CYS 'L-peptide linking' y CYSTEINE        ? 'C3 H7 N O2 S'   121.158 
DCY 'D-peptide linking' . D-CYSTEINE      ? 'C3 H7 N O2 S'   121.158 
GLN 'L-peptide linking' y GLUTAMINE       ? 'C5 H10 N2 O3'   146.144 
GLU 'L-peptide linking' y 'GLUTAMIC ACID' ? 'C5 H9 N O4'     147.129 
GLY 'peptide linking'   y GLYCINE         ? 'C2 H5 N O2'     75.067  
HIS 'L-peptide linking' y HISTIDINE       ? 'C6 H10 N3 O2 1' 156.162 
HOH non-polymer         . WATER           ? 'H2 O'           18.015  
ILE 'L-peptide linking' y ISOLEUCINE      ? 'C6 H13 N O2'    131.173 
LEU 'L-peptide linking' y LEUCINE         ? 'C6 H13 N O2'    131.173 
LYS 'L-peptide linking' y LYSINE          ? 'C6 H15 N2 O2 1' 147.195 
MET 'L-peptide linking' y METHIONINE      ? 'C5 H11 N O2 S'  149.211 
PHE 'L-peptide linking' y PHENYLALANINE   ? 'C9 H11 N O2'    165.189 
PO4 non-polymer         . 'PHOSPHATE ION' ? 'O4 P -3'        94.971  
PRO 'L-peptide linking' y PROLINE         ? 'C5 H9 N O2'     115.130 
SER 'L-peptide linking' y SERINE          ? 'C3 H7 N O3'     105.093 
THR 'L-peptide linking' y THREONINE       ? 'C4 H9 N O3'     119.119 
TYR 'L-peptide linking' y TYROSINE        ? 'C9 H11 N O3'    181.189 
VAL 'L-peptide linking' y VALINE          ? 'C5 H11 N O2'    117.146 
# 
loop_
_pdbx_poly_seq_scheme.asym_id 
_pdbx_poly_seq_scheme.entity_id 
_pdbx_poly_seq_scheme.seq_id 
_pdbx_poly_seq_scheme.mon_id 
_pdbx_poly_seq_scheme.ndb_seq_num 
_pdbx_poly_seq_scheme.pdb_seq_num 
_pdbx_poly_seq_scheme.auth_seq_num 
_pdbx_poly_seq_scheme.pdb_mon_id 
_pdbx_poly_seq_scheme.auth_mon_id 
_pdbx_poly_seq_scheme.pdb_strand_id 
_pdbx_poly_seq_scheme.pdb_ins_code 
_pdbx_poly_seq_scheme.hetero 
A 1 1  GLY 1  54  ?   ?   ?   A . n 
A 1 2  PRO 2  55  ?   ?   ?   A . n 
A 1 3  LEU 3  56  ?   ?   ?   A . n 
A 1 4  GLY 4  57  ?   ?   ?   A . n 
A 1 5  SER 5  58  58  SER SER A . n 
A 1 6  ASP 6  59  59  ASP ASP A . n 
A 1 7  LEU 7  60  60  LEU LEU A . n 
A 1 8  LYS 8  61  61  LYS LYS A . n 
A 1 9  ASP 9  62  62  ASP ASP A . n 
A 1 10 ALA 10 63  63  ALA ALA A . n 
A 1 11 GLU 11 64  64  GLU GLU A . n 
A 1 12 ALA 12 65  65  ALA ALA A . n 
A 1 13 VAL 13 66  66  VAL VAL A . n 
A 1 14 GLN 14 67  67  GLN GLN A . n 
A 1 15 LYS 15 68  68  LYS LYS A . n 
A 1 16 PHE 16 69  69  PHE PHE A . n 
A 1 17 PHE 17 70  70  PHE PHE A . n 
A 1 18 LEU 18 71  71  LEU LEU A . n 
A 1 19 GLU 19 72  72  GLU GLU A . n 
A 1 20 GLU 20 73  73  GLU GLU A . n 
A 1 21 ILE 21 74  74  ILE ILE A . n 
A 1 22 GLN 22 75  75  GLN GLN A . n 
A 1 23 LEU 23 76  76  LEU LEU A . n 
A 1 24 GLY 24 77  77  GLY GLY A . n 
A 1 25 GLU 25 78  78  GLU GLU A . n 
A 1 26 GLU 26 79  79  GLU GLU A . n 
A 1 27 LEU 27 80  80  LEU LEU A . n 
A 1 28 LEU 28 81  81  LEU LEU A . n 
A 1 29 ALA 29 82  82  ALA ALA A . n 
A 1 30 GLN 30 83  83  GLN GLN A . n 
A 1 31 GLY 31 84  84  GLY GLY A . n 
A 1 32 ASP 32 85  85  ASP ASP A . n 
A 1 33 TYR 33 86  86  TYR TYR A . n 
A 1 34 GLU 34 87  87  GLU GLU A . n 
A 1 35 LYS 35 88  88  LYS LYS A . n 
A 1 36 GLY 36 89  89  GLY GLY A . n 
A 1 37 VAL 37 90  90  VAL VAL A . n 
A 1 38 ASP 38 91  91  ASP ASP A . n 
A 1 39 HIS 39 92  92  HIS HIS A . n 
A 1 40 LEU 40 93  93  LEU LEU A . n 
A 1 41 THR 41 94  94  THR THR A . n 
A 1 42 ASN 42 95  95  ASN ASN A . n 
A 1 43 ALA 43 96  96  ALA ALA A . n 
A 1 44 ILE 44 97  97  ILE ILE A . n 
A 1 45 ALA 45 98  98  ALA ALA A . n 
A 1 46 VAL 46 99  99  VAL VAL A . n 
A 1 47 CYS 47 100 100 CYS CYS A . n 
A 1 48 GLY 48 101 101 GLY GLY A . n 
A 1 49 GLN 49 102 102 GLN GLN A . n 
A 1 50 PRO 50 103 103 PRO PRO A . n 
A 1 51 GLN 51 104 104 GLN GLN A . n 
A 1 52 GLN 52 105 105 GLN GLN A . n 
A 1 53 LEU 53 106 106 LEU LEU A . n 
A 1 54 LEU 54 107 107 LEU LEU A . n 
A 1 55 GLN 55 108 108 GLN GLN A . n 
A 1 56 VAL 56 109 109 VAL VAL A . n 
A 1 57 LEU 57 110 110 LEU LEU A . n 
A 1 58 GLN 58 111 111 GLN GLN A . n 
A 1 59 GLN 59 112 112 GLN GLN A . n 
A 1 60 THR 60 113 113 THR THR A . n 
A 1 61 LEU 61 114 114 LEU LEU A . n 
A 1 62 PRO 62 115 115 PRO PRO A . n 
A 1 63 PRO 63 116 116 PRO PRO A . n 
A 1 64 PRO 64 117 117 PRO PRO A . n 
A 1 65 VAL 65 118 118 VAL VAL A . n 
A 1 66 PHE 66 119 119 PHE PHE A . n 
A 1 67 GLN 67 120 120 GLN GLN A . n 
A 1 68 MET 68 121 121 MET MET A . n 
A 1 69 LEU 69 122 122 LEU LEU A . n 
A 1 70 LEU 70 123 123 LEU LEU A . n 
A 1 71 THR 71 124 124 THR THR A . n 
A 1 72 LYS 72 125 125 LYS LYS A . n 
A 1 73 LEU 73 126 126 LEU LEU A . n 
B 2 1  GLY 1  12  12  GLY GLY B . n 
B 2 2  DCY 2  13  13  DCY DCY B . n 
B 2 3  ARG 3  14  14  ARG ARG B . n 
B 2 4  LEU 4  15  15  LEU LEU B . n 
B 2 5  CYS 5  16  16  CYS CYS B . n 
B 2 6  ARG 6  17  17  ARG ARG B . n 
B 2 7  LEU 7  18  18  LEU LEU B . n 
B 2 8  LEU 8  19  19  LEU LEU B . n 
B 2 9  SER 9  20  20  SER SER B . n 
B 2 10 TYR 10 21  21  TYR TYR B . n 
B 2 11 ALA 11 22  22  ALA ALA B . n 
C 1 1  GLY 1  54  54  GLY GLY C . n 
C 1 2  PRO 2  55  55  PRO PRO C . n 
C 1 3  LEU 3  56  56  LEU LEU C . n 
C 1 4  GLY 4  57  57  GLY GLY C . n 
C 1 5  SER 5  58  58  SER SER C . n 
C 1 6  ASP 6  59  59  ASP ASP C . n 
C 1 7  LEU 7  60  60  LEU LEU C . n 
C 1 8  LYS 8  61  61  LYS LYS C . n 
C 1 9  ASP 9  62  62  ASP ASP C . n 
C 1 10 ALA 10 63  63  ALA ALA C . n 
C 1 11 GLU 11 64  64  GLU GLU C . n 
C 1 12 ALA 12 65  65  ALA ALA C . n 
C 1 13 VAL 13 66  66  VAL VAL C . n 
C 1 14 GLN 14 67  67  GLN GLN C . n 
C 1 15 LYS 15 68  68  LYS LYS C . n 
C 1 16 PHE 16 69  69  PHE PHE C . n 
C 1 17 PHE 17 70  70  PHE PHE C . n 
C 1 18 LEU 18 71  71  LEU LEU C . n 
C 1 19 GLU 19 72  72  GLU GLU C . n 
C 1 20 GLU 20 73  73  GLU GLU C . n 
C 1 21 ILE 21 74  74  ILE ILE C . n 
C 1 22 GLN 22 75  75  GLN GLN C . n 
C 1 23 LEU 23 76  76  LEU LEU C . n 
C 1 24 GLY 24 77  77  GLY GLY C . n 
C 1 25 GLU 25 78  78  GLU GLU C . n 
C 1 26 GLU 26 79  79  GLU GLU C . n 
C 1 27 LEU 27 80  80  LEU LEU C . n 
C 1 28 LEU 28 81  81  LEU LEU C . n 
C 1 29 ALA 29 82  82  ALA ALA C . n 
C 1 30 GLN 30 83  83  GLN GLN C . n 
C 1 31 GLY 31 84  84  GLY GLY C . n 
C 1 32 ASP 32 85  85  ASP ASP C . n 
C 1 33 TYR 33 86  86  TYR TYR C . n 
C 1 34 GLU 34 87  87  GLU GLU C . n 
C 1 35 LYS 35 88  88  LYS LYS C . n 
C 1 36 GLY 36 89  89  GLY GLY C . n 
C 1 37 VAL 37 90  90  VAL VAL C . n 
C 1 38 ASP 38 91  91  ASP ASP C . n 
C 1 39 HIS 39 92  92  HIS HIS C . n 
C 1 40 LEU 40 93  93  LEU LEU C . n 
C 1 41 THR 41 94  94  THR THR C . n 
C 1 42 ASN 42 95  95  ASN ASN C . n 
C 1 43 ALA 43 96  96  ALA ALA C . n 
C 1 44 ILE 44 97  97  ILE ILE C . n 
C 1 45 ALA 45 98  98  ALA ALA C . n 
C 1 46 VAL 46 99  99  VAL VAL C . n 
C 1 47 CYS 47 100 100 CYS CYS C . n 
C 1 48 GLY 48 101 101 GLY GLY C . n 
C 1 49 GLN 49 102 102 GLN GLN C . n 
C 1 50 PRO 50 103 103 PRO PRO C . n 
C 1 51 GLN 51 104 104 GLN GLN C . n 
C 1 52 GLN 52 105 105 GLN GLN C . n 
C 1 53 LEU 53 106 106 LEU LEU C . n 
C 1 54 LEU 54 107 107 LEU LEU C . n 
C 1 55 GLN 55 108 108 GLN GLN C . n 
C 1 56 VAL 56 109 109 VAL VAL C . n 
C 1 57 LEU 57 110 110 LEU LEU C . n 
C 1 58 GLN 58 111 111 GLN GLN C . n 
C 1 59 GLN 59 112 112 GLN GLN C . n 
C 1 60 THR 60 113 113 THR THR C . n 
C 1 61 LEU 61 114 114 LEU LEU C . n 
C 1 62 PRO 62 115 115 PRO PRO C . n 
C 1 63 PRO 63 116 116 PRO PRO C . n 
C 1 64 PRO 64 117 117 PRO PRO C . n 
C 1 65 VAL 65 118 118 VAL VAL C . n 
C 1 66 PHE 66 119 119 PHE PHE C . n 
C 1 67 GLN 67 120 120 GLN GLN C . n 
C 1 68 MET 68 121 121 MET MET C . n 
C 1 69 LEU 69 122 122 LEU LEU C . n 
C 1 70 LEU 70 123 123 LEU LEU C . n 
C 1 71 THR 71 124 124 THR THR C . n 
C 1 72 LYS 72 125 125 LYS LYS C . n 
C 1 73 LEU 73 126 ?   ?   ?   C . n 
D 2 1  GLY 1  12  12  GLY GLY D . n 
D 2 2  DCY 2  13  13  DCY DCY D . n 
D 2 3  ARG 3  14  14  ARG ARG D . n 
D 2 4  LEU 4  15  15  LEU LEU D . n 
D 2 5  CYS 5  16  16  CYS CYS D . n 
D 2 6  ARG 6  17  17  ARG ARG D . n 
D 2 7  LEU 7  18  18  LEU LEU D . n 
D 2 8  LEU 8  19  19  LEU LEU D . n 
D 2 9  SER 9  20  20  SER SER D . n 
D 2 10 TYR 10 21  21  TYR TYR D . n 
D 2 11 ALA 11 22  22  ALA ALA D . n 
# 
loop_
_pdbx_nonpoly_scheme.asym_id 
_pdbx_nonpoly_scheme.entity_id 
_pdbx_nonpoly_scheme.mon_id 
_pdbx_nonpoly_scheme.ndb_seq_num 
_pdbx_nonpoly_scheme.pdb_seq_num 
_pdbx_nonpoly_scheme.auth_seq_num 
_pdbx_nonpoly_scheme.pdb_mon_id 
_pdbx_nonpoly_scheme.auth_mon_id 
_pdbx_nonpoly_scheme.pdb_strand_id 
_pdbx_nonpoly_scheme.pdb_ins_code 
E 3 PO4 1  1   1  PO4 PO4 A . 
F 4 HOH 1  2   2  HOH HOH A . 
F 4 HOH 2  4   4  HOH HOH A . 
F 4 HOH 3  5   5  HOH HOH A . 
F 4 HOH 4  6   6  HOH HOH A . 
F 4 HOH 5  8   8  HOH HOH A . 
F 4 HOH 6  9   9  HOH HOH A . 
F 4 HOH 7  11  11 HOH HOH A . 
F 4 HOH 8  12  12 HOH HOH A . 
F 4 HOH 9  17  17 HOH HOH A . 
F 4 HOH 10 18  18 HOH HOH A . 
F 4 HOH 11 19  19 HOH HOH A . 
F 4 HOH 12 21  21 HOH HOH A . 
F 4 HOH 13 22  22 HOH HOH A . 
F 4 HOH 14 23  23 HOH HOH A . 
F 4 HOH 15 127 1  HOH HOH A . 
G 4 HOH 1  3   3  HOH HOH C . 
G 4 HOH 2  7   7  HOH HOH C . 
G 4 HOH 3  10  10 HOH HOH C . 
G 4 HOH 4  13  13 HOH HOH C . 
G 4 HOH 5  14  14 HOH HOH C . 
G 4 HOH 6  15  15 HOH HOH C . 
G 4 HOH 7  16  16 HOH HOH C . 
G 4 HOH 8  20  20 HOH HOH C . 
# 
loop_
_software.name 
_software.classification 
_software.version 
_software.citation_id 
_software.pdbx_ordinal 
PHASER   phasing          MR       ? 1 
REFMAC   refinement       5.5.0109 ? 2 
HKL-2000 'data reduction' .        ? 3 
HKL-2000 'data scaling'   .        ? 4 
# 
_cell.entry_id           3AX5 
_cell.length_a           41.745 
_cell.length_b           77.401 
_cell.length_c           116.226 
_cell.angle_alpha        90.00 
_cell.angle_beta         90.00 
_cell.angle_gamma        90.00 
_cell.Z_PDB              16 
_cell.pdbx_unique_axis   ? 
_cell.length_a_esd       ? 
_cell.length_b_esd       ? 
_cell.length_c_esd       ? 
_cell.angle_alpha_esd    ? 
_cell.angle_beta_esd     ? 
_cell.angle_gamma_esd    ? 
# 
_symmetry.entry_id                         3AX5 
_symmetry.space_group_name_H-M             'I 2 2 2' 
_symmetry.pdbx_full_space_group_name_H-M   ? 
_symmetry.cell_setting                     ? 
_symmetry.Int_Tables_number                23 
_symmetry.space_group_name_Hall            ? 
# 
_exptl.entry_id          3AX5 
_exptl.method            'X-RAY DIFFRACTION' 
_exptl.crystals_number   1 
# 
_exptl_crystal.id                    1 
_exptl_crystal.density_meas          ? 
_exptl_crystal.density_Matthews      2.53 
_exptl_crystal.density_percent_sol   51.37 
_exptl_crystal.description           ? 
_exptl_crystal.F_000                 ? 
_exptl_crystal.preparation           ? 
# 
_exptl_crystal_grow.crystal_id      1 
_exptl_crystal_grow.method          'VAPOR DIFFUSION, HANGING DROP' 
_exptl_crystal_grow.temp            293 
_exptl_crystal_grow.temp_details    ? 
_exptl_crystal_grow.pH              7.0 
_exptl_crystal_grow.pdbx_details    
'0.1M HEPES-NaOH pH7.0, 10% isopropanol, 20% PEG 4000, VAPOR DIFFUSION, HANGING DROP, temperature 293K' 
_exptl_crystal_grow.pdbx_pH_range   . 
# 
loop_
_diffrn.id 
_diffrn.ambient_temp 
_diffrn.ambient_temp_details 
_diffrn.crystal_id 
1  95 ? 1 
2  ?  ? 1 
3  ?  ? 1 
4  ?  ? 1 
5  ?  ? 1 
6  ?  ? 1 
7  ?  ? 1 
8  ?  ? 1 
9  ?  ? 1 
10 ?  ? 1 
11 ?  ? 1 
12 ?  ? 1 
13 ?  ? 1 
14 ?  ? 1 
15 ?  ? 1 
16 ?  ? 1 
17 ?  ? 1 
18 ?  ? 1 
19 ?  ? 1 
20 ?  ? 1 
# 
_diffrn_detector.diffrn_id              1 
_diffrn_detector.detector               CCD 
_diffrn_detector.type                   'ADSC QUANTUM 315r' 
_diffrn_detector.pdbx_collection_date   2010-10-29 
_diffrn_detector.details                ? 
# 
_diffrn_radiation.diffrn_id                        1 
_diffrn_radiation.wavelength_id                    1 
_diffrn_radiation.pdbx_monochromatic_or_laue_m_l   M 
_diffrn_radiation.monochromator                    
'Numerical link type Si(111) double crystal monochromator, liquid nitrogen cooling' 
_diffrn_radiation.pdbx_diffrn_protocol             'SINGLE WAVELENGTH' 
_diffrn_radiation.pdbx_scattering_type             x-ray 
# 
_diffrn_radiation_wavelength.id           1 
_diffrn_radiation_wavelength.wavelength   0.98 
_diffrn_radiation_wavelength.wt           1.0 
# 
_diffrn_source.diffrn_id                   1 
_diffrn_source.source                      SYNCHROTRON 
_diffrn_source.type                        'PHOTON FACTORY BEAMLINE BL-17A' 
_diffrn_source.pdbx_synchrotron_site       'Photon Factory' 
_diffrn_source.pdbx_synchrotron_beamline   BL-17A 
_diffrn_source.pdbx_wavelength             ? 
_diffrn_source.pdbx_wavelength_list        0.98 
# 
_reflns.entry_id                     3AX5 
_reflns.observed_criterion_sigma_I   ? 
_reflns.observed_criterion_sigma_F   ? 
_reflns.d_resolution_low             30.000 
_reflns.d_resolution_high            2.200 
_reflns.number_obs                   9917 
_reflns.number_all                   ? 
_reflns.percent_possible_obs         99.900 
_reflns.pdbx_Rmerge_I_obs            0.101 
_reflns.pdbx_Rsym_value              ? 
_reflns.pdbx_netI_over_sigmaI        15.924 
_reflns.B_iso_Wilson_estimate        ? 
_reflns.pdbx_redundancy              7.1 
_reflns.R_free_details               ? 
_reflns.limit_h_max                  ? 
_reflns.limit_h_min                  ? 
_reflns.limit_k_max                  ? 
_reflns.limit_k_min                  ? 
_reflns.limit_l_max                  ? 
_reflns.limit_l_min                  ? 
_reflns.observed_criterion_F_max     ? 
_reflns.observed_criterion_F_min     ? 
_reflns.pdbx_chi_squared             ? 
_reflns.pdbx_scaling_rejects         ? 
_reflns.pdbx_ordinal                 1 
_reflns.pdbx_diffrn_id               1 
# 
loop_
_reflns_shell.d_res_high 
_reflns_shell.d_res_low 
_reflns_shell.percent_possible_all 
_reflns_shell.Rmerge_I_obs 
_reflns_shell.pdbx_Rsym_value 
_reflns_shell.meanI_over_sigI_obs 
_reflns_shell.pdbx_redundancy 
_reflns_shell.percent_possible_obs 
_reflns_shell.number_unique_all 
_reflns_shell.number_measured_all 
_reflns_shell.number_measured_obs 
_reflns_shell.number_unique_obs 
_reflns_shell.pdbx_chi_squared 
_reflns_shell.pdbx_rejects 
_reflns_shell.pdbx_netI_over_sigmaI_obs 
_reflns_shell.number_possible 
_reflns_shell.Rmerge_F_all 
_reflns_shell.Rmerge_F_obs 
_reflns_shell.Rmerge_I_all 
_reflns_shell.meanI_over_sigI_all 
_reflns_shell.pdbx_Rrim_I_all 
_reflns_shell.pdbx_Rpim_I_all 
_reflns_shell.pdbx_ordinal 
_reflns_shell.pdbx_diffrn_id 
2.20  2.240  100.00 0.561 ? ? 7.200 ? 476 ? ? ? ? ? ? ? ? ? ? ? ? ? 1  1  
2.240 2.280  100.00 0.565 ? ? 7.200 ? 495 ? ? ? ? ? ? ? ? ? ? ? ? ? 2  2  
2.280 2.320  100.00 0.416 ? ? 7.200 ? 475 ? ? ? ? ? ? ? ? ? ? ? ? ? 3  3  
2.320 2.370  100.00 0.431 ? ? 7.300 ? 488 ? ? ? ? ? ? ? ? ? ? ? ? ? 4  4  
2.370 2.420  100.00 0.386 ? ? 7.200 ? 493 ? ? ? ? ? ? ? ? ? ? ? ? ? 5  5  
2.420 2.480  100.00 0.359 ? ? 7.200 ? 472 ? ? ? ? ? ? ? ? ? ? ? ? ? 6  6  
2.480 2.540  100.00 0.277 ? ? 7.300 ? 495 ? ? ? ? ? ? ? ? ? ? ? ? ? 7  7  
2.540 2.610  100.00 0.233 ? ? 7.100 ? 503 ? ? ? ? ? ? ? ? ? ? ? ? ? 8  8  
2.610 2.680  100.00 0.202 ? ? 7.300 ? 480 ? ? ? ? ? ? ? ? ? ? ? ? ? 9  9  
2.680 2.770  100.00 0.205 ? ? 7.200 ? 491 ? ? ? ? ? ? ? ? ? ? ? ? ? 10 10 
2.770 2.870  100.00 0.182 ? ? 7.200 ? 483 ? ? ? ? ? ? ? ? ? ? ? ? ? 11 11 
2.870 2.990  100.00 0.152 ? ? 7.100 ? 503 ? ? ? ? ? ? ? ? ? ? ? ? ? 12 12 
2.990 3.120  100.00 0.128 ? ? 7.200 ? 483 ? ? ? ? ? ? ? ? ? ? ? ? ? 13 13 
3.120 3.290  100.00 0.119 ? ? 7.100 ? 501 ? ? ? ? ? ? ? ? ? ? ? ? ? 14 14 
3.290 3.490  100.00 0.099 ? ? 7.100 ? 505 ? ? ? ? ? ? ? ? ? ? ? ? ? 15 15 
3.490 3.760  100.00 0.810 ? ? 7.100 ? 499 ? ? ? ? ? ? ? ? ? ? ? ? ? 16 16 
3.760 4.140  100.00 0.068 ? ? 6.900 ? 496 ? ? ? ? ? ? ? ? ? ? ? ? ? 17 17 
4.140 4.730  99.6   0.053 ? ? 6.700 ? 510 ? ? ? ? ? ? ? ? ? ? ? ? ? 18 18 
4.730 5.960  100.00 0.052 ? ? 6.900 ? 521 ? ? ? ? ? ? ? ? ? ? ? ? ? 19 19 
5.960 30.000 99.3   0.037 ? ? 6.500 ? 548 ? ? ? ? ? ? ? ? ? ? ? ? ? 20 20 
# 
_refine.entry_id                                 3AX5 
_refine.ls_number_reflns_obs                     9438 
_refine.ls_number_reflns_all                     ? 
_refine.pdbx_ls_sigma_I                          ? 
_refine.pdbx_ls_sigma_F                          ? 
_refine.pdbx_data_cutoff_high_absF               ? 
_refine.pdbx_data_cutoff_low_absF                ? 
_refine.pdbx_data_cutoff_high_rms_absF           ? 
_refine.ls_d_res_low                             28.40 
_refine.ls_d_res_high                            2.20 
_refine.ls_percent_reflns_obs                    99.74 
_refine.ls_R_factor_obs                          0.22473 
_refine.ls_R_factor_all                          ? 
_refine.ls_R_factor_R_work                       0.22209 
_refine.ls_R_factor_R_free                       0.27554 
_refine.ls_R_factor_R_free_error                 ? 
_refine.ls_R_factor_R_free_error_details         ? 
_refine.ls_percent_reflns_R_free                 4.8 
_refine.ls_number_reflns_R_free                  477 
_refine.ls_number_parameters                     ? 
_refine.ls_number_restraints                     ? 
_refine.occupancy_min                            ? 
_refine.occupancy_max                            ? 
_refine.correlation_coeff_Fo_to_Fc               0.935 
_refine.correlation_coeff_Fo_to_Fc_free          0.926 
_refine.B_iso_mean                               38.740 
_refine.aniso_B[1][1]                            0.19 
_refine.aniso_B[2][2]                            -0.11 
_refine.aniso_B[3][3]                            -0.08 
_refine.aniso_B[1][2]                            0.00 
_refine.aniso_B[1][3]                            0.00 
_refine.aniso_B[2][3]                            0.00 
_refine.solvent_model_details                    MASK 
_refine.solvent_model_param_ksol                 ? 
_refine.solvent_model_param_bsol                 ? 
_refine.pdbx_solvent_vdw_probe_radii             1.40 
_refine.pdbx_solvent_ion_probe_radii             0.80 
_refine.pdbx_solvent_shrinkage_radii             0.80 
_refine.pdbx_ls_cross_valid_method               THROUGHOUT 
_refine.details                                  'HYDROGENS HAVE BEEN ADDED IN THE RIDING POSITIONS' 
_refine.pdbx_starting_model                      1WT4 
_refine.pdbx_method_to_determine_struct          'MOLECULAR REPLACEMENT' 
_refine.pdbx_isotropic_thermal_model             ? 
_refine.pdbx_stereochemistry_target_values       'MAXIMUM LIKELIHOOD' 
_refine.pdbx_stereochem_target_val_spec_case     ? 
_refine.pdbx_R_Free_selection_details            RANDOM 
_refine.pdbx_overall_ESU_R_Free                  0.229 
_refine.overall_SU_ML                            0.178 
_refine.overall_SU_B                             6.943 
_refine.overall_SU_R_Cruickshank_DPI             ? 
_refine.ls_redundancy_reflns_obs                 ? 
_refine.B_iso_min                                ? 
_refine.B_iso_max                                ? 
_refine.overall_SU_R_free                        ? 
_refine.ls_wR_factor_R_free                      ? 
_refine.ls_wR_factor_R_work                      ? 
_refine.overall_FOM_free_R_set                   ? 
_refine.overall_FOM_work_R_set                   ? 
_refine.pdbx_diffrn_id                           1 
_refine.pdbx_refine_id                           'X-RAY DIFFRACTION' 
_refine.pdbx_overall_ESU_R                       ? 
_refine.pdbx_overall_phase_error                 ? 
_refine.pdbx_TLS_residual_ADP_flag               ? 
_refine.pdbx_overall_SU_R_free_Cruickshank_DPI   ? 
_refine.pdbx_overall_SU_R_Blow_DPI               ? 
_refine.pdbx_overall_SU_R_free_Blow_DPI          ? 
# 
_refine_hist.pdbx_refine_id                   'X-RAY DIFFRACTION' 
_refine_hist.cycle_id                         LAST 
_refine_hist.pdbx_number_atoms_protein        1266 
_refine_hist.pdbx_number_atoms_nucleic_acid   0 
_refine_hist.pdbx_number_atoms_ligand         5 
_refine_hist.number_atoms_solvent             23 
_refine_hist.number_atoms_total               1294 
_refine_hist.d_res_high                       2.20 
_refine_hist.d_res_low                        28.40 
# 
loop_
_refine_ls_restr.type 
_refine_ls_restr.dev_ideal 
_refine_ls_restr.dev_ideal_target 
_refine_ls_restr.weight 
_refine_ls_restr.number 
_refine_ls_restr.pdbx_refine_id 
_refine_ls_restr.pdbx_restraint_function 
r_bond_refined_d             0.022  0.022  ? 1303 'X-RAY DIFFRACTION' ? 
r_bond_other_d               ?      ?      ? ?    'X-RAY DIFFRACTION' ? 
r_angle_refined_deg          1.902  2.021  ? 1762 'X-RAY DIFFRACTION' ? 
r_angle_other_deg            ?      ?      ? ?    'X-RAY DIFFRACTION' ? 
r_dihedral_angle_1_deg       5.700  5.000  ? 163  'X-RAY DIFFRACTION' ? 
r_dihedral_angle_2_deg       37.987 26.667 ? 60   'X-RAY DIFFRACTION' ? 
r_dihedral_angle_3_deg       19.706 15.000 ? 236  'X-RAY DIFFRACTION' ? 
r_dihedral_angle_4_deg       25.402 15.000 ? 4    'X-RAY DIFFRACTION' ? 
r_chiral_restr               0.131  0.200  ? 205  'X-RAY DIFFRACTION' ? 
r_gen_planes_refined         0.009  0.021  ? 966  'X-RAY DIFFRACTION' ? 
r_gen_planes_other           ?      ?      ? ?    'X-RAY DIFFRACTION' ? 
r_nbd_refined                ?      ?      ? ?    'X-RAY DIFFRACTION' ? 
r_nbd_other                  ?      ?      ? ?    'X-RAY DIFFRACTION' ? 
r_nbtor_refined              ?      ?      ? ?    'X-RAY DIFFRACTION' ? 
r_nbtor_other                ?      ?      ? ?    'X-RAY DIFFRACTION' ? 
r_xyhbond_nbd_refined        ?      ?      ? ?    'X-RAY DIFFRACTION' ? 
r_xyhbond_nbd_other          ?      ?      ? ?    'X-RAY DIFFRACTION' ? 
r_metal_ion_refined          ?      ?      ? ?    'X-RAY DIFFRACTION' ? 
r_metal_ion_other            ?      ?      ? ?    'X-RAY DIFFRACTION' ? 
r_symmetry_vdw_refined       ?      ?      ? ?    'X-RAY DIFFRACTION' ? 
r_symmetry_vdw_other         ?      ?      ? ?    'X-RAY DIFFRACTION' ? 
r_symmetry_hbond_refined     ?      ?      ? ?    'X-RAY DIFFRACTION' ? 
r_symmetry_hbond_other       ?      ?      ? ?    'X-RAY DIFFRACTION' ? 
r_symmetry_metal_ion_refined ?      ?      ? ?    'X-RAY DIFFRACTION' ? 
r_symmetry_metal_ion_other   ?      ?      ? ?    'X-RAY DIFFRACTION' ? 
r_mcbond_it                  1.140  1.500  ? 815  'X-RAY DIFFRACTION' ? 
r_mcbond_other               ?      ?      ? ?    'X-RAY DIFFRACTION' ? 
r_mcangle_it                 2.223  2.000  ? 1305 'X-RAY DIFFRACTION' ? 
r_scbond_it                  3.536  3.000  ? 488  'X-RAY DIFFRACTION' ? 
r_scangle_it                 5.974  4.500  ? 455  'X-RAY DIFFRACTION' ? 
r_rigid_bond_restr           ?      ?      ? ?    'X-RAY DIFFRACTION' ? 
r_sphericity_free            ?      ?      ? ?    'X-RAY DIFFRACTION' ? 
r_sphericity_bonded          ?      ?      ? ?    'X-RAY DIFFRACTION' ? 
# 
_refine_ls_shell.pdbx_refine_id                   'X-RAY DIFFRACTION' 
_refine_ls_shell.pdbx_total_number_of_bins_used   20 
_refine_ls_shell.d_res_high                       2.198 
_refine_ls_shell.d_res_low                        2.255 
_refine_ls_shell.number_reflns_R_work             639 
_refine_ls_shell.R_factor_R_work                  0.235 
_refine_ls_shell.percent_reflns_obs               96.99 
_refine_ls_shell.R_factor_R_free                  0.259 
_refine_ls_shell.R_factor_R_free_error            ? 
_refine_ls_shell.percent_reflns_R_free            ? 
_refine_ls_shell.number_reflns_R_free             37 
_refine_ls_shell.number_reflns_all                ? 
_refine_ls_shell.R_factor_all                     ? 
_refine_ls_shell.number_reflns_obs                ? 
_refine_ls_shell.redundancy_reflns_obs            ? 
# 
_struct.entry_id                  3AX5 
_struct.title                     
;Crystal structure of rat TOM20-ALDH presequence complex: A complex (form1) between Tom20 and a disulfide-bridged presequence peptide containing D-Cys and L-Cys at the i and i+3 positions.
;
_struct.pdbx_model_details        ? 
_struct.pdbx_CASP_flag            ? 
_struct.pdbx_model_type_details   ? 
# 
_struct_keywords.entry_id        3AX5 
_struct_keywords.pdbx_keywords   'MEMBRANE PROTEIN/TRANSPORT PROTEIN' 
_struct_keywords.text            'PROTEIN-PROTEIN COMPLEX, MEMBRANE PROTEIN-TRANSPORT PROTEIN complex' 
# 
loop_
_struct_asym.id 
_struct_asym.pdbx_blank_PDB_chainid_flag 
_struct_asym.pdbx_modified 
_struct_asym.entity_id 
_struct_asym.details 
A N N 1 ? 
B N N 2 ? 
C N N 1 ? 
D N N 2 ? 
E N N 3 ? 
F N N 4 ? 
G N N 4 ? 
# 
loop_
_struct_ref.id 
_struct_ref.db_name 
_struct_ref.db_code 
_struct_ref.pdbx_db_accession 
_struct_ref.entity_id 
_struct_ref.pdbx_seq_one_letter_code 
_struct_ref.pdbx_align_begin 
_struct_ref.pdbx_db_isoform 
1 UNP TOM20_RAT Q62760 1 DLKDAEAVQKFFLEEIQLGEELLAQGDYEKGVDHLTNAIAVCGQPQQLLQVLQQTLPPPVFQMLLTKL 59 ? 
2 UNP ALDH2_RAT P11884 2 GPRLSRLLS                                                            12 ? 
# 
loop_
_struct_ref_seq.align_id 
_struct_ref_seq.ref_id 
_struct_ref_seq.pdbx_PDB_id_code 
_struct_ref_seq.pdbx_strand_id 
_struct_ref_seq.seq_align_beg 
_struct_ref_seq.pdbx_seq_align_beg_ins_code 
_struct_ref_seq.seq_align_end 
_struct_ref_seq.pdbx_seq_align_end_ins_code 
_struct_ref_seq.pdbx_db_accession 
_struct_ref_seq.db_align_beg 
_struct_ref_seq.pdbx_db_align_beg_ins_code 
_struct_ref_seq.db_align_end 
_struct_ref_seq.pdbx_db_align_end_ins_code 
_struct_ref_seq.pdbx_auth_seq_align_beg 
_struct_ref_seq.pdbx_auth_seq_align_end 
1 1 3AX5 A 6 ? 73 ? Q62760 59 ? 126 ? 59 126 
2 2 3AX5 B 1 ? 9  ? P11884 12 ? 20  ? 12 20  
3 1 3AX5 C 6 ? 73 ? Q62760 59 ? 126 ? 59 126 
4 2 3AX5 D 1 ? 9  ? P11884 12 ? 20  ? 12 20  
# 
loop_
_struct_ref_seq_dif.align_id 
_struct_ref_seq_dif.pdbx_pdb_id_code 
_struct_ref_seq_dif.mon_id 
_struct_ref_seq_dif.pdbx_pdb_strand_id 
_struct_ref_seq_dif.seq_num 
_struct_ref_seq_dif.pdbx_pdb_ins_code 
_struct_ref_seq_dif.pdbx_seq_db_name 
_struct_ref_seq_dif.pdbx_seq_db_accession_code 
_struct_ref_seq_dif.db_mon_id 
_struct_ref_seq_dif.pdbx_seq_db_seq_num 
_struct_ref_seq_dif.details 
_struct_ref_seq_dif.pdbx_auth_seq_num 
_struct_ref_seq_dif.pdbx_ordinal 
1 3AX5 GLY A 1  ? UNP Q62760 ?   ?  'expression tag'      54 1  
1 3AX5 PRO A 2  ? UNP Q62760 ?   ?  'expression tag'      55 2  
1 3AX5 LEU A 3  ? UNP Q62760 ?   ?  'expression tag'      56 3  
1 3AX5 GLY A 4  ? UNP Q62760 ?   ?  'expression tag'      57 4  
1 3AX5 SER A 5  ? UNP Q62760 ?   ?  'expression tag'      58 5  
2 3AX5 DCY B 2  ? UNP P11884 PRO 13 'engineered mutation' 13 6  
2 3AX5 CYS B 5  ? UNP P11884 SER 16 'engineered mutation' 16 7  
2 3AX5 TYR B 10 ? UNP P11884 ?   ?  'expression tag'      21 8  
2 3AX5 ALA B 11 ? UNP P11884 ?   ?  'expression tag'      22 9  
3 3AX5 GLY C 1  ? UNP Q62760 ?   ?  'expression tag'      54 10 
3 3AX5 PRO C 2  ? UNP Q62760 ?   ?  'expression tag'      55 11 
3 3AX5 LEU C 3  ? UNP Q62760 ?   ?  'expression tag'      56 12 
3 3AX5 GLY C 4  ? UNP Q62760 ?   ?  'expression tag'      57 13 
3 3AX5 SER C 5  ? UNP Q62760 ?   ?  'expression tag'      58 14 
4 3AX5 DCY D 2  ? UNP P11884 PRO 13 'engineered mutation' 13 15 
4 3AX5 CYS D 5  ? UNP P11884 SER 16 'engineered mutation' 16 16 
4 3AX5 TYR D 10 ? UNP P11884 ?   ?  'expression tag'      21 17 
4 3AX5 ALA D 11 ? UNP P11884 ?   ?  'expression tag'      22 18 
# 
loop_
_pdbx_struct_assembly.id 
_pdbx_struct_assembly.details 
_pdbx_struct_assembly.method_details 
_pdbx_struct_assembly.oligomeric_details 
_pdbx_struct_assembly.oligomeric_count 
1 author_and_software_defined_assembly PISA dimeric 2 
2 author_and_software_defined_assembly PISA dimeric 2 
# 
loop_
_pdbx_struct_assembly_prop.biol_id 
_pdbx_struct_assembly_prop.type 
_pdbx_struct_assembly_prop.value 
_pdbx_struct_assembly_prop.details 
1 'ABSA (A^2)' 780  ? 
1 MORE         -9   ? 
1 'SSA (A^2)'  5500 ? 
2 'ABSA (A^2)' 910  ? 
2 MORE         -11  ? 
2 'SSA (A^2)'  5580 ? 
# 
loop_
_pdbx_struct_assembly_gen.assembly_id 
_pdbx_struct_assembly_gen.oper_expression 
_pdbx_struct_assembly_gen.asym_id_list 
1 1 A,B,E,F 
2 1 C,D,G   
# 
_pdbx_struct_oper_list.id                   1 
_pdbx_struct_oper_list.type                 'identity operation' 
_pdbx_struct_oper_list.name                 1_555 
_pdbx_struct_oper_list.symmetry_operation   x,y,z 
_pdbx_struct_oper_list.matrix[1][1]         1.0000000000 
_pdbx_struct_oper_list.matrix[1][2]         0.0000000000 
_pdbx_struct_oper_list.matrix[1][3]         0.0000000000 
_pdbx_struct_oper_list.vector[1]            0.0000000000 
_pdbx_struct_oper_list.matrix[2][1]         0.0000000000 
_pdbx_struct_oper_list.matrix[2][2]         1.0000000000 
_pdbx_struct_oper_list.matrix[2][3]         0.0000000000 
_pdbx_struct_oper_list.vector[2]            0.0000000000 
_pdbx_struct_oper_list.matrix[3][1]         0.0000000000 
_pdbx_struct_oper_list.matrix[3][2]         0.0000000000 
_pdbx_struct_oper_list.matrix[3][3]         1.0000000000 
_pdbx_struct_oper_list.vector[3]            0.0000000000 
# 
_struct_biol.id        1 
_struct_biol.details   ? 
# 
loop_
_struct_conf.conf_type_id 
_struct_conf.id 
_struct_conf.pdbx_PDB_helix_id 
_struct_conf.beg_label_comp_id 
_struct_conf.beg_label_asym_id 
_struct_conf.beg_label_seq_id 
_struct_conf.pdbx_beg_PDB_ins_code 
_struct_conf.end_label_comp_id 
_struct_conf.end_label_asym_id 
_struct_conf.end_label_seq_id 
_struct_conf.pdbx_end_PDB_ins_code 
_struct_conf.beg_auth_comp_id 
_struct_conf.beg_auth_asym_id 
_struct_conf.beg_auth_seq_id 
_struct_conf.end_auth_comp_id 
_struct_conf.end_auth_asym_id 
_struct_conf.end_auth_seq_id 
_struct_conf.pdbx_PDB_helix_class 
_struct_conf.details 
_struct_conf.pdbx_PDB_helix_length 
HELX_P HELX_P1  1  ASP A 6  ? GLN A 30 ? ASP A 59  GLN A 83  1 ? 25 
HELX_P HELX_P2  2  ASP A 32 ? VAL A 46 ? ASP A 85  VAL A 99  1 ? 15 
HELX_P HELX_P3  3  PRO A 50 ? LEU A 61 ? PRO A 103 LEU A 114 1 ? 12 
HELX_P HELX_P4  4  PRO A 62 ? LYS A 72 ? PRO A 115 LYS A 125 1 ? 11 
HELX_P HELX_P5  5  DCY B 2  ? TYR B 10 ? DCY B 13  TYR B 21  1 ? 9  
HELX_P HELX_P6  6  GLY C 1  ? ALA C 29 ? GLY C 54  ALA C 82  1 ? 29 
HELX_P HELX_P7  7  ASP C 32 ? VAL C 46 ? ASP C 85  VAL C 99  1 ? 15 
HELX_P HELX_P8  8  GLN C 49 ? GLN C 59 ? GLN C 102 GLN C 112 1 ? 11 
HELX_P HELX_P9  9  PRO C 62 ? THR C 71 ? PRO C 115 THR C 124 1 ? 10 
HELX_P HELX_P10 10 DCY D 2  ? ALA D 11 ? DCY D 13  ALA D 22  1 ? 10 
# 
_struct_conf_type.id          HELX_P 
_struct_conf_type.criteria    ? 
_struct_conf_type.reference   ? 
# 
loop_
_struct_conn.id 
_struct_conn.conn_type_id 
_struct_conn.pdbx_leaving_atom_flag 
_struct_conn.pdbx_PDB_id 
_struct_conn.ptnr1_label_asym_id 
_struct_conn.ptnr1_label_comp_id 
_struct_conn.ptnr1_label_seq_id 
_struct_conn.ptnr1_label_atom_id 
_struct_conn.pdbx_ptnr1_label_alt_id 
_struct_conn.pdbx_ptnr1_PDB_ins_code 
_struct_conn.pdbx_ptnr1_standard_comp_id 
_struct_conn.ptnr1_symmetry 
_struct_conn.ptnr2_label_asym_id 
_struct_conn.ptnr2_label_comp_id 
_struct_conn.ptnr2_label_seq_id 
_struct_conn.ptnr2_label_atom_id 
_struct_conn.pdbx_ptnr2_label_alt_id 
_struct_conn.pdbx_ptnr2_PDB_ins_code 
_struct_conn.ptnr1_auth_asym_id 
_struct_conn.ptnr1_auth_comp_id 
_struct_conn.ptnr1_auth_seq_id 
_struct_conn.ptnr2_auth_asym_id 
_struct_conn.ptnr2_auth_comp_id 
_struct_conn.ptnr2_auth_seq_id 
_struct_conn.ptnr2_symmetry 
_struct_conn.pdbx_ptnr3_label_atom_id 
_struct_conn.pdbx_ptnr3_label_seq_id 
_struct_conn.pdbx_ptnr3_label_comp_id 
_struct_conn.pdbx_ptnr3_label_asym_id 
_struct_conn.pdbx_ptnr3_label_alt_id 
_struct_conn.pdbx_ptnr3_PDB_ins_code 
_struct_conn.details 
_struct_conn.pdbx_dist_value 
_struct_conn.pdbx_value_order 
_struct_conn.pdbx_role 
disulf1 disulf ?    ? B DCY 2 SG ? ? ? 1_555 B CYS 5 SG ? ? B DCY 13 B CYS 16 1_555 ? ? ? ? ? ? ? 2.071 ? ? 
disulf2 disulf ?    ? D DCY 2 SG ? ? ? 1_555 D CYS 5 SG ? ? D DCY 13 D CYS 16 1_555 ? ? ? ? ? ? ? 1.999 ? ? 
covale1 covale both ? B GLY 1 C  ? ? ? 1_555 B DCY 2 N  ? ? B GLY 12 B DCY 13 1_555 ? ? ? ? ? ? ? 1.338 ? ? 
covale2 covale both ? B DCY 2 C  ? ? ? 1_555 B ARG 3 N  ? ? B DCY 13 B ARG 14 1_555 ? ? ? ? ? ? ? 1.329 ? ? 
covale3 covale both ? D GLY 1 C  ? ? ? 1_555 D DCY 2 N  ? ? D GLY 12 D DCY 13 1_555 ? ? ? ? ? ? ? 1.340 ? ? 
covale4 covale both ? D DCY 2 C  ? ? ? 1_555 D ARG 3 N  ? ? D DCY 13 D ARG 14 1_555 ? ? ? ? ? ? ? 1.342 ? ? 
# 
loop_
_struct_conn_type.id 
_struct_conn_type.criteria 
_struct_conn_type.reference 
disulf ? ? 
covale ? ? 
# 
loop_
_pdbx_modification_feature.ordinal 
_pdbx_modification_feature.label_comp_id 
_pdbx_modification_feature.label_asym_id 
_pdbx_modification_feature.label_seq_id 
_pdbx_modification_feature.label_alt_id 
_pdbx_modification_feature.modified_residue_label_comp_id 
_pdbx_modification_feature.modified_residue_label_asym_id 
_pdbx_modification_feature.modified_residue_label_seq_id 
_pdbx_modification_feature.modified_residue_label_alt_id 
_pdbx_modification_feature.auth_comp_id 
_pdbx_modification_feature.auth_asym_id 
_pdbx_modification_feature.auth_seq_id 
_pdbx_modification_feature.PDB_ins_code 
_pdbx_modification_feature.symmetry 
_pdbx_modification_feature.modified_residue_auth_comp_id 
_pdbx_modification_feature.modified_residue_auth_asym_id 
_pdbx_modification_feature.modified_residue_auth_seq_id 
_pdbx_modification_feature.modified_residue_PDB_ins_code 
_pdbx_modification_feature.modified_residue_symmetry 
_pdbx_modification_feature.comp_id_linking_atom 
_pdbx_modification_feature.modified_residue_id_linking_atom 
_pdbx_modification_feature.modified_residue_id 
_pdbx_modification_feature.ref_pcm_id 
_pdbx_modification_feature.ref_comp_id 
_pdbx_modification_feature.type 
_pdbx_modification_feature.category 
1 DCY B 2 ? CYS B 5 ? DCY B 13 ? 1_555 CYS B 16 ? 1_555 SG SG . . . None 'Disulfide bridge' 
2 DCY D 2 ? CYS D 5 ? DCY D 13 ? 1_555 CYS D 16 ? 1_555 SG SG . . . None 'Disulfide bridge' 
# 
_struct_site.id                   AC1 
_struct_site.pdbx_evidence_code   Software 
_struct_site.pdbx_auth_asym_id    A 
_struct_site.pdbx_auth_comp_id    PO4 
_struct_site.pdbx_auth_seq_id     1 
_struct_site.pdbx_auth_ins_code   ? 
_struct_site.pdbx_num_residues    7 
_struct_site.details              'BINDING SITE FOR RESIDUE PO4 A 1' 
# 
loop_
_struct_site_gen.id 
_struct_site_gen.site_id 
_struct_site_gen.pdbx_num_res 
_struct_site_gen.label_comp_id 
_struct_site_gen.label_asym_id 
_struct_site_gen.label_seq_id 
_struct_site_gen.pdbx_auth_ins_code 
_struct_site_gen.auth_comp_id 
_struct_site_gen.auth_asym_id 
_struct_site_gen.auth_seq_id 
_struct_site_gen.label_atom_id 
_struct_site_gen.label_alt_id 
_struct_site_gen.symmetry 
_struct_site_gen.details 
1 AC1 7 HOH F .  ? HOH A 6   . ? 1_555 ? 
2 AC1 7 CYS A 47 ? CYS A 100 . ? 1_555 ? 
3 AC1 7 GLY A 48 ? GLY A 101 . ? 1_555 ? 
4 AC1 7 GLN A 49 ? GLN A 102 . ? 1_555 ? 
5 AC1 7 TYR B 10 ? TYR B 21  . ? 2_565 ? 
6 AC1 7 ALA B 11 ? ALA B 22  . ? 2_565 ? 
7 AC1 7 ASP C 9  ? ASP C 62  . ? 1_555 ? 
# 
_pdbx_entry_details.entry_id                   3AX5 
_pdbx_entry_details.compound_details           ? 
_pdbx_entry_details.source_details             ? 
_pdbx_entry_details.nonpolymer_details         ? 
_pdbx_entry_details.sequence_details           ? 
_pdbx_entry_details.has_ligand_of_interest     ? 
_pdbx_entry_details.has_protein_modification   Y 
# 
_pdbx_validate_rmsd_angle.id                         1 
_pdbx_validate_rmsd_angle.PDB_model_num              1 
_pdbx_validate_rmsd_angle.auth_atom_id_1             CB 
_pdbx_validate_rmsd_angle.auth_asym_id_1             A 
_pdbx_validate_rmsd_angle.auth_comp_id_1             ASP 
_pdbx_validate_rmsd_angle.auth_seq_id_1              85 
_pdbx_validate_rmsd_angle.PDB_ins_code_1             ? 
_pdbx_validate_rmsd_angle.label_alt_id_1             ? 
_pdbx_validate_rmsd_angle.auth_atom_id_2             CG 
_pdbx_validate_rmsd_angle.auth_asym_id_2             A 
_pdbx_validate_rmsd_angle.auth_comp_id_2             ASP 
_pdbx_validate_rmsd_angle.auth_seq_id_2              85 
_pdbx_validate_rmsd_angle.PDB_ins_code_2             ? 
_pdbx_validate_rmsd_angle.label_alt_id_2             ? 
_pdbx_validate_rmsd_angle.auth_atom_id_3             OD2 
_pdbx_validate_rmsd_angle.auth_asym_id_3             A 
_pdbx_validate_rmsd_angle.auth_comp_id_3             ASP 
_pdbx_validate_rmsd_angle.auth_seq_id_3              85 
_pdbx_validate_rmsd_angle.PDB_ins_code_3             ? 
_pdbx_validate_rmsd_angle.label_alt_id_3             ? 
_pdbx_validate_rmsd_angle.angle_value                123.80 
_pdbx_validate_rmsd_angle.angle_target_value         118.30 
_pdbx_validate_rmsd_angle.angle_deviation            5.50 
_pdbx_validate_rmsd_angle.angle_standard_deviation   0.90 
_pdbx_validate_rmsd_angle.linker_flag                N 
# 
loop_
_pdbx_validate_torsion.id 
_pdbx_validate_torsion.PDB_model_num 
_pdbx_validate_torsion.auth_comp_id 
_pdbx_validate_torsion.auth_asym_id 
_pdbx_validate_torsion.auth_seq_id 
_pdbx_validate_torsion.PDB_ins_code 
_pdbx_validate_torsion.label_alt_id 
_pdbx_validate_torsion.phi 
_pdbx_validate_torsion.psi 
1 1 ASP A 59  ? ? -100.40 -169.71 
2 1 GLN A 83  ? ? -67.21  3.15    
3 1 DCY B 13  ? ? 143.91  -32.00  
4 1 TYR B 21  ? ? -59.34  108.56  
5 1 GLN C 112 ? ? -92.99  47.48   
6 1 THR C 113 ? ? -163.95 -30.50  
7 1 DCY D 13  ? ? -139.08 48.55   
# 
loop_
_pdbx_unobs_or_zero_occ_residues.id 
_pdbx_unobs_or_zero_occ_residues.PDB_model_num 
_pdbx_unobs_or_zero_occ_residues.polymer_flag 
_pdbx_unobs_or_zero_occ_residues.occupancy_flag 
_pdbx_unobs_or_zero_occ_residues.auth_asym_id 
_pdbx_unobs_or_zero_occ_residues.auth_comp_id 
_pdbx_unobs_or_zero_occ_residues.auth_seq_id 
_pdbx_unobs_or_zero_occ_residues.PDB_ins_code 
_pdbx_unobs_or_zero_occ_residues.label_asym_id 
_pdbx_unobs_or_zero_occ_residues.label_comp_id 
_pdbx_unobs_or_zero_occ_residues.label_seq_id 
1 1 Y 1 A GLY 54  ? A GLY 1  
2 1 Y 1 A PRO 55  ? A PRO 2  
3 1 Y 1 A LEU 56  ? A LEU 3  
4 1 Y 1 A GLY 57  ? A GLY 4  
5 1 Y 1 C LEU 126 ? C LEU 73 
# 
loop_
_chem_comp_atom.comp_id 
_chem_comp_atom.atom_id 
_chem_comp_atom.type_symbol 
_chem_comp_atom.pdbx_aromatic_flag 
_chem_comp_atom.pdbx_stereo_config 
_chem_comp_atom.pdbx_ordinal 
ALA N    N N N 1   
ALA CA   C N S 2   
ALA C    C N N 3   
ALA O    O N N 4   
ALA CB   C N N 5   
ALA OXT  O N N 6   
ALA H    H N N 7   
ALA H2   H N N 8   
ALA HA   H N N 9   
ALA HB1  H N N 10  
ALA HB2  H N N 11  
ALA HB3  H N N 12  
ALA HXT  H N N 13  
ARG N    N N N 14  
ARG CA   C N S 15  
ARG C    C N N 16  
ARG O    O N N 17  
ARG CB   C N N 18  
ARG CG   C N N 19  
ARG CD   C N N 20  
ARG NE   N N N 21  
ARG CZ   C N N 22  
ARG NH1  N N N 23  
ARG NH2  N N N 24  
ARG OXT  O N N 25  
ARG H    H N N 26  
ARG H2   H N N 27  
ARG HA   H N N 28  
ARG HB2  H N N 29  
ARG HB3  H N N 30  
ARG HG2  H N N 31  
ARG HG3  H N N 32  
ARG HD2  H N N 33  
ARG HD3  H N N 34  
ARG HE   H N N 35  
ARG HH11 H N N 36  
ARG HH12 H N N 37  
ARG HH21 H N N 38  
ARG HH22 H N N 39  
ARG HXT  H N N 40  
ASN N    N N N 41  
ASN CA   C N S 42  
ASN C    C N N 43  
ASN O    O N N 44  
ASN CB   C N N 45  
ASN CG   C N N 46  
ASN OD1  O N N 47  
ASN ND2  N N N 48  
ASN OXT  O N N 49  
ASN H    H N N 50  
ASN H2   H N N 51  
ASN HA   H N N 52  
ASN HB2  H N N 53  
ASN HB3  H N N 54  
ASN HD21 H N N 55  
ASN HD22 H N N 56  
ASN HXT  H N N 57  
ASP N    N N N 58  
ASP CA   C N S 59  
ASP C    C N N 60  
ASP O    O N N 61  
ASP CB   C N N 62  
ASP CG   C N N 63  
ASP OD1  O N N 64  
ASP OD2  O N N 65  
ASP OXT  O N N 66  
ASP H    H N N 67  
ASP H2   H N N 68  
ASP HA   H N N 69  
ASP HB2  H N N 70  
ASP HB3  H N N 71  
ASP HD2  H N N 72  
ASP HXT  H N N 73  
CYS N    N N N 74  
CYS CA   C N R 75  
CYS C    C N N 76  
CYS O    O N N 77  
CYS CB   C N N 78  
CYS SG   S N N 79  
CYS OXT  O N N 80  
CYS H    H N N 81  
CYS H2   H N N 82  
CYS HA   H N N 83  
CYS HB2  H N N 84  
CYS HB3  H N N 85  
CYS HG   H N N 86  
CYS HXT  H N N 87  
DCY N    N N N 88  
DCY CA   C N S 89  
DCY C    C N N 90  
DCY O    O N N 91  
DCY CB   C N N 92  
DCY SG   S N N 93  
DCY OXT  O N N 94  
DCY H    H N N 95  
DCY H2   H N N 96  
DCY HA   H N N 97  
DCY HB2  H N N 98  
DCY HB3  H N N 99  
DCY HG   H N N 100 
DCY HXT  H N N 101 
GLN N    N N N 102 
GLN CA   C N S 103 
GLN C    C N N 104 
GLN O    O N N 105 
GLN CB   C N N 106 
GLN CG   C N N 107 
GLN CD   C N N 108 
GLN OE1  O N N 109 
GLN NE2  N N N 110 
GLN OXT  O N N 111 
GLN H    H N N 112 
GLN H2   H N N 113 
GLN HA   H N N 114 
GLN HB2  H N N 115 
GLN HB3  H N N 116 
GLN HG2  H N N 117 
GLN HG3  H N N 118 
GLN HE21 H N N 119 
GLN HE22 H N N 120 
GLN HXT  H N N 121 
GLU N    N N N 122 
GLU CA   C N S 123 
GLU C    C N N 124 
GLU O    O N N 125 
GLU CB   C N N 126 
GLU CG   C N N 127 
GLU CD   C N N 128 
GLU OE1  O N N 129 
GLU OE2  O N N 130 
GLU OXT  O N N 131 
GLU H    H N N 132 
GLU H2   H N N 133 
GLU HA   H N N 134 
GLU HB2  H N N 135 
GLU HB3  H N N 136 
GLU HG2  H N N 137 
GLU HG3  H N N 138 
GLU HE2  H N N 139 
GLU HXT  H N N 140 
GLY N    N N N 141 
GLY CA   C N N 142 
GLY C    C N N 143 
GLY O    O N N 144 
GLY OXT  O N N 145 
GLY H    H N N 146 
GLY H2   H N N 147 
GLY HA2  H N N 148 
GLY HA3  H N N 149 
GLY HXT  H N N 150 
HIS N    N N N 151 
HIS CA   C N S 152 
HIS C    C N N 153 
HIS O    O N N 154 
HIS CB   C N N 155 
HIS CG   C Y N 156 
HIS ND1  N Y N 157 
HIS CD2  C Y N 158 
HIS CE1  C Y N 159 
HIS NE2  N Y N 160 
HIS OXT  O N N 161 
HIS H    H N N 162 
HIS H2   H N N 163 
HIS HA   H N N 164 
HIS HB2  H N N 165 
HIS HB3  H N N 166 
HIS HD1  H N N 167 
HIS HD2  H N N 168 
HIS HE1  H N N 169 
HIS HE2  H N N 170 
HIS HXT  H N N 171 
HOH O    O N N 172 
HOH H1   H N N 173 
HOH H2   H N N 174 
ILE N    N N N 175 
ILE CA   C N S 176 
ILE C    C N N 177 
ILE O    O N N 178 
ILE CB   C N S 179 
ILE CG1  C N N 180 
ILE CG2  C N N 181 
ILE CD1  C N N 182 
ILE OXT  O N N 183 
ILE H    H N N 184 
ILE H2   H N N 185 
ILE HA   H N N 186 
ILE HB   H N N 187 
ILE HG12 H N N 188 
ILE HG13 H N N 189 
ILE HG21 H N N 190 
ILE HG22 H N N 191 
ILE HG23 H N N 192 
ILE HD11 H N N 193 
ILE HD12 H N N 194 
ILE HD13 H N N 195 
ILE HXT  H N N 196 
LEU N    N N N 197 
LEU CA   C N S 198 
LEU C    C N N 199 
LEU O    O N N 200 
LEU CB   C N N 201 
LEU CG   C N N 202 
LEU CD1  C N N 203 
LEU CD2  C N N 204 
LEU OXT  O N N 205 
LEU H    H N N 206 
LEU H2   H N N 207 
LEU HA   H N N 208 
LEU HB2  H N N 209 
LEU HB3  H N N 210 
LEU HG   H N N 211 
LEU HD11 H N N 212 
LEU HD12 H N N 213 
LEU HD13 H N N 214 
LEU HD21 H N N 215 
LEU HD22 H N N 216 
LEU HD23 H N N 217 
LEU HXT  H N N 218 
LYS N    N N N 219 
LYS CA   C N S 220 
LYS C    C N N 221 
LYS O    O N N 222 
LYS CB   C N N 223 
LYS CG   C N N 224 
LYS CD   C N N 225 
LYS CE   C N N 226 
LYS NZ   N N N 227 
LYS OXT  O N N 228 
LYS H    H N N 229 
LYS H2   H N N 230 
LYS HA   H N N 231 
LYS HB2  H N N 232 
LYS HB3  H N N 233 
LYS HG2  H N N 234 
LYS HG3  H N N 235 
LYS HD2  H N N 236 
LYS HD3  H N N 237 
LYS HE2  H N N 238 
LYS HE3  H N N 239 
LYS HZ1  H N N 240 
LYS HZ2  H N N 241 
LYS HZ3  H N N 242 
LYS HXT  H N N 243 
MET N    N N N 244 
MET CA   C N S 245 
MET C    C N N 246 
MET O    O N N 247 
MET CB   C N N 248 
MET CG   C N N 249 
MET SD   S N N 250 
MET CE   C N N 251 
MET OXT  O N N 252 
MET H    H N N 253 
MET H2   H N N 254 
MET HA   H N N 255 
MET HB2  H N N 256 
MET HB3  H N N 257 
MET HG2  H N N 258 
MET HG3  H N N 259 
MET HE1  H N N 260 
MET HE2  H N N 261 
MET HE3  H N N 262 
MET HXT  H N N 263 
PHE N    N N N 264 
PHE CA   C N S 265 
PHE C    C N N 266 
PHE O    O N N 267 
PHE CB   C N N 268 
PHE CG   C Y N 269 
PHE CD1  C Y N 270 
PHE CD2  C Y N 271 
PHE CE1  C Y N 272 
PHE CE2  C Y N 273 
PHE CZ   C Y N 274 
PHE OXT  O N N 275 
PHE H    H N N 276 
PHE H2   H N N 277 
PHE HA   H N N 278 
PHE HB2  H N N 279 
PHE HB3  H N N 280 
PHE HD1  H N N 281 
PHE HD2  H N N 282 
PHE HE1  H N N 283 
PHE HE2  H N N 284 
PHE HZ   H N N 285 
PHE HXT  H N N 286 
PO4 P    P N N 287 
PO4 O1   O N N 288 
PO4 O2   O N N 289 
PO4 O3   O N N 290 
PO4 O4   O N N 291 
PRO N    N N N 292 
PRO CA   C N S 293 
PRO C    C N N 294 
PRO O    O N N 295 
PRO CB   C N N 296 
PRO CG   C N N 297 
PRO CD   C N N 298 
PRO OXT  O N N 299 
PRO H    H N N 300 
PRO HA   H N N 301 
PRO HB2  H N N 302 
PRO HB3  H N N 303 
PRO HG2  H N N 304 
PRO HG3  H N N 305 
PRO HD2  H N N 306 
PRO HD3  H N N 307 
PRO HXT  H N N 308 
SER N    N N N 309 
SER CA   C N S 310 
SER C    C N N 311 
SER O    O N N 312 
SER CB   C N N 313 
SER OG   O N N 314 
SER OXT  O N N 315 
SER H    H N N 316 
SER H2   H N N 317 
SER HA   H N N 318 
SER HB2  H N N 319 
SER HB3  H N N 320 
SER HG   H N N 321 
SER HXT  H N N 322 
THR N    N N N 323 
THR CA   C N S 324 
THR C    C N N 325 
THR O    O N N 326 
THR CB   C N R 327 
THR OG1  O N N 328 
THR CG2  C N N 329 
THR OXT  O N N 330 
THR H    H N N 331 
THR H2   H N N 332 
THR HA   H N N 333 
THR HB   H N N 334 
THR HG1  H N N 335 
THR HG21 H N N 336 
THR HG22 H N N 337 
THR HG23 H N N 338 
THR HXT  H N N 339 
TYR N    N N N 340 
TYR CA   C N S 341 
TYR C    C N N 342 
TYR O    O N N 343 
TYR CB   C N N 344 
TYR CG   C Y N 345 
TYR CD1  C Y N 346 
TYR CD2  C Y N 347 
TYR CE1  C Y N 348 
TYR CE2  C Y N 349 
TYR CZ   C Y N 350 
TYR OH   O N N 351 
TYR OXT  O N N 352 
TYR H    H N N 353 
TYR H2   H N N 354 
TYR HA   H N N 355 
TYR HB2  H N N 356 
TYR HB3  H N N 357 
TYR HD1  H N N 358 
TYR HD2  H N N 359 
TYR HE1  H N N 360 
TYR HE2  H N N 361 
TYR HH   H N N 362 
TYR HXT  H N N 363 
VAL N    N N N 364 
VAL CA   C N S 365 
VAL C    C N N 366 
VAL O    O N N 367 
VAL CB   C N N 368 
VAL CG1  C N N 369 
VAL CG2  C N N 370 
VAL OXT  O N N 371 
VAL H    H N N 372 
VAL H2   H N N 373 
VAL HA   H N N 374 
VAL HB   H N N 375 
VAL HG11 H N N 376 
VAL HG12 H N N 377 
VAL HG13 H N N 378 
VAL HG21 H N N 379 
VAL HG22 H N N 380 
VAL HG23 H N N 381 
VAL HXT  H N N 382 
# 
loop_
_chem_comp_bond.comp_id 
_chem_comp_bond.atom_id_1 
_chem_comp_bond.atom_id_2 
_chem_comp_bond.value_order 
_chem_comp_bond.pdbx_aromatic_flag 
_chem_comp_bond.pdbx_stereo_config 
_chem_comp_bond.pdbx_ordinal 
ALA N   CA   sing N N 1   
ALA N   H    sing N N 2   
ALA N   H2   sing N N 3   
ALA CA  C    sing N N 4   
ALA CA  CB   sing N N 5   
ALA CA  HA   sing N N 6   
ALA C   O    doub N N 7   
ALA C   OXT  sing N N 8   
ALA CB  HB1  sing N N 9   
ALA CB  HB2  sing N N 10  
ALA CB  HB3  sing N N 11  
ALA OXT HXT  sing N N 12  
ARG N   CA   sing N N 13  
ARG N   H    sing N N 14  
ARG N   H2   sing N N 15  
ARG CA  C    sing N N 16  
ARG CA  CB   sing N N 17  
ARG CA  HA   sing N N 18  
ARG C   O    doub N N 19  
ARG C   OXT  sing N N 20  
ARG CB  CG   sing N N 21  
ARG CB  HB2  sing N N 22  
ARG CB  HB3  sing N N 23  
ARG CG  CD   sing N N 24  
ARG CG  HG2  sing N N 25  
ARG CG  HG3  sing N N 26  
ARG CD  NE   sing N N 27  
ARG CD  HD2  sing N N 28  
ARG CD  HD3  sing N N 29  
ARG NE  CZ   sing N N 30  
ARG NE  HE   sing N N 31  
ARG CZ  NH1  sing N N 32  
ARG CZ  NH2  doub N N 33  
ARG NH1 HH11 sing N N 34  
ARG NH1 HH12 sing N N 35  
ARG NH2 HH21 sing N N 36  
ARG NH2 HH22 sing N N 37  
ARG OXT HXT  sing N N 38  
ASN N   CA   sing N N 39  
ASN N   H    sing N N 40  
ASN N   H2   sing N N 41  
ASN CA  C    sing N N 42  
ASN CA  CB   sing N N 43  
ASN CA  HA   sing N N 44  
ASN C   O    doub N N 45  
ASN C   OXT  sing N N 46  
ASN CB  CG   sing N N 47  
ASN CB  HB2  sing N N 48  
ASN CB  HB3  sing N N 49  
ASN CG  OD1  doub N N 50  
ASN CG  ND2  sing N N 51  
ASN ND2 HD21 sing N N 52  
ASN ND2 HD22 sing N N 53  
ASN OXT HXT  sing N N 54  
ASP N   CA   sing N N 55  
ASP N   H    sing N N 56  
ASP N   H2   sing N N 57  
ASP CA  C    sing N N 58  
ASP CA  CB   sing N N 59  
ASP CA  HA   sing N N 60  
ASP C   O    doub N N 61  
ASP C   OXT  sing N N 62  
ASP CB  CG   sing N N 63  
ASP CB  HB2  sing N N 64  
ASP CB  HB3  sing N N 65  
ASP CG  OD1  doub N N 66  
ASP CG  OD2  sing N N 67  
ASP OD2 HD2  sing N N 68  
ASP OXT HXT  sing N N 69  
CYS N   CA   sing N N 70  
CYS N   H    sing N N 71  
CYS N   H2   sing N N 72  
CYS CA  C    sing N N 73  
CYS CA  CB   sing N N 74  
CYS CA  HA   sing N N 75  
CYS C   O    doub N N 76  
CYS C   OXT  sing N N 77  
CYS CB  SG   sing N N 78  
CYS CB  HB2  sing N N 79  
CYS CB  HB3  sing N N 80  
CYS SG  HG   sing N N 81  
CYS OXT HXT  sing N N 82  
DCY N   CA   sing N N 83  
DCY N   H    sing N N 84  
DCY N   H2   sing N N 85  
DCY CA  C    sing N N 86  
DCY CA  CB   sing N N 87  
DCY CA  HA   sing N N 88  
DCY C   O    doub N N 89  
DCY C   OXT  sing N N 90  
DCY CB  SG   sing N N 91  
DCY CB  HB2  sing N N 92  
DCY CB  HB3  sing N N 93  
DCY SG  HG   sing N N 94  
DCY OXT HXT  sing N N 95  
GLN N   CA   sing N N 96  
GLN N   H    sing N N 97  
GLN N   H2   sing N N 98  
GLN CA  C    sing N N 99  
GLN CA  CB   sing N N 100 
GLN CA  HA   sing N N 101 
GLN C   O    doub N N 102 
GLN C   OXT  sing N N 103 
GLN CB  CG   sing N N 104 
GLN CB  HB2  sing N N 105 
GLN CB  HB3  sing N N 106 
GLN CG  CD   sing N N 107 
GLN CG  HG2  sing N N 108 
GLN CG  HG3  sing N N 109 
GLN CD  OE1  doub N N 110 
GLN CD  NE2  sing N N 111 
GLN NE2 HE21 sing N N 112 
GLN NE2 HE22 sing N N 113 
GLN OXT HXT  sing N N 114 
GLU N   CA   sing N N 115 
GLU N   H    sing N N 116 
GLU N   H2   sing N N 117 
GLU CA  C    sing N N 118 
GLU CA  CB   sing N N 119 
GLU CA  HA   sing N N 120 
GLU C   O    doub N N 121 
GLU C   OXT  sing N N 122 
GLU CB  CG   sing N N 123 
GLU CB  HB2  sing N N 124 
GLU CB  HB3  sing N N 125 
GLU CG  CD   sing N N 126 
GLU CG  HG2  sing N N 127 
GLU CG  HG3  sing N N 128 
GLU CD  OE1  doub N N 129 
GLU CD  OE2  sing N N 130 
GLU OE2 HE2  sing N N 131 
GLU OXT HXT  sing N N 132 
GLY N   CA   sing N N 133 
GLY N   H    sing N N 134 
GLY N   H2   sing N N 135 
GLY CA  C    sing N N 136 
GLY CA  HA2  sing N N 137 
GLY CA  HA3  sing N N 138 
GLY C   O    doub N N 139 
GLY C   OXT  sing N N 140 
GLY OXT HXT  sing N N 141 
HIS N   CA   sing N N 142 
HIS N   H    sing N N 143 
HIS N   H2   sing N N 144 
HIS CA  C    sing N N 145 
HIS CA  CB   sing N N 146 
HIS CA  HA   sing N N 147 
HIS C   O    doub N N 148 
HIS C   OXT  sing N N 149 
HIS CB  CG   sing N N 150 
HIS CB  HB2  sing N N 151 
HIS CB  HB3  sing N N 152 
HIS CG  ND1  sing Y N 153 
HIS CG  CD2  doub Y N 154 
HIS ND1 CE1  doub Y N 155 
HIS ND1 HD1  sing N N 156 
HIS CD2 NE2  sing Y N 157 
HIS CD2 HD2  sing N N 158 
HIS CE1 NE2  sing Y N 159 
HIS CE1 HE1  sing N N 160 
HIS NE2 HE2  sing N N 161 
HIS OXT HXT  sing N N 162 
HOH O   H1   sing N N 163 
HOH O   H2   sing N N 164 
ILE N   CA   sing N N 165 
ILE N   H    sing N N 166 
ILE N   H2   sing N N 167 
ILE CA  C    sing N N 168 
ILE CA  CB   sing N N 169 
ILE CA  HA   sing N N 170 
ILE C   O    doub N N 171 
ILE C   OXT  sing N N 172 
ILE CB  CG1  sing N N 173 
ILE CB  CG2  sing N N 174 
ILE CB  HB   sing N N 175 
ILE CG1 CD1  sing N N 176 
ILE CG1 HG12 sing N N 177 
ILE CG1 HG13 sing N N 178 
ILE CG2 HG21 sing N N 179 
ILE CG2 HG22 sing N N 180 
ILE CG2 HG23 sing N N 181 
ILE CD1 HD11 sing N N 182 
ILE CD1 HD12 sing N N 183 
ILE CD1 HD13 sing N N 184 
ILE OXT HXT  sing N N 185 
LEU N   CA   sing N N 186 
LEU N   H    sing N N 187 
LEU N   H2   sing N N 188 
LEU CA  C    sing N N 189 
LEU CA  CB   sing N N 190 
LEU CA  HA   sing N N 191 
LEU C   O    doub N N 192 
LEU C   OXT  sing N N 193 
LEU CB  CG   sing N N 194 
LEU CB  HB2  sing N N 195 
LEU CB  HB3  sing N N 196 
LEU CG  CD1  sing N N 197 
LEU CG  CD2  sing N N 198 
LEU CG  HG   sing N N 199 
LEU CD1 HD11 sing N N 200 
LEU CD1 HD12 sing N N 201 
LEU CD1 HD13 sing N N 202 
LEU CD2 HD21 sing N N 203 
LEU CD2 HD22 sing N N 204 
LEU CD2 HD23 sing N N 205 
LEU OXT HXT  sing N N 206 
LYS N   CA   sing N N 207 
LYS N   H    sing N N 208 
LYS N   H2   sing N N 209 
LYS CA  C    sing N N 210 
LYS CA  CB   sing N N 211 
LYS CA  HA   sing N N 212 
LYS C   O    doub N N 213 
LYS C   OXT  sing N N 214 
LYS CB  CG   sing N N 215 
LYS CB  HB2  sing N N 216 
LYS CB  HB3  sing N N 217 
LYS CG  CD   sing N N 218 
LYS CG  HG2  sing N N 219 
LYS CG  HG3  sing N N 220 
LYS CD  CE   sing N N 221 
LYS CD  HD2  sing N N 222 
LYS CD  HD3  sing N N 223 
LYS CE  NZ   sing N N 224 
LYS CE  HE2  sing N N 225 
LYS CE  HE3  sing N N 226 
LYS NZ  HZ1  sing N N 227 
LYS NZ  HZ2  sing N N 228 
LYS NZ  HZ3  sing N N 229 
LYS OXT HXT  sing N N 230 
MET N   CA   sing N N 231 
MET N   H    sing N N 232 
MET N   H2   sing N N 233 
MET CA  C    sing N N 234 
MET CA  CB   sing N N 235 
MET CA  HA   sing N N 236 
MET C   O    doub N N 237 
MET C   OXT  sing N N 238 
MET CB  CG   sing N N 239 
MET CB  HB2  sing N N 240 
MET CB  HB3  sing N N 241 
MET CG  SD   sing N N 242 
MET CG  HG2  sing N N 243 
MET CG  HG3  sing N N 244 
MET SD  CE   sing N N 245 
MET CE  HE1  sing N N 246 
MET CE  HE2  sing N N 247 
MET CE  HE3  sing N N 248 
MET OXT HXT  sing N N 249 
PHE N   CA   sing N N 250 
PHE N   H    sing N N 251 
PHE N   H2   sing N N 252 
PHE CA  C    sing N N 253 
PHE CA  CB   sing N N 254 
PHE CA  HA   sing N N 255 
PHE C   O    doub N N 256 
PHE C   OXT  sing N N 257 
PHE CB  CG   sing N N 258 
PHE CB  HB2  sing N N 259 
PHE CB  HB3  sing N N 260 
PHE CG  CD1  doub Y N 261 
PHE CG  CD2  sing Y N 262 
PHE CD1 CE1  sing Y N 263 
PHE CD1 HD1  sing N N 264 
PHE CD2 CE2  doub Y N 265 
PHE CD2 HD2  sing N N 266 
PHE CE1 CZ   doub Y N 267 
PHE CE1 HE1  sing N N 268 
PHE CE2 CZ   sing Y N 269 
PHE CE2 HE2  sing N N 270 
PHE CZ  HZ   sing N N 271 
PHE OXT HXT  sing N N 272 
PO4 P   O1   doub N N 273 
PO4 P   O2   sing N N 274 
PO4 P   O3   sing N N 275 
PO4 P   O4   sing N N 276 
PRO N   CA   sing N N 277 
PRO N   CD   sing N N 278 
PRO N   H    sing N N 279 
PRO CA  C    sing N N 280 
PRO CA  CB   sing N N 281 
PRO CA  HA   sing N N 282 
PRO C   O    doub N N 283 
PRO C   OXT  sing N N 284 
PRO CB  CG   sing N N 285 
PRO CB  HB2  sing N N 286 
PRO CB  HB3  sing N N 287 
PRO CG  CD   sing N N 288 
PRO CG  HG2  sing N N 289 
PRO CG  HG3  sing N N 290 
PRO CD  HD2  sing N N 291 
PRO CD  HD3  sing N N 292 
PRO OXT HXT  sing N N 293 
SER N   CA   sing N N 294 
SER N   H    sing N N 295 
SER N   H2   sing N N 296 
SER CA  C    sing N N 297 
SER CA  CB   sing N N 298 
SER CA  HA   sing N N 299 
SER C   O    doub N N 300 
SER C   OXT  sing N N 301 
SER CB  OG   sing N N 302 
SER CB  HB2  sing N N 303 
SER CB  HB3  sing N N 304 
SER OG  HG   sing N N 305 
SER OXT HXT  sing N N 306 
THR N   CA   sing N N 307 
THR N   H    sing N N 308 
THR N   H2   sing N N 309 
THR CA  C    sing N N 310 
THR CA  CB   sing N N 311 
THR CA  HA   sing N N 312 
THR C   O    doub N N 313 
THR C   OXT  sing N N 314 
THR CB  OG1  sing N N 315 
THR CB  CG2  sing N N 316 
THR CB  HB   sing N N 317 
THR OG1 HG1  sing N N 318 
THR CG2 HG21 sing N N 319 
THR CG2 HG22 sing N N 320 
THR CG2 HG23 sing N N 321 
THR OXT HXT  sing N N 322 
TYR N   CA   sing N N 323 
TYR N   H    sing N N 324 
TYR N   H2   sing N N 325 
TYR CA  C    sing N N 326 
TYR CA  CB   sing N N 327 
TYR CA  HA   sing N N 328 
TYR C   O    doub N N 329 
TYR C   OXT  sing N N 330 
TYR CB  CG   sing N N 331 
TYR CB  HB2  sing N N 332 
TYR CB  HB3  sing N N 333 
TYR CG  CD1  doub Y N 334 
TYR CG  CD2  sing Y N 335 
TYR CD1 CE1  sing Y N 336 
TYR CD1 HD1  sing N N 337 
TYR CD2 CE2  doub Y N 338 
TYR CD2 HD2  sing N N 339 
TYR CE1 CZ   doub Y N 340 
TYR CE1 HE1  sing N N 341 
TYR CE2 CZ   sing Y N 342 
TYR CE2 HE2  sing N N 343 
TYR CZ  OH   sing N N 344 
TYR OH  HH   sing N N 345 
TYR OXT HXT  sing N N 346 
VAL N   CA   sing N N 347 
VAL N   H    sing N N 348 
VAL N   H2   sing N N 349 
VAL CA  C    sing N N 350 
VAL CA  CB   sing N N 351 
VAL CA  HA   sing N N 352 
VAL C   O    doub N N 353 
VAL C   OXT  sing N N 354 
VAL CB  CG1  sing N N 355 
VAL CB  CG2  sing N N 356 
VAL CB  HB   sing N N 357 
VAL CG1 HG11 sing N N 358 
VAL CG1 HG12 sing N N 359 
VAL CG1 HG13 sing N N 360 
VAL CG2 HG21 sing N N 361 
VAL CG2 HG22 sing N N 362 
VAL CG2 HG23 sing N N 363 
VAL OXT HXT  sing N N 364 
# 
_pdbx_initial_refinement_model.id               1 
_pdbx_initial_refinement_model.entity_id_list   ? 
_pdbx_initial_refinement_model.type             'experimental model' 
_pdbx_initial_refinement_model.source_name      PDB 
_pdbx_initial_refinement_model.accession_code   1WT4 
_pdbx_initial_refinement_model.details          ? 
# 
_atom_sites.entry_id                    3AX5 
_atom_sites.fract_transf_matrix[1][1]   0.02163815 
_atom_sites.fract_transf_matrix[1][2]   0.01020714 
_atom_sites.fract_transf_matrix[1][3]   -0.00120288 
_atom_sites.fract_transf_matrix[2][1]   -0.00426400 
_atom_sites.fract_transf_matrix[2][2]   0.00988166 
_atom_sites.fract_transf_matrix[2][3]   0.00714825 
_atom_sites.fract_transf_matrix[3][1]   0.00235880 
_atom_sites.fract_transf_matrix[3][2]   -0.00415734 
_atom_sites.fract_transf_matrix[3][3]   0.00715411 
_atom_sites.fract_transf_vector[1]      -0.091655 
_atom_sites.fract_transf_vector[2]      0.291758 
_atom_sites.fract_transf_vector[3]      0.155638 
# 
loop_
_atom_type.symbol 
C 
N 
O 
P 
S 
# 
loop_
_atom_site.group_PDB 
_atom_site.id 
_atom_site.type_symbol 
_atom_site.label_atom_id 
_atom_site.label_alt_id 
_atom_site.label_comp_id 
_atom_site.label_asym_id 
_atom_site.label_entity_id 
_atom_site.label_seq_id 
_atom_site.pdbx_PDB_ins_code 
_atom_site.Cartn_x 
_atom_site.Cartn_y 
_atom_site.Cartn_z 
_atom_site.occupancy 
_atom_site.B_iso_or_equiv 
_atom_site.pdbx_formal_charge 
_atom_site.auth_seq_id 
_atom_site.auth_comp_id 
_atom_site.auth_asym_id 
_atom_site.auth_atom_id 
_atom_site.pdbx_PDB_model_num 
ATOM   1    N N   . SER A 1 5  ? 16.894  5.052   2.517   1.00 53.14 ? 58  SER A N   1 
ATOM   2    C CA  . SER A 1 5  ? 15.769  6.055   2.464   1.00 53.18 ? 58  SER A CA  1 
ATOM   3    C C   . SER A 1 5  ? 16.246  7.481   2.379   1.00 52.93 ? 58  SER A C   1 
ATOM   4    O O   . SER A 1 5  ? 16.893  8.002   3.302   1.00 52.77 ? 58  SER A O   1 
ATOM   5    C CB  . SER A 1 5  ? 14.795  5.949   3.654   1.00 53.62 ? 58  SER A CB  1 
ATOM   6    O OG  . SER A 1 5  ? 13.999  4.775   3.574   1.00 54.40 ? 58  SER A OG  1 
ATOM   7    N N   . ASP A 1 6  ? 15.920  8.087   1.240   1.00 52.26 ? 59  ASP A N   1 
ATOM   8    C CA  . ASP A 1 6  ? 15.929  9.526   1.080   1.00 51.41 ? 59  ASP A CA  1 
ATOM   9    C C   . ASP A 1 6  ? 14.474  10.068  1.195   1.00 50.34 ? 59  ASP A C   1 
ATOM   10   O O   . ASP A 1 6  ? 13.547  9.329   1.567   1.00 50.17 ? 59  ASP A O   1 
ATOM   11   C CB  . ASP A 1 6  ? 16.631  9.945   -0.247  1.00 51.46 ? 59  ASP A CB  1 
ATOM   12   C CG  . ASP A 1 6  ? 15.869  9.491   -1.516  1.00 52.69 ? 59  ASP A CG  1 
ATOM   13   O OD1 . ASP A 1 6  ? 14.750  8.915   -1.427  1.00 53.65 ? 59  ASP A OD1 1 
ATOM   14   O OD2 . ASP A 1 6  ? 16.413  9.702   -2.627  1.00 54.54 ? 59  ASP A OD2 1 
ATOM   15   N N   . LEU A 1 7  ? 14.303  11.350  0.856   1.00 48.74 ? 60  LEU A N   1 
ATOM   16   C CA  . LEU A 1 7  ? 13.045  12.063  0.977   1.00 47.27 ? 60  LEU A CA  1 
ATOM   17   C C   . LEU A 1 7  ? 12.022  11.573  -0.068  1.00 45.50 ? 60  LEU A C   1 
ATOM   18   O O   . LEU A 1 7  ? 10.826  11.470  0.218   1.00 43.92 ? 60  LEU A O   1 
ATOM   19   C CB  . LEU A 1 7  ? 13.321  13.582  0.885   1.00 47.44 ? 60  LEU A CB  1 
ATOM   20   C CG  . LEU A 1 7  ? 12.817  14.567  1.965   1.00 49.03 ? 60  LEU A CG  1 
ATOM   21   C CD1 . LEU A 1 7  ? 12.950  14.058  3.405   1.00 47.98 ? 60  LEU A CD1 1 
ATOM   22   C CD2 . LEU A 1 7  ? 13.484  15.978  1.822   1.00 49.64 ? 60  LEU A CD2 1 
ATOM   23   N N   . LYS A 1 8  ? 12.505  11.229  -1.261  1.00 43.64 ? 61  LYS A N   1 
ATOM   24   C CA  . LYS A 1 8  ? 11.640  10.628  -2.278  1.00 42.09 ? 61  LYS A CA  1 
ATOM   25   C C   . LYS A 1 8  ? 10.983  9.308   -1.818  1.00 39.57 ? 61  LYS A C   1 
ATOM   26   O O   . LYS A 1 8  ? 9.800   9.085   -2.089  1.00 37.47 ? 61  LYS A O   1 
ATOM   27   C CB  . LYS A 1 8  ? 12.410  10.412  -3.590  1.00 43.57 ? 61  LYS A CB  1 
ATOM   28   C CG  . LYS A 1 8  ? 12.556  11.679  -4.518  1.00 48.15 ? 61  LYS A CG  1 
ATOM   29   C CD  . LYS A 1 8  ? 11.423  11.769  -5.588  1.00 56.18 ? 61  LYS A CD  1 
ATOM   30   C CE  . LYS A 1 8  ? 11.911  12.362  -6.965  1.00 60.74 ? 61  LYS A CE  1 
ATOM   31   N NZ  . LYS A 1 8  ? 12.345  11.344  -8.030  1.00 62.17 ? 61  LYS A NZ  1 
ATOM   32   N N   . ASP A 1 9  ? 11.771  8.442   -1.179  1.00 37.03 ? 62  ASP A N   1 
ATOM   33   C CA  . ASP A 1 9  ? 11.293  7.148   -0.682  1.00 36.37 ? 62  ASP A CA  1 
ATOM   34   C C   . ASP A 1 9  ? 10.201  7.304   0.366   1.00 34.30 ? 62  ASP A C   1 
ATOM   35   O O   . ASP A 1 9  ? 9.234   6.565   0.339   1.00 32.24 ? 62  ASP A O   1 
ATOM   36   C CB  . ASP A 1 9  ? 12.423  6.329   -0.025  1.00 36.50 ? 62  ASP A CB  1 
ATOM   37   C CG  . ASP A 1 9  ? 13.513  5.867   -1.035  1.00 42.39 ? 62  ASP A CG  1 
ATOM   38   O OD1 . ASP A 1 9  ? 14.742  6.052   -0.729  1.00 45.05 ? 62  ASP A OD1 1 
ATOM   39   O OD2 . ASP A 1 9  ? 13.123  5.344   -2.126  1.00 42.69 ? 62  ASP A OD2 1 
ATOM   40   N N   . ALA A 1 10 ? 10.402  8.221   1.326   1.00 32.15 ? 63  ALA A N   1 
ATOM   41   C CA  . ALA A 1 10 ? 9.435   8.419   2.419   1.00 30.67 ? 63  ALA A CA  1 
ATOM   42   C C   . ALA A 1 10 ? 8.235   9.139   1.851   1.00 29.47 ? 63  ALA A C   1 
ATOM   43   O O   . ALA A 1 10 ? 7.085   8.881   2.251   1.00 29.19 ? 63  ALA A O   1 
ATOM   44   C CB  . ALA A 1 10 ? 10.044  9.251   3.559   1.00 30.64 ? 63  ALA A CB  1 
ATOM   45   N N   . GLU A 1 11 ? 8.499   10.064  0.933   1.00 27.88 ? 64  GLU A N   1 
ATOM   46   C CA  A GLU A 1 11 ? 7.410   10.810  0.349   0.50 27.92 ? 64  GLU A CA  1 
ATOM   47   C CA  B GLU A 1 11 ? 7.433   10.809  0.267   0.50 27.80 ? 64  GLU A CA  1 
ATOM   48   C C   . GLU A 1 11 ? 6.481   9.868   -0.448  1.00 27.04 ? 64  GLU A C   1 
ATOM   49   O O   . GLU A 1 11 ? 5.289   10.002  -0.350  1.00 28.25 ? 64  GLU A O   1 
ATOM   50   C CB  A GLU A 1 11 ? 7.912   12.055  -0.438  0.50 28.66 ? 64  GLU A CB  1 
ATOM   51   C CB  B GLU A 1 11 ? 7.980   11.823  -0.758  0.50 28.23 ? 64  GLU A CB  1 
ATOM   52   C CG  A GLU A 1 11 ? 8.292   13.285  0.471   0.50 30.11 ? 64  GLU A CG  1 
ATOM   53   C CG  B GLU A 1 11 ? 6.879   12.745  -1.329  0.50 29.37 ? 64  GLU A CG  1 
ATOM   54   C CD  A GLU A 1 11 ? 8.669   14.576  -0.328  0.50 34.30 ? 64  GLU A CD  1 
ATOM   55   C CD  B GLU A 1 11 ? 7.283   13.428  -2.631  0.50 33.29 ? 64  GLU A CD  1 
ATOM   56   O OE1 A GLU A 1 11 ? 8.230   14.723  -1.489  0.50 35.93 ? 64  GLU A OE1 1 
ATOM   57   O OE1 B GLU A 1 11 ? 8.425   13.219  -3.114  0.50 32.90 ? 64  GLU A OE1 1 
ATOM   58   O OE2 A GLU A 1 11 ? 9.386   15.457  0.211   0.50 33.87 ? 64  GLU A OE2 1 
ATOM   59   O OE2 B GLU A 1 11 ? 6.443   14.174  -3.172  0.50 36.49 ? 64  GLU A OE2 1 
ATOM   60   N N   . ALA A 1 12 ? 7.016   8.896   -1.182  1.00 24.45 ? 65  ALA A N   1 
ATOM   61   C CA  . ALA A 1 12 ? 6.137   7.998   -1.931  1.00 23.37 ? 65  ALA A CA  1 
ATOM   62   C C   . ALA A 1 12 ? 5.274   7.130   -0.966  1.00 22.88 ? 65  ALA A C   1 
ATOM   63   O O   . ALA A 1 12 ? 4.059   6.930   -1.165  1.00 22.39 ? 65  ALA A O   1 
ATOM   64   C CB  . ALA A 1 12 ? 6.973   7.170   -2.895  1.00 22.25 ? 65  ALA A CB  1 
ATOM   65   N N   . VAL A 1 13 ? 5.869   6.718   0.149   1.00 22.05 ? 66  VAL A N   1 
ATOM   66   C CA  . VAL A 1 13 ? 5.125   5.948   1.143   1.00 22.79 ? 66  VAL A CA  1 
ATOM   67   C C   . VAL A 1 13 ? 4.035   6.786   1.826   1.00 23.59 ? 66  VAL A C   1 
ATOM   68   O O   . VAL A 1 13 ? 2.878   6.341   1.952   1.00 23.74 ? 66  VAL A O   1 
ATOM   69   C CB  . VAL A 1 13 ? 6.091   5.325   2.209   1.00 22.51 ? 66  VAL A CB  1 
ATOM   70   C CG1 . VAL A 1 13 ? 5.287   4.716   3.375   1.00 23.96 ? 66  VAL A CG1 1 
ATOM   71   C CG2 . VAL A 1 13 ? 6.979   4.249   1.515   1.00 20.66 ? 66  VAL A CG2 1 
ATOM   72   N N   . GLN A 1 14 ? 4.378   8.008   2.230   1.00 23.10 ? 67  GLN A N   1 
ATOM   73   C CA  . GLN A 1 14 ? 3.387   8.902   2.810   1.00 23.79 ? 67  GLN A CA  1 
ATOM   74   C C   . GLN A 1 14 ? 2.209   9.134   1.862   1.00 23.67 ? 67  GLN A C   1 
ATOM   75   O O   . GLN A 1 14 ? 1.033   9.225   2.267   1.00 22.04 ? 67  GLN A O   1 
ATOM   76   C CB  . GLN A 1 14 ? 4.034   10.248  3.167   1.00 23.77 ? 67  GLN A CB  1 
ATOM   77   C CG  . GLN A 1 14 ? 5.124   10.111  4.188   1.00 26.48 ? 67  GLN A CG  1 
ATOM   78   C CD  . GLN A 1 14 ? 6.118   11.274  4.219   1.00 31.49 ? 67  GLN A CD  1 
ATOM   79   O OE1 . GLN A 1 14 ? 7.152   11.164  4.887   1.00 35.95 ? 67  GLN A OE1 1 
ATOM   80   N NE2 . GLN A 1 14 ? 5.815   12.388  3.524   1.00 28.58 ? 67  GLN A NE2 1 
ATOM   81   N N   . LYS A 1 15 ? 2.540   9.304   0.593   1.00 24.32 ? 68  LYS A N   1 
ATOM   82   C CA  . LYS A 1 15 ? 1.524   9.582   -0.413  1.00 24.98 ? 68  LYS A CA  1 
ATOM   83   C C   . LYS A 1 15 ? 0.593   8.400   -0.672  1.00 23.63 ? 68  LYS A C   1 
ATOM   84   O O   . LYS A 1 15 ? -0.651  8.580   -0.790  1.00 23.54 ? 68  LYS A O   1 
ATOM   85   C CB  . LYS A 1 15 ? 2.233   9.946   -1.693  1.00 27.59 ? 68  LYS A CB  1 
ATOM   86   C CG  . LYS A 1 15 ? 1.344   10.084  -2.924  1.00 31.72 ? 68  LYS A CG  1 
ATOM   87   C CD  . LYS A 1 15 ? 2.229   10.644  -4.108  1.00 39.88 ? 68  LYS A CD  1 
ATOM   88   C CE  . LYS A 1 15 ? 1.823   10.092  -5.458  1.00 42.89 ? 68  LYS A CE  1 
ATOM   89   N NZ  . LYS A 1 15 ? 0.487   10.577  -5.865  1.00 44.86 ? 68  LYS A NZ  1 
ATOM   90   N N   . PHE A 1 16 ? 1.187   7.203   -0.792  1.00 20.85 ? 69  PHE A N   1 
ATOM   91   C CA  . PHE A 1 16 ? 0.404   5.993   -0.910  1.00 19.81 ? 69  PHE A CA  1 
ATOM   92   C C   . PHE A 1 16 ? -0.493  5.822   0.337   1.00 20.31 ? 69  PHE A C   1 
ATOM   93   O O   . PHE A 1 16 ? -1.697  5.576   0.240   1.00 20.45 ? 69  PHE A O   1 
ATOM   94   C CB  . PHE A 1 16 ? 1.328   4.796   -1.112  1.00 18.95 ? 69  PHE A CB  1 
ATOM   95   C CG  . PHE A 1 16 ? 0.627   3.487   -1.099  1.00 21.47 ? 69  PHE A CG  1 
ATOM   96   C CD1 . PHE A 1 16 ? 0.731   2.638   0.004   1.00 17.43 ? 69  PHE A CD1 1 
ATOM   97   C CD2 . PHE A 1 16 ? -0.173  3.098   -2.190  1.00 18.17 ? 69  PHE A CD2 1 
ATOM   98   C CE1 . PHE A 1 16 ? 0.071   1.420   -0.002  1.00 17.51 ? 69  PHE A CE1 1 
ATOM   99   C CE2 . PHE A 1 16 ? -0.843  1.877   -2.197  1.00 16.94 ? 69  PHE A CE2 1 
ATOM   100  C CZ  . PHE A 1 16 ? -0.697  1.007   -1.091  1.00 14.14 ? 69  PHE A CZ  1 
ATOM   101  N N   . PHE A 1 17 ? 0.085   6.006   1.523   1.00 21.38 ? 70  PHE A N   1 
ATOM   102  C CA  . PHE A 1 17 ? -0.633  5.870   2.777   1.00 21.40 ? 70  PHE A CA  1 
ATOM   103  C C   . PHE A 1 17 ? -1.867  6.788   2.739   1.00 23.03 ? 70  PHE A C   1 
ATOM   104  O O   . PHE A 1 17 ? -2.995  6.355   3.022   1.00 22.82 ? 70  PHE A O   1 
ATOM   105  C CB  . PHE A 1 17 ? 0.293   6.250   3.932   1.00 19.80 ? 70  PHE A CB  1 
ATOM   106  C CG  . PHE A 1 17 ? -0.390  6.318   5.282   1.00 20.75 ? 70  PHE A CG  1 
ATOM   107  C CD1 . PHE A 1 17 ? -0.690  5.132   6.013   1.00 17.55 ? 70  PHE A CD1 1 
ATOM   108  C CD2 . PHE A 1 17 ? -0.698  7.546   5.847   1.00 17.68 ? 70  PHE A CD2 1 
ATOM   109  C CE1 . PHE A 1 17 ? -1.255  5.198   7.294   1.00 20.02 ? 70  PHE A CE1 1 
ATOM   110  C CE2 . PHE A 1 17 ? -1.342  7.628   7.070   1.00 17.01 ? 70  PHE A CE2 1 
ATOM   111  C CZ  . PHE A 1 17 ? -1.594  6.452   7.850   1.00 17.74 ? 70  PHE A CZ  1 
ATOM   112  N N   . LEU A 1 18 ? -1.647  8.045   2.368   1.00 24.72 ? 71  LEU A N   1 
ATOM   113  C CA  . LEU A 1 18 ? -2.737  9.054   2.359   1.00 26.02 ? 71  LEU A CA  1 
ATOM   114  C C   . LEU A 1 18 ? -3.803  8.750   1.309   1.00 25.82 ? 71  LEU A C   1 
ATOM   115  O O   . LEU A 1 18 ? -5.000  8.838   1.604   1.00 24.78 ? 71  LEU A O   1 
ATOM   116  C CB  . LEU A 1 18 ? -2.166  10.455  2.141   1.00 26.35 ? 71  LEU A CB  1 
ATOM   117  C CG  . LEU A 1 18 ? -1.347  10.973  3.324   1.00 28.97 ? 71  LEU A CG  1 
ATOM   118  C CD1 . LEU A 1 18 ? -0.454  12.154  2.878   1.00 31.21 ? 71  LEU A CD1 1 
ATOM   119  C CD2 . LEU A 1 18 ? -2.241  11.324  4.501   1.00 29.92 ? 71  LEU A CD2 1 
ATOM   120  N N   . GLU A 1 19 ? -3.383  8.347   0.105   1.00 26.40 ? 72  GLU A N   1 
ATOM   121  C CA  . GLU A 1 19 ? -4.351  7.915   -0.939  1.00 26.94 ? 72  GLU A CA  1 
ATOM   122  C C   . GLU A 1 19 ? -5.218  6.759   -0.470  1.00 25.58 ? 72  GLU A C   1 
ATOM   123  O O   . GLU A 1 19 ? -6.412  6.684   -0.804  1.00 24.89 ? 72  GLU A O   1 
ATOM   124  C CB  . GLU A 1 19 ? -3.672  7.455   -2.236  1.00 26.82 ? 72  GLU A CB  1 
ATOM   125  C CG  . GLU A 1 19 ? -2.931  8.517   -2.995  1.00 35.53 ? 72  GLU A CG  1 
ATOM   126  C CD  . GLU A 1 19 ? -1.900  7.952   -4.028  1.00 44.84 ? 72  GLU A CD  1 
ATOM   127  O OE1 . GLU A 1 19 ? -1.247  8.791   -4.707  1.00 47.96 ? 72  GLU A OE1 1 
ATOM   128  O OE2 . GLU A 1 19 ? -1.714  6.692   -4.143  1.00 49.17 ? 72  GLU A OE2 1 
ATOM   129  N N   . GLU A 1 20 ? -4.626  5.813   0.256   1.00 25.14 ? 73  GLU A N   1 
ATOM   130  C CA  . GLU A 1 20 ? -5.372  4.566   0.589   1.00 24.37 ? 73  GLU A CA  1 
ATOM   131  C C   . GLU A 1 20 ? -6.372  4.869   1.653   1.00 24.90 ? 73  GLU A C   1 
ATOM   132  O O   . GLU A 1 20 ? -7.464  4.337   1.596   1.00 25.70 ? 73  GLU A O   1 
ATOM   133  C CB  . GLU A 1 20 ? -4.490  3.394   1.003   1.00 23.54 ? 73  GLU A CB  1 
ATOM   134  C CG  . GLU A 1 20 ? -3.627  2.844   -0.084  1.00 23.88 ? 73  GLU A CG  1 
ATOM   135  C CD  . GLU A 1 20 ? -4.416  2.380   -1.299  1.00 27.00 ? 73  GLU A CD  1 
ATOM   136  O OE1 . GLU A 1 20 ? -4.374  3.073   -2.349  1.00 26.81 ? 73  GLU A OE1 1 
ATOM   137  O OE2 . GLU A 1 20 ? -5.076  1.327   -1.193  1.00 25.60 ? 73  GLU A OE2 1 
ATOM   138  N N   . ILE A 1 21 ? -6.011  5.759   2.588   1.00 23.63 ? 74  ILE A N   1 
ATOM   139  C CA  . ILE A 1 21 ? -6.899  6.159   3.661   1.00 23.66 ? 74  ILE A CA  1 
ATOM   140  C C   . ILE A 1 21 ? -8.124  6.896   3.121   1.00 24.44 ? 74  ILE A C   1 
ATOM   141  O O   . ILE A 1 21 ? -9.259  6.635   3.537   1.00 23.63 ? 74  ILE A O   1 
ATOM   142  C CB  . ILE A 1 21 ? -6.179  7.110   4.694   1.00 24.24 ? 74  ILE A CB  1 
ATOM   143  C CG1 . ILE A 1 21 ? -5.138  6.347   5.541   1.00 24.93 ? 74  ILE A CG1 1 
ATOM   144  C CG2 . ILE A 1 21 ? -7.192  7.762   5.577   1.00 22.27 ? 74  ILE A CG2 1 
ATOM   145  C CD1 . ILE A 1 21 ? -5.725  5.499   6.750   1.00 26.25 ? 74  ILE A CD1 1 
ATOM   146  N N   . GLN A 1 22 ? -7.876  7.859   2.239   1.00 25.19 ? 75  GLN A N   1 
ATOM   147  C CA  . GLN A 1 22 ? -8.925  8.544   1.490   1.00 26.87 ? 75  GLN A CA  1 
ATOM   148  C C   . GLN A 1 22 ? -9.895  7.588   0.733   1.00 28.06 ? 75  GLN A C   1 
ATOM   149  O O   . GLN A 1 22 ? -11.109 7.667   0.889   1.00 30.30 ? 75  GLN A O   1 
ATOM   150  C CB  . GLN A 1 22 ? -8.307  9.565   0.513   1.00 24.74 ? 75  GLN A CB  1 
ATOM   151  C CG  . GLN A 1 22 ? -9.263  10.665  0.227   1.00 30.22 ? 75  GLN A CG  1 
ATOM   152  C CD  . GLN A 1 22 ? -8.847  11.550  -0.939  1.00 35.63 ? 75  GLN A CD  1 
ATOM   153  O OE1 . GLN A 1 22 ? -8.140  12.526  -0.752  1.00 37.05 ? 75  GLN A OE1 1 
ATOM   154  N NE2 . GLN A 1 22 ? -9.297  11.209  -2.141  1.00 37.32 ? 75  GLN A NE2 1 
ATOM   155  N N   . LEU A 1 23 ? -9.367  6.698   -0.092  1.00 28.35 ? 76  LEU A N   1 
ATOM   156  C CA  . LEU A 1 23 ? -10.187 5.704   -0.751  1.00 28.30 ? 76  LEU A CA  1 
ATOM   157  C C   . LEU A 1 23 ? -10.939 4.832   0.206   1.00 27.79 ? 76  LEU A C   1 
ATOM   158  O O   . LEU A 1 23 ? -12.113 4.476   -0.046  1.00 26.05 ? 76  LEU A O   1 
ATOM   159  C CB  . LEU A 1 23 ? -9.308  4.836   -1.634  1.00 27.77 ? 76  LEU A CB  1 
ATOM   160  C CG  . LEU A 1 23 ? -9.286  5.035   -3.154  1.00 32.76 ? 76  LEU A CG  1 
ATOM   161  C CD1 . LEU A 1 23 ? -9.534  6.470   -3.577  1.00 36.54 ? 76  LEU A CD1 1 
ATOM   162  C CD2 . LEU A 1 23 ? -7.993  4.434   -3.781  1.00 33.16 ? 76  LEU A CD2 1 
ATOM   163  N N   . GLY A 1 24 ? -10.253 4.450   1.288   1.00 27.01 ? 77  GLY A N   1 
ATOM   164  C CA  . GLY A 1 24 ? -10.841 3.624   2.336   1.00 26.14 ? 77  GLY A CA  1 
ATOM   165  C C   . GLY A 1 24 ? -12.086 4.320   2.855   1.00 27.26 ? 77  GLY A C   1 
ATOM   166  O O   . GLY A 1 24 ? -13.180 3.717   2.914   1.00 26.96 ? 77  GLY A O   1 
ATOM   167  N N   . GLU A 1 25 ? -11.927 5.593   3.202   1.00 27.76 ? 78  GLU A N   1 
ATOM   168  C CA  . GLU A 1 25 ? -12.976 6.382   3.808   1.00 30.61 ? 78  GLU A CA  1 
ATOM   169  C C   . GLU A 1 25 ? -14.167 6.597   2.838   1.00 32.35 ? 78  GLU A C   1 
ATOM   170  O O   . GLU A 1 25 ? -15.301 6.401   3.237   1.00 32.16 ? 78  GLU A O   1 
ATOM   171  C CB  . GLU A 1 25 ? -12.437 7.730   4.261   1.00 30.59 ? 78  GLU A CB  1 
ATOM   172  C CG  . GLU A 1 25 ? -13.564 8.668   4.733   1.00 37.71 ? 78  GLU A CG  1 
ATOM   173  C CD  . GLU A 1 25 ? -13.075 9.982   5.308   1.00 46.36 ? 78  GLU A CD  1 
ATOM   174  O OE1 . GLU A 1 25 ? -12.115 10.580  4.730   1.00 48.82 ? 78  GLU A OE1 1 
ATOM   175  O OE2 . GLU A 1 25 ? -13.678 10.406  6.332   1.00 49.29 ? 78  GLU A OE2 1 
ATOM   176  N N   . GLU A 1 26 ? -13.892 7.002   1.598   1.00 33.32 ? 79  GLU A N   1 
ATOM   177  C CA  . GLU A 1 26 ? -14.945 7.117   0.577   1.00 37.10 ? 79  GLU A CA  1 
ATOM   178  C C   . GLU A 1 26 ? -15.719 5.821   0.322   1.00 38.44 ? 79  GLU A C   1 
ATOM   179  O O   . GLU A 1 26 ? -16.945 5.824   0.430   1.00 40.07 ? 79  GLU A O   1 
ATOM   180  C CB  . GLU A 1 26 ? -14.364 7.630   -0.729  1.00 36.59 ? 79  GLU A CB  1 
ATOM   181  C CG  . GLU A 1 26 ? -13.708 9.019   -0.602  1.00 37.60 ? 79  GLU A CG  1 
ATOM   182  C CD  . GLU A 1 26 ? -12.877 9.359   -1.818  1.00 40.60 ? 79  GLU A CD  1 
ATOM   183  O OE1 . GLU A 1 26 ? -12.838 8.535   -2.745  1.00 45.17 ? 79  GLU A OE1 1 
ATOM   184  O OE2 . GLU A 1 26 ? -12.265 10.439  -1.886  1.00 45.42 ? 79  GLU A OE2 1 
ATOM   185  N N   . LEU A 1 27 ? -15.017 4.719   0.030   1.00 39.63 ? 80  LEU A N   1 
ATOM   186  C CA  . LEU A 1 27 ? -15.662 3.428   -0.156  1.00 40.53 ? 80  LEU A CA  1 
ATOM   187  C C   . LEU A 1 27 ? -16.542 2.998   0.985   1.00 42.66 ? 80  LEU A C   1 
ATOM   188  O O   . LEU A 1 27 ? -17.604 2.377   0.750   1.00 42.51 ? 80  LEU A O   1 
ATOM   189  C CB  . LEU A 1 27 ? -14.679 2.311   -0.452  1.00 39.68 ? 80  LEU A CB  1 
ATOM   190  C CG  . LEU A 1 27 ? -14.257 2.216   -1.907  1.00 40.44 ? 80  LEU A CG  1 
ATOM   191  C CD1 . LEU A 1 27 ? -12.864 1.650   -2.005  1.00 35.34 ? 80  LEU A CD1 1 
ATOM   192  C CD2 . LEU A 1 27 ? -15.291 1.380   -2.713  1.00 37.69 ? 80  LEU A CD2 1 
ATOM   193  N N   . LEU A 1 28 ? -16.133 3.310   2.212   1.00 43.70 ? 81  LEU A N   1 
ATOM   194  C CA  . LEU A 1 28 ? -16.941 2.912   3.346   1.00 45.88 ? 81  LEU A CA  1 
ATOM   195  C C   . LEU A 1 28 ? -18.163 3.803   3.467   1.00 47.45 ? 81  LEU A C   1 
ATOM   196  O O   . LEU A 1 28 ? -19.214 3.371   3.970   1.00 48.21 ? 81  LEU A O   1 
ATOM   197  C CB  . LEU A 1 28 ? -16.166 2.939   4.666   1.00 45.97 ? 81  LEU A CB  1 
ATOM   198  C CG  . LEU A 1 28 ? -15.042 1.932   4.929   1.00 46.63 ? 81  LEU A CG  1 
ATOM   199  C CD1 . LEU A 1 28 ? -14.287 2.403   6.174   1.00 48.02 ? 81  LEU A CD1 1 
ATOM   200  C CD2 . LEU A 1 28 ? -15.518 0.504   5.083   1.00 44.53 ? 81  LEU A CD2 1 
ATOM   201  N N   . ALA A 1 29 ? -18.007 5.058   3.056   1.00 49.00 ? 82  ALA A N   1 
ATOM   202  C CA  . ALA A 1 29 ? -19.113 6.003   3.112   1.00 49.85 ? 82  ALA A CA  1 
ATOM   203  C C   . ALA A 1 29 ? -20.165 5.441   2.146   1.00 50.48 ? 82  ALA A C   1 
ATOM   204  O O   . ALA A 1 29 ? -21.340 5.302   2.504   1.00 50.91 ? 82  ALA A O   1 
ATOM   205  C CB  . ALA A 1 29 ? -18.665 7.394   2.703   1.00 49.47 ? 82  ALA A CB  1 
ATOM   206  N N   . GLN A 1 30 ? -19.718 5.068   0.948   1.00 50.25 ? 83  GLN A N   1 
ATOM   207  C CA  . GLN A 1 30 ? -20.591 4.396   0.007   1.00 50.94 ? 83  GLN A CA  1 
ATOM   208  C C   . GLN A 1 30 ? -21.038 3.001   0.412   1.00 50.50 ? 83  GLN A C   1 
ATOM   209  O O   . GLN A 1 30 ? -21.761 2.359   -0.337  1.00 51.36 ? 83  GLN A O   1 
ATOM   210  C CB  . GLN A 1 30 ? -19.968 4.374   -1.380  1.00 50.40 ? 83  GLN A CB  1 
ATOM   211  C CG  . GLN A 1 30 ? -19.541 5.735   -1.771  1.00 51.20 ? 83  GLN A CG  1 
ATOM   212  C CD  . GLN A 1 30 ? -18.565 5.717   -2.888  1.00 54.84 ? 83  GLN A CD  1 
ATOM   213  O OE1 . GLN A 1 30 ? -18.321 4.670   -3.508  1.00 54.42 ? 83  GLN A OE1 1 
ATOM   214  N NE2 . GLN A 1 30 ? -17.979 6.884   -3.169  1.00 57.35 ? 83  GLN A NE2 1 
ATOM   215  N N   . GLY A 1 31 ? -20.661 2.534   1.593   1.00 50.85 ? 84  GLY A N   1 
ATOM   216  C CA  . GLY A 1 31 ? -21.066 1.197   2.025   1.00 50.13 ? 84  GLY A CA  1 
ATOM   217  C C   . GLY A 1 31 ? -20.446 0.024   1.243   1.00 49.88 ? 84  GLY A C   1 
ATOM   218  O O   . GLY A 1 31 ? -20.903 -1.118  1.400   1.00 50.24 ? 84  GLY A O   1 
ATOM   219  N N   . ASP A 1 32 ? -19.428 0.254   0.404   1.00 49.11 ? 85  ASP A N   1 
ATOM   220  C CA  . ASP A 1 32 ? -18.617 -0.899  -0.105  1.00 48.25 ? 85  ASP A CA  1 
ATOM   221  C C   . ASP A 1 32 ? -17.599 -1.270  0.978   1.00 47.95 ? 85  ASP A C   1 
ATOM   222  O O   . ASP A 1 32 ? -16.415 -0.915  0.909   1.00 47.83 ? 85  ASP A O   1 
ATOM   223  C CB  . ASP A 1 32 ? -17.940 -0.633  -1.476  1.00 47.88 ? 85  ASP A CB  1 
ATOM   224  C CG  . ASP A 1 32 ? -17.313 -1.935  -2.146  1.00 48.97 ? 85  ASP A CG  1 
ATOM   225  O OD1 . ASP A 1 32 ? -17.073 -1.855  -3.378  1.00 53.18 ? 85  ASP A OD1 1 
ATOM   226  O OD2 . ASP A 1 32 ? -17.040 -3.009  -1.501  1.00 44.52 ? 85  ASP A OD2 1 
ATOM   227  N N   . TYR A 1 33 ? -18.087 -1.976  1.992   1.00 47.55 ? 86  TYR A N   1 
ATOM   228  C CA  . TYR A 1 33 ? -17.297 -2.331  3.149   1.00 47.17 ? 86  TYR A CA  1 
ATOM   229  C C   . TYR A 1 33 ? -16.082 -3.172  2.801   1.00 45.93 ? 86  TYR A C   1 
ATOM   230  O O   . TYR A 1 33 ? -15.060 -3.127  3.487   1.00 45.46 ? 86  TYR A O   1 
ATOM   231  C CB  . TYR A 1 33 ? -18.156 -3.106  4.147   1.00 47.94 ? 86  TYR A CB  1 
ATOM   232  C CG  . TYR A 1 33 ? -19.158 -2.295  4.954   1.00 49.93 ? 86  TYR A CG  1 
ATOM   233  C CD1 . TYR A 1 33 ? -20.220 -2.940  5.607   1.00 52.12 ? 86  TYR A CD1 1 
ATOM   234  C CD2 . TYR A 1 33 ? -19.066 -0.900  5.059   1.00 51.60 ? 86  TYR A CD2 1 
ATOM   235  C CE1 . TYR A 1 33 ? -21.157 -2.216  6.376   1.00 54.22 ? 86  TYR A CE1 1 
ATOM   236  C CE2 . TYR A 1 33 ? -20.012 -0.160  5.805   1.00 53.41 ? 86  TYR A CE2 1 
ATOM   237  C CZ  . TYR A 1 33 ? -21.052 -0.830  6.464   1.00 54.69 ? 86  TYR A CZ  1 
ATOM   238  O OH  . TYR A 1 33 ? -21.985 -0.140  7.222   1.00 55.54 ? 86  TYR A OH  1 
ATOM   239  N N   . GLU A 1 34 ? -16.184 -3.936  1.729   1.00 44.43 ? 87  GLU A N   1 
ATOM   240  C CA  . GLU A 1 34 ? -15.146 -4.881  1.440   1.00 42.91 ? 87  GLU A CA  1 
ATOM   241  C C   . GLU A 1 34 ? -13.956 -4.170  0.815   1.00 40.16 ? 87  GLU A C   1 
ATOM   242  O O   . GLU A 1 34 ? -12.822 -4.343  1.267   1.00 39.10 ? 87  GLU A O   1 
ATOM   243  C CB  . GLU A 1 34 ? -15.656 -6.035  0.580   1.00 43.54 ? 87  GLU A CB  1 
ATOM   244  C CG  . GLU A 1 34 ? -15.147 -7.389  1.061   1.00 49.00 ? 87  GLU A CG  1 
ATOM   245  C CD  . GLU A 1 34 ? -15.609 -8.560  0.170   1.00 56.63 ? 87  GLU A CD  1 
ATOM   246  O OE1 . GLU A 1 34 ? -16.039 -8.300  -0.998  1.00 57.92 ? 87  GLU A OE1 1 
ATOM   247  O OE2 . GLU A 1 34 ? -15.549 -9.734  0.646   1.00 57.92 ? 87  GLU A OE2 1 
ATOM   248  N N   . LYS A 1 35 ? -14.204 -3.358  -0.194  1.00 36.71 ? 88  LYS A N   1 
ATOM   249  C CA  . LYS A 1 35 ? -13.120 -2.602  -0.789  1.00 34.51 ? 88  LYS A CA  1 
ATOM   250  C C   . LYS A 1 35 ? -12.577 -1.480  0.117   1.00 32.22 ? 88  LYS A C   1 
ATOM   251  O O   . LYS A 1 35 ? -11.393 -1.169  0.054   1.00 31.12 ? 88  LYS A O   1 
ATOM   252  C CB  . LYS A 1 35 ? -13.506 -2.023  -2.148  1.00 35.34 ? 88  LYS A CB  1 
ATOM   253  C CG  . LYS A 1 35 ? -13.570 -3.045  -3.283  1.00 40.44 ? 88  LYS A CG  1 
ATOM   254  C CD  . LYS A 1 35 ? -14.260 -2.451  -4.488  1.00 45.35 ? 88  LYS A CD  1 
ATOM   255  C CE  . LYS A 1 35 ? -14.134 -3.336  -5.720  1.00 51.11 ? 88  LYS A CE  1 
ATOM   256  N NZ  . LYS A 1 35 ? -14.534 -2.486  -6.902  1.00 52.47 ? 88  LYS A NZ  1 
ATOM   257  N N   . GLY A 1 36 ? -13.435 -0.858  0.923   1.00 29.93 ? 89  GLY A N   1 
ATOM   258  C CA  . GLY A 1 36 ? -12.972 0.172   1.846   1.00 28.97 ? 89  GLY A CA  1 
ATOM   259  C C   . GLY A 1 36 ? -11.935 -0.415  2.829   1.00 28.01 ? 89  GLY A C   1 
ATOM   260  O O   . GLY A 1 36 ? -10.906 0.173   3.063   1.00 28.08 ? 89  GLY A O   1 
ATOM   261  N N   . VAL A 1 37 ? -12.227 -1.588  3.366   1.00 27.31 ? 90  VAL A N   1 
ATOM   262  C CA  . VAL A 1 37 ? -11.359 -2.320  4.285   1.00 27.20 ? 90  VAL A CA  1 
ATOM   263  C C   . VAL A 1 37 ? -10.057 -2.764  3.649   1.00 26.18 ? 90  VAL A C   1 
ATOM   264  O O   . VAL A 1 37 ? -9.001  -2.747  4.322   1.00 24.11 ? 90  VAL A O   1 
ATOM   265  C CB  . VAL A 1 37 ? -12.156 -3.477  4.928   1.00 27.20 ? 90  VAL A CB  1 
ATOM   266  C CG1 . VAL A 1 37 ? -11.285 -4.486  5.719   1.00 27.54 ? 90  VAL A CG1 1 
ATOM   267  C CG2 . VAL A 1 37 ? -13.131 -2.846  5.887   1.00 29.53 ? 90  VAL A CG2 1 
ATOM   268  N N   . ASP A 1 38 ? -10.110 -3.087  2.349   1.00 26.28 ? 91  ASP A N   1 
ATOM   269  C CA  . ASP A 1 38 ? -8.918  -3.481  1.563   1.00 26.53 ? 91  ASP A CA  1 
ATOM   270  C C   . ASP A 1 38 ? -7.962  -2.317  1.503   1.00 24.60 ? 91  ASP A C   1 
ATOM   271  O O   . ASP A 1 38 ? -6.819  -2.467  1.781   1.00 25.64 ? 91  ASP A O   1 
ATOM   272  C CB  . ASP A 1 38 ? -9.322  -3.890  0.128   1.00 27.64 ? 91  ASP A CB  1 
ATOM   273  C CG  . ASP A 1 38 ? -9.903  -5.313  0.066   1.00 36.46 ? 91  ASP A CG  1 
ATOM   274  O OD1 . ASP A 1 38 ? -9.893  -6.053  1.132   1.00 41.01 ? 91  ASP A OD1 1 
ATOM   275  O OD2 . ASP A 1 38 ? -10.359 -5.712  -1.049  1.00 40.54 ? 91  ASP A OD2 1 
ATOM   276  N N   . HIS A 1 39 ? -8.469  -1.145  1.161   1.00 23.78 ? 92  HIS A N   1 
ATOM   277  C CA  . HIS A 1 39 ? -7.680  0.111   1.118   1.00 23.86 ? 92  HIS A CA  1 
ATOM   278  C C   . HIS A 1 39 ? -7.074  0.489   2.519   1.00 22.50 ? 92  HIS A C   1 
ATOM   279  O O   . HIS A 1 39 ? -5.847  0.662   2.655   1.00 22.58 ? 92  HIS A O   1 
ATOM   280  C CB  . HIS A 1 39 ? -8.507  1.243   0.461   1.00 22.84 ? 92  HIS A CB  1 
ATOM   281  C CG  . HIS A 1 39 ? -8.721  1.039   -1.020  1.00 28.22 ? 92  HIS A CG  1 
ATOM   282  N ND1 . HIS A 1 39 ? -7.682  1.031   -1.937  1.00 30.64 ? 92  HIS A ND1 1 
ATOM   283  C CD2 . HIS A 1 39 ? -9.850  0.770   -1.734  1.00 27.81 ? 92  HIS A CD2 1 
ATOM   284  C CE1 . HIS A 1 39 ? -8.163  0.794   -3.147  1.00 34.47 ? 92  HIS A CE1 1 
ATOM   285  N NE2 . HIS A 1 39 ? -9.475  0.626   -3.051  1.00 34.37 ? 92  HIS A NE2 1 
ATOM   286  N N   . LEU A 1 40 ? -7.915  0.510   3.558   1.00 21.81 ? 93  LEU A N   1 
ATOM   287  C CA  . LEU A 1 40 ? -7.443  0.704   4.960   1.00 21.71 ? 93  LEU A CA  1 
ATOM   288  C C   . LEU A 1 40 ? -6.353  -0.308  5.325   1.00 21.19 ? 93  LEU A C   1 
ATOM   289  O O   . LEU A 1 40 ? -5.380  0.070   5.949   1.00 22.15 ? 93  LEU A O   1 
ATOM   290  C CB  . LEU A 1 40 ? -8.589  0.688   6.003   1.00 19.77 ? 93  LEU A CB  1 
ATOM   291  C CG  . LEU A 1 40 ? -9.628  1.844   5.831   1.00 19.82 ? 93  LEU A CG  1 
ATOM   292  C CD1 . LEU A 1 40 ? -10.838 1.679   6.784   1.00 18.11 ? 93  LEU A CD1 1 
ATOM   293  C CD2 . LEU A 1 40 ? -9.027  3.280   5.886   1.00 19.12 ? 93  LEU A CD2 1 
ATOM   294  N N   . THR A 1 41 ? -6.495  -1.550  4.894   1.00 19.49 ? 94  THR A N   1 
ATOM   295  C CA  . THR A 1 41 ? -5.493  -2.590  5.180   1.00 21.47 ? 94  THR A CA  1 
ATOM   296  C C   . THR A 1 41 ? -4.121  -2.264  4.545   1.00 20.25 ? 94  THR A C   1 
ATOM   297  O O   . THR A 1 41 ? -3.073  -2.456  5.158   1.00 20.86 ? 94  THR A O   1 
ATOM   298  C CB  . THR A 1 41 ? -6.052  -3.987  4.666   1.00 22.48 ? 94  THR A CB  1 
ATOM   299  O OG1 . THR A 1 41 ? -7.144  -4.354  5.519   1.00 24.15 ? 94  THR A OG1 1 
ATOM   300  C CG2 . THR A 1 41 ? -5.080  -5.024  4.774   1.00 25.02 ? 94  THR A CG2 1 
ATOM   301  N N   . ASN A 1 42 ? -4.139  -1.798  3.299   1.00 18.87 ? 95  ASN A N   1 
ATOM   302  C CA  . ASN A 1 42 ? -2.935  -1.281  2.636   1.00 18.17 ? 95  ASN A CA  1 
ATOM   303  C C   . ASN A 1 42 ? -2.269  -0.127  3.408   1.00 16.10 ? 95  ASN A C   1 
ATOM   304  O O   . ASN A 1 42 ? -1.070  -0.107  3.516   1.00 17.71 ? 95  ASN A O   1 
ATOM   305  C CB  . ASN A 1 42 ? -3.235  -0.772  1.222   1.00 17.85 ? 95  ASN A CB  1 
ATOM   306  C CG  . ASN A 1 42 ? -3.643  -1.855  0.271   1.00 21.00 ? 95  ASN A CG  1 
ATOM   307  O OD1 . ASN A 1 42 ? -3.428  -3.003  0.548   1.00 21.79 ? 95  ASN A OD1 1 
ATOM   308  N ND2 . ASN A 1 42 ? -4.262  -1.480  -0.890  1.00 18.47 ? 95  ASN A ND2 1 
ATOM   309  N N   . ALA A 1 43 ? -3.028  0.815   3.941   1.00 14.80 ? 96  ALA A N   1 
ATOM   310  C CA  . ALA A 1 43 ? -2.454  1.903   4.686   1.00 15.30 ? 96  ALA A CA  1 
ATOM   311  C C   . ALA A 1 43 ? -1.839  1.373   6.001   1.00 15.88 ? 96  ALA A C   1 
ATOM   312  O O   . ALA A 1 43 ? -0.726  1.743   6.366   1.00 14.64 ? 96  ALA A O   1 
ATOM   313  C CB  . ALA A 1 43 ? -3.518  3.008   4.941   1.00 15.16 ? 96  ALA A CB  1 
ATOM   314  N N   . ILE A 1 44 ? -2.522  0.430   6.651   1.00 16.33 ? 97  ILE A N   1 
ATOM   315  C CA  . ILE A 1 44 ? -2.022  -0.161  7.911   1.00 16.59 ? 97  ILE A CA  1 
ATOM   316  C C   . ILE A 1 44 ? -0.740  -0.934  7.603   1.00 17.84 ? 97  ILE A C   1 
ATOM   317  O O   . ILE A 1 44 ? 0.272   -0.719  8.242   1.00 17.89 ? 97  ILE A O   1 
ATOM   318  C CB  . ILE A 1 44 ? -3.111  -1.042  8.573   1.00 17.93 ? 97  ILE A CB  1 
ATOM   319  C CG1 . ILE A 1 44 ? -4.297  -0.146  8.995   1.00 15.29 ? 97  ILE A CG1 1 
ATOM   320  C CG2 . ILE A 1 44 ? -2.464  -1.990  9.716   1.00 17.11 ? 97  ILE A CG2 1 
ATOM   321  C CD1 . ILE A 1 44 ? -5.706  -0.991  9.164   1.00 20.14 ? 97  ILE A CD1 1 
ATOM   322  N N   . ALA A 1 45 ? -0.731  -1.673  6.493   1.00 19.27 ? 98  ALA A N   1 
ATOM   323  C CA  . ALA A 1 45 ? 0.446   -2.500  6.112   1.00 19.03 ? 98  ALA A CA  1 
ATOM   324  C C   . ALA A 1 45 ? 1.774   -1.731  5.958   1.00 19.50 ? 98  ALA A C   1 
ATOM   325  O O   . ALA A 1 45 ? 2.895   -2.332  6.128   1.00 21.53 ? 98  ALA A O   1 
ATOM   326  C CB  . ALA A 1 45 ? 0.139   -3.262  4.806   1.00 18.02 ? 98  ALA A CB  1 
ATOM   327  N N   . VAL A 1 46 ? 1.695   -0.452  5.591   1.00 17.95 ? 99  VAL A N   1 
ATOM   328  C CA  . VAL A 1 46 ? 2.895   0.318   5.406   1.00 18.14 ? 99  VAL A CA  1 
ATOM   329  C C   . VAL A 1 46 ? 3.407   1.073   6.658   1.00 20.40 ? 99  VAL A C   1 
ATOM   330  O O   . VAL A 1 46 ? 4.395   1.791   6.577   1.00 20.47 ? 99  VAL A O   1 
ATOM   331  C CB  . VAL A 1 46 ? 2.890   1.246   4.101   1.00 17.67 ? 99  VAL A CB  1 
ATOM   332  C CG1 . VAL A 1 46 ? 2.807   0.363   2.813   1.00 15.73 ? 99  VAL A CG1 1 
ATOM   333  C CG2 . VAL A 1 46 ? 1.804   2.324   4.136   1.00 13.36 ? 99  VAL A CG2 1 
ATOM   334  N N   . CYS A 1 47 ? 2.717   0.919   7.788   1.00 21.62 ? 100 CYS A N   1 
ATOM   335  C CA  . CYS A 1 47 ? 3.101   1.575   9.038   1.00 23.01 ? 100 CYS A CA  1 
ATOM   336  C C   . CYS A 1 47 ? 3.811   0.574   9.910   1.00 22.89 ? 100 CYS A C   1 
ATOM   337  O O   . CYS A 1 47 ? 3.279   -0.487  10.184  1.00 20.95 ? 100 CYS A O   1 
ATOM   338  C CB  . CYS A 1 47 ? 1.841   2.040   9.794   1.00 22.80 ? 100 CYS A CB  1 
ATOM   339  S SG  . CYS A 1 47 ? 0.839   3.130   8.792   1.00 27.76 ? 100 CYS A SG  1 
ATOM   340  N N   . GLY A 1 48 ? 4.978   0.952   10.430  1.00 23.79 ? 101 GLY A N   1 
ATOM   341  C CA  . GLY A 1 48 ? 5.671   0.051   11.311  1.00 24.36 ? 101 GLY A CA  1 
ATOM   342  C C   . GLY A 1 48 ? 4.982   -0.135  12.630  1.00 25.47 ? 101 GLY A C   1 
ATOM   343  O O   . GLY A 1 48 ? 5.132   -1.168  13.275  1.00 26.09 ? 101 GLY A O   1 
ATOM   344  N N   . GLN A 1 49 ? 4.235   0.875   13.046  1.00 26.82 ? 102 GLN A N   1 
ATOM   345  C CA  . GLN A 1 49 ? 3.539   0.833   14.322  1.00 28.46 ? 102 GLN A CA  1 
ATOM   346  C C   . GLN A 1 49 ? 2.103   1.353   14.110  1.00 27.64 ? 102 GLN A C   1 
ATOM   347  O O   . GLN A 1 49 ? 1.836   2.545   14.335  1.00 27.44 ? 102 GLN A O   1 
ATOM   348  C CB  . GLN A 1 49 ? 4.295   1.663   15.355  1.00 29.67 ? 102 GLN A CB  1 
ATOM   349  C CG  . GLN A 1 49 ? 5.623   1.012   15.800  1.00 35.77 ? 102 GLN A CG  1 
ATOM   350  C CD  . GLN A 1 49 ? 6.342   1.849   16.863  1.00 45.00 ? 102 GLN A CD  1 
ATOM   351  O OE1 . GLN A 1 49 ? 6.858   2.972   16.592  1.00 45.77 ? 102 GLN A OE1 1 
ATOM   352  N NE2 . GLN A 1 49 ? 6.387   1.309   18.084  1.00 48.38 ? 102 GLN A NE2 1 
ATOM   353  N N   . PRO A 1 50 ? 1.194   0.476   13.640  1.00 26.52 ? 103 PRO A N   1 
ATOM   354  C CA  . PRO A 1 50 ? -0.162  0.931   13.288  1.00 27.11 ? 103 PRO A CA  1 
ATOM   355  C C   . PRO A 1 50 ? -1.128  1.104   14.493  1.00 27.32 ? 103 PRO A C   1 
ATOM   356  O O   . PRO A 1 50 ? -2.291  1.325   14.269  1.00 27.47 ? 103 PRO A O   1 
ATOM   357  C CB  . PRO A 1 50 ? -0.653  -0.189  12.401  1.00 25.48 ? 103 PRO A CB  1 
ATOM   358  C CG  . PRO A 1 50 ? -0.084  -1.400  12.996  1.00 26.31 ? 103 PRO A CG  1 
ATOM   359  C CD  . PRO A 1 50 ? 1.314   -0.985  13.496  1.00 26.43 ? 103 PRO A CD  1 
ATOM   360  N N   . GLN A 1 51 ? -0.649  1.018   15.739  1.00 28.55 ? 104 GLN A N   1 
ATOM   361  C CA  . GLN A 1 51 ? -1.536  0.992   16.966  1.00 29.67 ? 104 GLN A CA  1 
ATOM   362  C C   . GLN A 1 51 ? -2.409  2.212   17.079  1.00 30.07 ? 104 GLN A C   1 
ATOM   363  O O   . GLN A 1 51 ? -3.608  2.078   17.349  1.00 30.53 ? 104 GLN A O   1 
ATOM   364  C CB  . GLN A 1 51 ? -0.776  0.903   18.268  1.00 30.35 ? 104 GLN A CB  1 
ATOM   365  C CG  . GLN A 1 51 ? 0.057   -0.346  18.423  1.00 34.03 ? 104 GLN A CG  1 
ATOM   366  C CD  . GLN A 1 51 ? 1.488   -0.244  17.753  1.00 39.91 ? 104 GLN A CD  1 
ATOM   367  O OE1 . GLN A 1 51 ? 1.762   0.597   16.861  1.00 41.27 ? 104 GLN A OE1 1 
ATOM   368  N NE2 . GLN A 1 51 ? 2.383   -1.112  18.201  1.00 40.67 ? 104 GLN A NE2 1 
ATOM   369  N N   . GLN A 1 52 ? -1.826  3.395   16.882  1.00 28.39 ? 105 GLN A N   1 
ATOM   370  C CA  . GLN A 1 52 ? -2.606  4.604   16.952  1.00 28.38 ? 105 GLN A CA  1 
ATOM   371  C C   . GLN A 1 52 ? -3.641  4.738   15.831  1.00 26.57 ? 105 GLN A C   1 
ATOM   372  O O   . GLN A 1 52 ? -4.765  5.240   16.066  1.00 24.42 ? 105 GLN A O   1 
ATOM   373  C CB  . GLN A 1 52 ? -1.722  5.830   16.871  1.00 29.97 ? 105 GLN A CB  1 
ATOM   374  C CG  . GLN A 1 52 ? -2.559  7.109   17.100  1.00 37.95 ? 105 GLN A CG  1 
ATOM   375  C CD  . GLN A 1 52 ? -2.509  7.593   18.565  1.00 45.94 ? 105 GLN A CD  1 
ATOM   376  O OE1 . GLN A 1 52 ? -1.497  8.153   19.004  1.00 50.73 ? 105 GLN A OE1 1 
ATOM   377  N NE2 . GLN A 1 52 ? -3.602  7.409   19.301  1.00 47.89 ? 105 GLN A NE2 1 
ATOM   378  N N   . LEU A 1 53 ? -3.257  4.333   14.613  1.00 23.93 ? 106 LEU A N   1 
ATOM   379  C CA  . LEU A 1 53 ? -4.164  4.397   13.493  1.00 23.40 ? 106 LEU A CA  1 
ATOM   380  C C   . LEU A 1 53 ? -5.319  3.457   13.789  1.00 21.87 ? 106 LEU A C   1 
ATOM   381  O O   . LEU A 1 53 ? -6.463  3.754   13.480  1.00 20.78 ? 106 LEU A O   1 
ATOM   382  C CB  . LEU A 1 53 ? -3.459  3.965   12.204  1.00 23.16 ? 106 LEU A CB  1 
ATOM   383  C CG  . LEU A 1 53 ? -4.279  3.642   10.975  1.00 22.66 ? 106 LEU A CG  1 
ATOM   384  C CD1 . LEU A 1 53 ? -5.061  4.823   10.503  1.00 26.05 ? 106 LEU A CD1 1 
ATOM   385  C CD2 . LEU A 1 53 ? -3.364  3.196   9.872   1.00 21.82 ? 106 LEU A CD2 1 
ATOM   386  N N   . LEU A 1 54 ? -5.011  2.320   14.379  1.00 19.95 ? 107 LEU A N   1 
ATOM   387  C CA  . LEU A 1 54 ? -6.049  1.324   14.676  1.00 21.15 ? 107 LEU A CA  1 
ATOM   388  C C   . LEU A 1 54 ? -7.025  1.779   15.787  1.00 21.20 ? 107 LEU A C   1 
ATOM   389  O O   . LEU A 1 54 ? -8.256  1.587   15.701  1.00 21.52 ? 107 LEU A O   1 
ATOM   390  C CB  . LEU A 1 54 ? -5.421  -0.053  15.004  1.00 20.29 ? 107 LEU A CB  1 
ATOM   391  C CG  . LEU A 1 54 ? -4.910  -0.797  13.758  1.00 20.34 ? 107 LEU A CG  1 
ATOM   392  C CD1 . LEU A 1 54 ? -4.013  -1.955  14.251  1.00 19.69 ? 107 LEU A CD1 1 
ATOM   393  C CD2 . LEU A 1 54 ? -6.101  -1.357  13.021  1.00 13.31 ? 107 LEU A CD2 1 
ATOM   394  N N   . GLN A 1 55 ? -6.481  2.394   16.809  1.00 20.99 ? 108 GLN A N   1 
ATOM   395  C CA  . GLN A 1 55 ? -7.308  3.013   17.821  1.00 23.55 ? 108 GLN A CA  1 
ATOM   396  C C   . GLN A 1 55 ? -8.217  4.106   17.247  1.00 22.85 ? 108 GLN A C   1 
ATOM   397  O O   . GLN A 1 55 ? -9.404  4.170   17.619  1.00 22.66 ? 108 GLN A O   1 
ATOM   398  C CB  . GLN A 1 55 ? -6.481  3.544   18.989  1.00 24.41 ? 108 GLN A CB  1 
ATOM   399  C CG  . GLN A 1 55 ? -7.290  4.496   19.961  1.00 32.05 ? 108 GLN A CG  1 
ATOM   400  C CD  . GLN A 1 55 ? -6.402  5.214   21.004  1.00 40.10 ? 108 GLN A CD  1 
ATOM   401  O OE1 . GLN A 1 55 ? -6.365  6.458   21.082  1.00 46.90 ? 108 GLN A OE1 1 
ATOM   402  N NE2 . GLN A 1 55 ? -5.682  4.433   21.787  1.00 41.97 ? 108 GLN A NE2 1 
ATOM   403  N N   . VAL A 1 56 ? -7.715  4.930   16.325  1.00 23.42 ? 109 VAL A N   1 
ATOM   404  C CA  . VAL A 1 56 ? -8.556  5.968   15.654  1.00 22.81 ? 109 VAL A CA  1 
ATOM   405  C C   . VAL A 1 56 ? -9.646  5.272   14.811  1.00 22.76 ? 109 VAL A C   1 
ATOM   406  O O   . VAL A 1 56 ? -10.821 5.558   14.904  1.00 23.68 ? 109 VAL A O   1 
ATOM   407  C CB  . VAL A 1 56 ? -7.663  6.875   14.776  1.00 23.63 ? 109 VAL A CB  1 
ATOM   408  C CG1 . VAL A 1 56 ? -8.452  7.760   13.873  1.00 24.16 ? 109 VAL A CG1 1 
ATOM   409  C CG2 . VAL A 1 56 ? -6.757  7.723   15.682  1.00 23.32 ? 109 VAL A CG2 1 
ATOM   410  N N   . LEU A 1 57 ? -9.264  4.318   13.995  1.00 22.18 ? 110 LEU A N   1 
ATOM   411  C CA  . LEU A 1 57 ? -10.249 3.541   13.258  1.00 20.06 ? 110 LEU A CA  1 
ATOM   412  C C   . LEU A 1 57 ? -11.294 2.823   14.147  1.00 20.08 ? 110 LEU A C   1 
ATOM   413  O O   . LEU A 1 57 ? -12.480 2.745   13.812  1.00 19.33 ? 110 LEU A O   1 
ATOM   414  C CB  . LEU A 1 57 ? -9.534  2.566   12.314  1.00 19.90 ? 110 LEU A CB  1 
ATOM   415  C CG  . LEU A 1 57 ? -8.774  3.179   11.125  1.00 21.64 ? 110 LEU A CG  1 
ATOM   416  C CD1 . LEU A 1 57 ? -7.970  2.081   10.393  1.00 20.63 ? 110 LEU A CD1 1 
ATOM   417  C CD2 . LEU A 1 57 ? -9.747  3.879   10.166  1.00 19.84 ? 110 LEU A CD2 1 
ATOM   418  N N   . GLN A 1 58 ? -10.891 2.317   15.291  1.00 20.31 ? 111 GLN A N   1 
ATOM   419  C CA  . GLN A 1 58 ? -11.871 1.660   16.175  1.00 21.56 ? 111 GLN A CA  1 
ATOM   420  C C   . GLN A 1 58 ? -12.942 2.694   16.641  1.00 22.79 ? 111 GLN A C   1 
ATOM   421  O O   . GLN A 1 58 ? -14.111 2.315   16.864  1.00 21.42 ? 111 GLN A O   1 
ATOM   422  C CB  . GLN A 1 58 ? -11.183 0.984   17.363  1.00 21.19 ? 111 GLN A CB  1 
ATOM   423  C CG  . GLN A 1 58 ? -12.110 0.131   18.307  1.00 26.00 ? 111 GLN A CG  1 
ATOM   424  C CD  . GLN A 1 58 ? -12.612 0.927   19.518  1.00 30.90 ? 111 GLN A CD  1 
ATOM   425  O OE1 . GLN A 1 58 ? -11.961 1.887   19.948  1.00 30.52 ? 111 GLN A OE1 1 
ATOM   426  N NE2 . GLN A 1 58 ? -13.766 0.507   20.093  1.00 30.21 ? 111 GLN A NE2 1 
ATOM   427  N N   . GLN A 1 59 ? -12.552 3.986   16.741  1.00 22.59 ? 112 GLN A N   1 
ATOM   428  C CA  . GLN A 1 59 ? -13.464 5.027   17.245  1.00 23.83 ? 112 GLN A CA  1 
ATOM   429  C C   . GLN A 1 59 ? -14.412 5.557   16.146  1.00 24.68 ? 112 GLN A C   1 
ATOM   430  O O   . GLN A 1 59 ? -15.394 6.220   16.412  1.00 26.51 ? 112 GLN A O   1 
ATOM   431  C CB  . GLN A 1 59 ? -12.677 6.155   17.926  1.00 23.05 ? 112 GLN A CB  1 
ATOM   432  C CG  . GLN A 1 59 ? -11.978 5.647   19.157  1.00 24.71 ? 112 GLN A CG  1 
ATOM   433  C CD  . GLN A 1 59 ? -12.996 5.319   20.281  1.00 26.47 ? 112 GLN A CD  1 
ATOM   434  O OE1 . GLN A 1 59 ? -13.579 6.200   20.868  1.00 26.77 ? 112 GLN A OE1 1 
ATOM   435  N NE2 . GLN A 1 59 ? -13.190 4.054   20.561  1.00 29.15 ? 112 GLN A NE2 1 
ATOM   436  N N   . THR A 1 60 ? -14.125 5.196   14.919  1.00 25.11 ? 113 THR A N   1 
ATOM   437  C CA  . THR A 1 60 ? -14.668 5.792   13.712  1.00 26.02 ? 113 THR A CA  1 
ATOM   438  C C   . THR A 1 60 ? -15.544 4.773   12.963  1.00 25.06 ? 113 THR A C   1 
ATOM   439  O O   . THR A 1 60 ? -16.376 5.140   12.172  1.00 26.22 ? 113 THR A O   1 
ATOM   440  C CB  . THR A 1 60 ? -13.378 6.190   12.843  1.00 26.50 ? 113 THR A CB  1 
ATOM   441  O OG1 . THR A 1 60 ? -13.052 7.575   13.091  1.00 33.68 ? 113 THR A OG1 1 
ATOM   442  C CG2 . THR A 1 60 ? -13.570 6.019   11.390  1.00 31.57 ? 113 THR A CG2 1 
ATOM   443  N N   . LEU A 1 61 ? -15.327 3.483   13.174  1.00 23.79 ? 114 LEU A N   1 
ATOM   444  C CA  . LEU A 1 61 ? -16.023 2.452   12.420  1.00 23.74 ? 114 LEU A CA  1 
ATOM   445  C C   . LEU A 1 61 ? -17.030 1.759   13.275  1.00 22.92 ? 114 LEU A C   1 
ATOM   446  O O   . LEU A 1 61 ? -16.812 1.628   14.495  1.00 23.24 ? 114 LEU A O   1 
ATOM   447  C CB  . LEU A 1 61 ? -15.050 1.361   11.914  1.00 22.24 ? 114 LEU A CB  1 
ATOM   448  C CG  . LEU A 1 61 ? -13.988 1.918   10.964  1.00 24.52 ? 114 LEU A CG  1 
ATOM   449  C CD1 . LEU A 1 61 ? -12.913 0.911   10.723  1.00 19.44 ? 114 LEU A CD1 1 
ATOM   450  C CD2 . LEU A 1 61 ? -14.634 2.397   9.666   1.00 24.77 ? 114 LEU A CD2 1 
ATOM   451  N N   . PRO A 1 62 ? -18.064 1.191   12.636  1.00 23.23 ? 115 PRO A N   1 
ATOM   452  C CA  . PRO A 1 62 ? -18.940 0.272   13.439  1.00 23.39 ? 115 PRO A CA  1 
ATOM   453  C C   . PRO A 1 62 ? -18.174 -0.972  13.895  1.00 23.60 ? 115 PRO A C   1 
ATOM   454  O O   . PRO A 1 62 ? -17.288 -1.436  13.172  1.00 24.49 ? 115 PRO A O   1 
ATOM   455  C CB  . PRO A 1 62 ? -20.051 -0.085  12.478  1.00 23.38 ? 115 PRO A CB  1 
ATOM   456  C CG  . PRO A 1 62 ? -20.017 1.095   11.385  1.00 23.76 ? 115 PRO A CG  1 
ATOM   457  C CD  . PRO A 1 62 ? -18.608 1.518   11.302  1.00 22.26 ? 115 PRO A CD  1 
ATOM   458  N N   . PRO A 1 63 ? -18.464 -1.478  15.109  1.00 23.53 ? 116 PRO A N   1 
ATOM   459  C CA  . PRO A 1 63 ? -17.719 -2.624  15.595  1.00 24.37 ? 116 PRO A CA  1 
ATOM   460  C C   . PRO A 1 63 ? -17.555 -3.775  14.643  1.00 25.58 ? 116 PRO A C   1 
ATOM   461  O O   . PRO A 1 63 ? -16.424 -4.249  14.533  1.00 26.28 ? 116 PRO A O   1 
ATOM   462  C CB  . PRO A 1 63 ? -18.491 -3.043  16.859  1.00 23.99 ? 116 PRO A CB  1 
ATOM   463  C CG  . PRO A 1 63 ? -18.968 -1.665  17.412  1.00 23.09 ? 116 PRO A CG  1 
ATOM   464  C CD  . PRO A 1 63 ? -19.360 -0.919  16.152  1.00 22.25 ? 116 PRO A CD  1 
ATOM   465  N N   . PRO A 1 64 ? -18.642 -4.245  13.967  1.00 27.10 ? 117 PRO A N   1 
ATOM   466  C CA  . PRO A 1 64 ? -18.392 -5.437  13.091  1.00 27.26 ? 117 PRO A CA  1 
ATOM   467  C C   . PRO A 1 64 ? -17.467 -5.063  11.914  1.00 27.19 ? 117 PRO A C   1 
ATOM   468  O O   . PRO A 1 64 ? -16.736 -5.910  11.421  1.00 28.06 ? 117 PRO A O   1 
ATOM   469  C CB  . PRO A 1 64 ? -19.777 -5.806  12.535  1.00 28.40 ? 117 PRO A CB  1 
ATOM   470  C CG  . PRO A 1 64 ? -20.727 -4.611  12.886  1.00 28.97 ? 117 PRO A CG  1 
ATOM   471  C CD  . PRO A 1 64 ? -19.952 -3.597  13.723  1.00 25.95 ? 117 PRO A CD  1 
ATOM   472  N N   . VAL A 1 65 ? -17.518 -3.815  11.459  1.00 25.69 ? 118 VAL A N   1 
ATOM   473  C CA  . VAL A 1 65 ? -16.624 -3.366  10.382  1.00 24.84 ? 118 VAL A CA  1 
ATOM   474  C C   . VAL A 1 65 ? -15.145 -3.315  10.841  1.00 25.36 ? 118 VAL A C   1 
ATOM   475  O O   . VAL A 1 65 ? -14.270 -3.718  10.096  1.00 25.16 ? 118 VAL A O   1 
ATOM   476  C CB  . VAL A 1 65 ? -17.044 -2.012  9.798   1.00 24.79 ? 118 VAL A CB  1 
ATOM   477  C CG1 . VAL A 1 65 ? -16.131 -1.655  8.609   1.00 21.97 ? 118 VAL A CG1 1 
ATOM   478  C CG2 . VAL A 1 65 ? -18.542 -2.077  9.335   1.00 24.52 ? 118 VAL A CG2 1 
ATOM   479  N N   . PHE A 1 66 ? -14.896 -2.846  12.070  1.00 23.70 ? 119 PHE A N   1 
ATOM   480  C CA  . PHE A 1 66 ? -13.581 -2.839  12.620  1.00 23.14 ? 119 PHE A CA  1 
ATOM   481  C C   . PHE A 1 66 ? -13.047 -4.250  12.825  1.00 24.24 ? 119 PHE A C   1 
ATOM   482  O O   . PHE A 1 66 ? -11.870 -4.504  12.584  1.00 22.37 ? 119 PHE A O   1 
ATOM   483  C CB  . PHE A 1 66 ? -13.568 -2.105  13.930  1.00 20.55 ? 119 PHE A CB  1 
ATOM   484  C CG  . PHE A 1 66 ? -12.199 -2.073  14.587  1.00 23.43 ? 119 PHE A CG  1 
ATOM   485  C CD1 . PHE A 1 66 ? -11.168 -1.304  14.051  1.00 21.82 ? 119 PHE A CD1 1 
ATOM   486  C CD2 . PHE A 1 66 ? -11.966 -2.752  15.763  1.00 23.82 ? 119 PHE A CD2 1 
ATOM   487  C CE1 . PHE A 1 66 ? -9.962  -1.256  14.657  1.00 23.40 ? 119 PHE A CE1 1 
ATOM   488  C CE2 . PHE A 1 66 ? -10.686 -2.699  16.378  1.00 25.40 ? 119 PHE A CE2 1 
ATOM   489  C CZ  . PHE A 1 66 ? -9.714  -1.979  15.817  1.00 21.78 ? 119 PHE A CZ  1 
ATOM   490  N N   . GLN A 1 67 ? -13.893 -5.133  13.362  1.00 25.51 ? 120 GLN A N   1 
ATOM   491  C CA  A GLN A 1 67 ? -13.639 -6.568  13.473  0.50 27.34 ? 120 GLN A CA  1 
ATOM   492  C CA  B GLN A 1 67 ? -13.477 -6.521  13.537  0.50 26.98 ? 120 GLN A CA  1 
ATOM   493  C C   . GLN A 1 67 ? -13.091 -7.151  12.210  1.00 27.35 ? 120 GLN A C   1 
ATOM   494  O O   . GLN A 1 67 ? -12.123 -7.886  12.194  1.00 28.98 ? 120 GLN A O   1 
ATOM   495  C CB  A GLN A 1 67 ? -14.980 -7.302  13.648  0.50 27.22 ? 120 GLN A CB  1 
ATOM   496  C CB  B GLN A 1 67 ? -14.551 -7.389  14.242  0.50 27.10 ? 120 GLN A CB  1 
ATOM   497  C CG  A GLN A 1 67 ? -15.161 -7.902  14.963  0.50 29.18 ? 120 GLN A CG  1 
ATOM   498  C CG  B GLN A 1 67 ? -14.296 -7.571  15.726  0.50 27.41 ? 120 GLN A CG  1 
ATOM   499  C CD  A GLN A 1 67 ? -15.268 -6.855  16.001  0.50 32.86 ? 120 GLN A CD  1 
ATOM   500  C CD  B GLN A 1 67 ? -14.075 -9.020  16.200  0.50 27.27 ? 120 GLN A CD  1 
ATOM   501  O OE1 A GLN A 1 67 ? -14.248 -6.403  16.576  0.50 34.65 ? 120 GLN A OE1 1 
ATOM   502  O OE1 B GLN A 1 67 ? -14.681 -10.023 15.690  0.50 21.86 ? 120 GLN A OE1 1 
ATOM   503  N NE2 A GLN A 1 67 ? -16.499 -6.421  16.251  0.50 30.88 ? 120 GLN A NE2 1 
ATOM   504  N NE2 B GLN A 1 67 ? -13.228 -9.131  17.236  0.50 25.87 ? 120 GLN A NE2 1 
ATOM   505  N N   . MET A 1 68 ? -13.829 -6.882  11.145  1.00 27.90 ? 121 MET A N   1 
ATOM   506  C CA  . MET A 1 68 ? -13.519 -7.431  9.870   1.00 29.35 ? 121 MET A CA  1 
ATOM   507  C C   . MET A 1 68 ? -12.116 -6.969  9.516   1.00 29.38 ? 121 MET A C   1 
ATOM   508  O O   . MET A 1 68 ? -11.292 -7.766  9.018   1.00 30.49 ? 121 MET A O   1 
ATOM   509  C CB  . MET A 1 68 ? -14.488 -6.874  8.839   1.00 31.23 ? 121 MET A CB  1 
ATOM   510  C CG  . MET A 1 68 ? -14.379 -7.508  7.435   1.00 35.89 ? 121 MET A CG  1 
ATOM   511  S SD  . MET A 1 68 ? -15.477 -6.723  6.215   1.00 47.23 ? 121 MET A SD  1 
ATOM   512  C CE  . MET A 1 68 ? -16.687 -5.881  7.245   1.00 49.61 ? 121 MET A CE  1 
ATOM   513  N N   . LEU A 1 69 ? -11.847 -5.682  9.759   1.00 27.66 ? 122 LEU A N   1 
ATOM   514  C CA  . LEU A 1 69 ? -10.584 -5.079  9.422   1.00 25.21 ? 122 LEU A CA  1 
ATOM   515  C C   . LEU A 1 69 ? -9.454  -5.797  10.144  1.00 25.02 ? 122 LEU A C   1 
ATOM   516  O O   . LEU A 1 69 ? -8.455  -6.089  9.520   1.00 24.93 ? 122 LEU A O   1 
ATOM   517  C CB  . LEU A 1 69 ? -10.616 -3.619  9.770   1.00 25.59 ? 122 LEU A CB  1 
ATOM   518  C CG  . LEU A 1 69 ? -9.400  -2.773  9.416   1.00 26.65 ? 122 LEU A CG  1 
ATOM   519  C CD1 . LEU A 1 69 ? -9.866  -1.365  9.672   1.00 27.89 ? 122 LEU A CD1 1 
ATOM   520  C CD2 . LEU A 1 69 ? -8.399  -3.185  10.415  1.00 27.71 ? 122 LEU A CD2 1 
ATOM   521  N N   . LEU A 1 70 ? -9.658  -6.168  11.416  1.00 23.81 ? 123 LEU A N   1 
ATOM   522  C CA  . LEU A 1 70 ? -8.687  -6.961  12.168  1.00 24.59 ? 123 LEU A CA  1 
ATOM   523  C C   . LEU A 1 70 ? -8.377  -8.349  11.588  1.00 25.52 ? 123 LEU A C   1 
ATOM   524  O O   . LEU A 1 70 ? -7.260  -8.798  11.716  1.00 23.86 ? 123 LEU A O   1 
ATOM   525  C CB  . LEU A 1 70 ? -9.092  -7.129  13.633  1.00 24.93 ? 123 LEU A CB  1 
ATOM   526  C CG  . LEU A 1 70 ? -9.315  -5.856  14.472  1.00 24.72 ? 123 LEU A CG  1 
ATOM   527  C CD1 . LEU A 1 70 ? -9.917  -6.224  15.776  1.00 23.70 ? 123 LEU A CD1 1 
ATOM   528  C CD2 . LEU A 1 70 ? -7.966  -5.172  14.670  1.00 25.15 ? 123 LEU A CD2 1 
ATOM   529  N N   . THR A 1 71 ? -9.348  -9.001  10.925  1.00 27.23 ? 124 THR A N   1 
ATOM   530  C CA  . THR A 1 71 ? -9.126  -10.353 10.424  1.00 28.25 ? 124 THR A CA  1 
ATOM   531  C C   . THR A 1 71 ? -8.157  -10.303 9.210   1.00 30.56 ? 124 THR A C   1 
ATOM   532  O O   . THR A 1 71 ? -7.392  -11.252 8.952   1.00 30.64 ? 124 THR A O   1 
ATOM   533  C CB  . THR A 1 71 ? -10.436 -11.083 10.053  1.00 27.67 ? 124 THR A CB  1 
ATOM   534  O OG1 . THR A 1 71 ? -11.054 -10.452 8.946   1.00 28.30 ? 124 THR A OG1 1 
ATOM   535  C CG2 . THR A 1 71 ? -11.439 -11.170 11.217  1.00 29.87 ? 124 THR A CG2 1 
ATOM   536  N N   . LYS A 1 72 ? -8.163  -9.170  8.504   1.00 31.76 ? 125 LYS A N   1 
ATOM   537  C CA  . LYS A 1 72 ? -7.336  -8.980  7.339   1.00 33.32 ? 125 LYS A CA  1 
ATOM   538  C C   . LYS A 1 72 ? -5.954  -8.487  7.707   1.00 35.47 ? 125 LYS A C   1 
ATOM   539  O O   . LYS A 1 72 ? -5.109  -8.325  6.824   1.00 36.49 ? 125 LYS A O   1 
ATOM   540  C CB  . LYS A 1 72 ? -8.047  -8.056  6.340   1.00 32.77 ? 125 LYS A CB  1 
ATOM   541  C CG  . LYS A 1 72 ? -9.284  -8.738  5.806   1.00 34.76 ? 125 LYS A CG  1 
ATOM   542  C CD  . LYS A 1 72 ? -10.089 -7.864  4.870   1.00 42.87 ? 125 LYS A CD  1 
ATOM   543  C CE  . LYS A 1 72 ? -11.463 -8.490  4.540   1.00 42.26 ? 125 LYS A CE  1 
ATOM   544  N NZ  . LYS A 1 72 ? -11.365 -9.962  4.354   1.00 46.70 ? 125 LYS A NZ  1 
ATOM   545  N N   . LEU A 1 73 ? -5.719  -8.348  9.019   1.00 38.85 ? 126 LEU A N   1 
ATOM   546  C CA  . LEU A 1 73 ? -4.546  -7.677  9.694   1.00 40.84 ? 126 LEU A CA  1 
ATOM   547  C C   . LEU A 1 73 ? -4.639  -6.173  10.165  1.00 43.10 ? 126 LEU A C   1 
ATOM   548  O O   . LEU A 1 73 ? -4.549  -5.213  9.344   1.00 43.59 ? 126 LEU A O   1 
ATOM   549  C CB  . LEU A 1 73 ? -3.276  -7.918  8.900   1.00 42.10 ? 126 LEU A CB  1 
ATOM   550  C CG  . LEU A 1 73 ? -2.492  -9.077  9.481   1.00 42.27 ? 126 LEU A CG  1 
ATOM   551  C CD1 . LEU A 1 73 ? -3.053  -10.351 8.952   1.00 38.11 ? 126 LEU A CD1 1 
ATOM   552  C CD2 . LEU A 1 73 ? -1.002  -8.872  9.155   1.00 46.62 ? 126 LEU A CD2 1 
ATOM   553  O OXT . LEU A 1 73 ? -4.781  -5.829  11.383  1.00 42.98 ? 126 LEU A OXT 1 
ATOM   554  N N   . GLY B 2 1  ? -13.899 12.790  0.504   1.00 43.53 ? 12  GLY B N   1 
ATOM   555  C CA  . GLY B 2 1  ? -12.904 12.059  1.375   1.00 42.97 ? 12  GLY B CA  1 
ATOM   556  C C   . GLY B 2 1  ? -11.728 12.929  1.793   1.00 42.21 ? 12  GLY B C   1 
ATOM   557  O O   . GLY B 2 1  ? -11.323 13.816  1.032   1.00 42.57 ? 12  GLY B O   1 
HETATM 558  N N   . DCY B 2 2  ? -11.160 12.687  2.980   1.00 40.72 ? 13  DCY B N   1 
HETATM 559  C CA  . DCY B 2 2  ? -10.051 13.512  3.460   1.00 40.05 ? 13  DCY B CA  1 
HETATM 560  C C   . DCY B 2 2  ? -10.085 13.745  4.976   1.00 39.96 ? 13  DCY B C   1 
HETATM 561  O O   . DCY B 2 2  ? -9.048  13.878  5.607   1.00 39.88 ? 13  DCY B O   1 
HETATM 562  C CB  . DCY B 2 2  ? -8.682  12.944  3.006   1.00 39.87 ? 13  DCY B CB  1 
HETATM 563  S SG  . DCY B 2 2  ? -8.152  11.438  3.895   1.00 41.65 ? 13  DCY B SG  1 
ATOM   564  N N   . ARG B 2 3  ? -11.274 13.805  5.566   1.00 39.16 ? 14  ARG B N   1 
ATOM   565  C CA  . ARG B 2 3  ? -11.385 14.072  7.012   1.00 39.66 ? 14  ARG B CA  1 
ATOM   566  C C   . ARG B 2 3  ? -10.588 13.081  7.873   1.00 37.65 ? 14  ARG B C   1 
ATOM   567  O O   . ARG B 2 3  ? -10.035 13.447  8.902   1.00 38.24 ? 14  ARG B O   1 
ATOM   568  C CB  . ARG B 2 3  ? -12.870 14.113  7.416   1.00 39.85 ? 14  ARG B CB  1 
ATOM   569  C CG  . ARG B 2 3  ? -13.198 13.352  8.664   1.00 43.73 ? 14  ARG B CG  1 
ATOM   570  C CD  . ARG B 2 3  ? -14.483 12.486  8.485   1.00 53.30 ? 14  ARG B CD  1 
ATOM   571  N NE  . ARG B 2 3  ? -14.734 11.555  9.606   1.00 57.92 ? 14  ARG B NE  1 
ATOM   572  C CZ  . ARG B 2 3  ? -14.515 11.819  10.908  1.00 59.42 ? 14  ARG B CZ  1 
ATOM   573  N NH1 . ARG B 2 3  ? -14.051 13.012  11.305  1.00 59.71 ? 14  ARG B NH1 1 
ATOM   574  N NH2 . ARG B 2 3  ? -14.786 10.894  11.829  1.00 56.25 ? 14  ARG B NH2 1 
ATOM   575  N N   . LEU B 2 4  ? -10.569 11.815  7.455   1.00 35.87 ? 15  LEU B N   1 
ATOM   576  C CA  . LEU B 2 4  ? -9.729  10.782  8.083   1.00 34.10 ? 15  LEU B CA  1 
ATOM   577  C C   . LEU B 2 4  ? -8.239  11.119  8.063   1.00 32.34 ? 15  LEU B C   1 
ATOM   578  O O   . LEU B 2 4  ? -7.607  11.014  9.097   1.00 31.96 ? 15  LEU B O   1 
ATOM   579  C CB  . LEU B 2 4  ? -9.994  9.389   7.491   1.00 33.78 ? 15  LEU B CB  1 
ATOM   580  C CG  . LEU B 2 4  ? -9.427  8.213   8.272   1.00 34.71 ? 15  LEU B CG  1 
ATOM   581  C CD1 . LEU B 2 4  ? -9.488  8.364   9.831   1.00 33.36 ? 15  LEU B CD1 1 
ATOM   582  C CD2 . LEU B 2 4  ? -10.122 6.877   7.791   1.00 33.72 ? 15  LEU B CD2 1 
ATOM   583  N N   . CYS B 2 5  ? -7.691  11.552  6.940   1.00 32.38 ? 16  CYS B N   1 
ATOM   584  C CA  . CYS B 2 5  ? -6.271  11.961  6.909   1.00 35.20 ? 16  CYS B CA  1 
ATOM   585  C C   . CYS B 2 5  ? -5.935  13.075  7.913   1.00 35.09 ? 16  CYS B C   1 
ATOM   586  O O   . CYS B 2 5  ? -4.867  13.041  8.534   1.00 34.17 ? 16  CYS B O   1 
ATOM   587  C CB  . CYS B 2 5  ? -5.851  12.436  5.523   1.00 34.82 ? 16  CYS B CB  1 
ATOM   588  S SG  . CYS B 2 5  ? -6.113  11.206  4.165   1.00 42.78 ? 16  CYS B SG  1 
ATOM   589  N N   . ARG B 2 6  ? -6.867  14.031  8.023   1.00 35.52 ? 17  ARG B N   1 
ATOM   590  C CA  . ARG B 2 6  ? -6.781  15.280  8.837   1.00 37.03 ? 17  ARG B CA  1 
ATOM   591  C C   . ARG B 2 6  ? -6.783  14.842  10.290  1.00 35.74 ? 17  ARG B C   1 
ATOM   592  O O   . ARG B 2 6  ? -5.951  15.250  11.121  1.00 34.74 ? 17  ARG B O   1 
ATOM   593  C CB  . ARG B 2 6  ? -8.064  16.112  8.603   1.00 38.10 ? 17  ARG B CB  1 
ATOM   594  C CG  . ARG B 2 6  ? -7.956  17.577  8.193   1.00 45.08 ? 17  ARG B CG  1 
ATOM   595  C CD  . ARG B 2 6  ? -8.196  17.821  6.660   1.00 52.87 ? 17  ARG B CD  1 
ATOM   596  N NE  . ARG B 2 6  ? -9.608  17.632  6.274   1.00 58.11 ? 17  ARG B NE  1 
ATOM   597  C CZ  . ARG B 2 6  ? -10.086 17.602  5.021   1.00 58.69 ? 17  ARG B CZ  1 
ATOM   598  N NH1 . ARG B 2 6  ? -9.271  17.747  3.974   1.00 59.37 ? 17  ARG B NH1 1 
ATOM   599  N NH2 . ARG B 2 6  ? -11.395 17.417  4.817   1.00 58.07 ? 17  ARG B NH2 1 
ATOM   600  N N   . LEU B 2 7  ? -7.734  13.965  10.588  1.00 34.24 ? 18  LEU B N   1 
ATOM   601  C CA  . LEU B 2 7  ? -7.826  13.427  11.913  1.00 33.76 ? 18  LEU B CA  1 
ATOM   602  C C   . LEU B 2 7  ? -6.555  12.688  12.321  1.00 34.02 ? 18  LEU B C   1 
ATOM   603  O O   . LEU B 2 7  ? -6.075  12.839  13.466  1.00 34.31 ? 18  LEU B O   1 
ATOM   604  C CB  . LEU B 2 7  ? -9.023  12.520  11.995  1.00 33.63 ? 18  LEU B CB  1 
ATOM   605  C CG  . LEU B 2 7  ? -9.220  11.737  13.262  1.00 35.29 ? 18  LEU B CG  1 
ATOM   606  C CD1 . LEU B 2 7  ? -9.298  12.672  14.477  1.00 34.42 ? 18  LEU B CD1 1 
ATOM   607  C CD2 . LEU B 2 7  ? -10.507 10.973  13.033  1.00 37.06 ? 18  LEU B CD2 1 
ATOM   608  N N   . LEU B 2 8  ? -5.997  11.906  11.394  1.00 33.67 ? 19  LEU B N   1 
ATOM   609  C CA  . LEU B 2 8  ? -4.744  11.181  11.681  1.00 33.54 ? 19  LEU B CA  1 
ATOM   610  C C   . LEU B 2 8  ? -3.553  12.108  11.963  1.00 33.83 ? 19  LEU B C   1 
ATOM   611  O O   . LEU B 2 8  ? -2.784  11.825  12.877  1.00 32.75 ? 19  LEU B O   1 
ATOM   612  C CB  . LEU B 2 8  ? -4.408  10.144  10.583  1.00 33.05 ? 19  LEU B CB  1 
ATOM   613  C CG  . LEU B 2 8  ? -5.431  9.011   10.498  1.00 31.15 ? 19  LEU B CG  1 
ATOM   614  C CD1 . LEU B 2 8  ? -5.198  8.141   9.287   1.00 29.15 ? 19  LEU B CD1 1 
ATOM   615  C CD2 . LEU B 2 8  ? -5.407  8.160   11.746  1.00 30.93 ? 19  LEU B CD2 1 
ATOM   616  N N   . SER B 2 9  ? -3.414  13.214  11.215  1.00 33.26 ? 20  SER B N   1 
ATOM   617  C CA  . SER B 2 9  ? -2.284  14.171  11.472  1.00 34.52 ? 20  SER B CA  1 
ATOM   618  C C   . SER B 2 9  ? -2.301  14.812  12.819  1.00 33.46 ? 20  SER B C   1 
ATOM   619  O O   . SER B 2 9  ? -1.261  15.111  13.368  1.00 31.46 ? 20  SER B O   1 
ATOM   620  C CB  . SER B 2 9  ? -2.303  15.330  10.483  1.00 34.67 ? 20  SER B CB  1 
ATOM   621  O OG  . SER B 2 9  ? -2.562  14.795  9.219   1.00 39.22 ? 20  SER B OG  1 
ATOM   622  N N   . TYR B 2 10 ? -3.503  15.136  13.286  1.00 35.48 ? 21  TYR B N   1 
ATOM   623  C CA  . TYR B 2 10 ? -3.705  15.875  14.537  1.00 36.52 ? 21  TYR B CA  1 
ATOM   624  C C   . TYR B 2 10 ? -3.109  15.130  15.750  1.00 38.64 ? 21  TYR B C   1 
ATOM   625  O O   . TYR B 2 10 ? -3.600  14.085  16.120  1.00 39.37 ? 21  TYR B O   1 
ATOM   626  C CB  . TYR B 2 10 ? -5.192  16.161  14.715  1.00 35.19 ? 21  TYR B CB  1 
ATOM   627  C CG  . TYR B 2 10 ? -5.525  16.846  16.022  1.00 33.19 ? 21  TYR B CG  1 
ATOM   628  C CD1 . TYR B 2 10 ? -4.929  18.060  16.376  1.00 29.68 ? 21  TYR B CD1 1 
ATOM   629  C CD2 . TYR B 2 10 ? -6.429  16.275  16.908  1.00 30.31 ? 21  TYR B CD2 1 
ATOM   630  C CE1 . TYR B 2 10 ? -5.218  18.706  17.582  1.00 30.72 ? 21  TYR B CE1 1 
ATOM   631  C CE2 . TYR B 2 10 ? -6.754  16.926  18.084  1.00 34.41 ? 21  TYR B CE2 1 
ATOM   632  C CZ  . TYR B 2 10 ? -6.129  18.138  18.424  1.00 32.87 ? 21  TYR B CZ  1 
ATOM   633  O OH  . TYR B 2 10 ? -6.441  18.738  19.615  1.00 35.28 ? 21  TYR B OH  1 
ATOM   634  N N   . ALA B 2 11 ? -2.005  15.651  16.301  1.00 42.37 ? 22  ALA B N   1 
ATOM   635  C CA  . ALA B 2 11 ? -1.142  14.930  17.305  1.00 44.67 ? 22  ALA B CA  1 
ATOM   636  C C   . ALA B 2 11 ? 0.147   15.654  17.765  1.00 45.52 ? 22  ALA B C   1 
ATOM   637  O O   . ALA B 2 11 ? 1.063   15.034  18.403  1.00 46.80 ? 22  ALA B O   1 
ATOM   638  C CB  . ALA B 2 11 ? -0.797  13.419  16.833  1.00 46.50 ? 22  ALA B CB  1 
ATOM   639  N N   . GLY C 1 1  ? 12.444  5.816   20.558  1.00 31.14 ? 54  GLY C N   1 
ATOM   640  C CA  . GLY C 1 1  ? 11.482  5.621   19.493  1.00 31.93 ? 54  GLY C CA  1 
ATOM   641  C C   . GLY C 1 1  ? 12.023  5.976   18.097  1.00 30.66 ? 54  GLY C C   1 
ATOM   642  O O   . GLY C 1 1  ? 11.791  5.223   17.196  1.00 31.38 ? 54  GLY C O   1 
ATOM   643  N N   . PRO C 1 2  ? 12.760  7.100   17.905  1.00 30.51 ? 55  PRO C N   1 
ATOM   644  C CA  . PRO C 1 2  ? 12.799  7.581   16.511  1.00 28.99 ? 55  PRO C CA  1 
ATOM   645  C C   . PRO C 1 2  ? 13.521  6.668   15.506  1.00 28.28 ? 55  PRO C C   1 
ATOM   646  O O   . PRO C 1 2  ? 12.959  6.381   14.430  1.00 27.49 ? 55  PRO C O   1 
ATOM   647  C CB  . PRO C 1 2  ? 13.425  8.960   16.627  1.00 28.23 ? 55  PRO C CB  1 
ATOM   648  C CG  . PRO C 1 2  ? 14.263  8.896   17.825  1.00 29.29 ? 55  PRO C CG  1 
ATOM   649  C CD  . PRO C 1 2  ? 13.500  8.030   18.789  1.00 32.15 ? 55  PRO C CD  1 
ATOM   650  N N   . LEU C 1 3  ? 14.717  6.189   15.842  1.00 26.19 ? 56  LEU C N   1 
ATOM   651  C CA  . LEU C 1 3  ? 15.387  5.264   14.965  1.00 25.34 ? 56  LEU C CA  1 
ATOM   652  C C   . LEU C 1 3  ? 14.612  3.969   14.978  1.00 23.80 ? 56  LEU C C   1 
ATOM   653  O O   . LEU C 1 3  ? 14.359  3.390   13.921  1.00 22.89 ? 56  LEU C O   1 
ATOM   654  C CB  . LEU C 1 3  ? 16.857  5.023   15.385  1.00 25.22 ? 56  LEU C CB  1 
ATOM   655  C CG  . LEU C 1 3  ? 17.608  3.979   14.554  1.00 28.11 ? 56  LEU C CG  1 
ATOM   656  C CD1 . LEU C 1 3  ? 17.760  4.403   13.018  1.00 27.54 ? 56  LEU C CD1 1 
ATOM   657  C CD2 . LEU C 1 3  ? 19.040  3.762   15.178  1.00 32.60 ? 56  LEU C CD2 1 
ATOM   658  N N   . GLY C 1 4  ? 14.278  3.468   16.160  1.00 21.59 ? 57  GLY C N   1 
ATOM   659  C CA  . GLY C 1 4  ? 13.498  2.245   16.219  1.00 22.16 ? 57  GLY C CA  1 
ATOM   660  C C   . GLY C 1 4  ? 12.186  2.345   15.397  1.00 24.52 ? 57  GLY C C   1 
ATOM   661  O O   . GLY C 1 4  ? 11.819  1.360   14.685  1.00 23.07 ? 57  GLY C O   1 
ATOM   662  N N   . SER C 1 5  ? 11.467  3.490   15.452  1.00 23.45 ? 58  SER C N   1 
ATOM   663  C CA  . SER C 1 5  ? 10.262  3.529   14.659  1.00 25.42 ? 58  SER C CA  1 
ATOM   664  C C   . SER C 1 5  ? 10.547  3.617   13.188  1.00 25.32 ? 58  SER C C   1 
ATOM   665  O O   . SER C 1 5  ? 9.740   3.163   12.379  1.00 25.07 ? 58  SER C O   1 
ATOM   666  C CB  . SER C 1 5  ? 9.169   4.525   15.113  1.00 25.84 ? 58  SER C CB  1 
ATOM   667  O OG  . SER C 1 5  ? 9.646   5.603   15.801  1.00 29.94 ? 58  SER C OG  1 
ATOM   668  N N   . ASP C 1 6  ? 11.673  4.208   12.825  1.00 24.93 ? 59  ASP C N   1 
ATOM   669  C CA  . ASP C 1 6  ? 11.944  4.373   11.408  1.00 26.89 ? 59  ASP C CA  1 
ATOM   670  C C   . ASP C 1 6  ? 12.282  3.029   10.811  1.00 25.62 ? 59  ASP C C   1 
ATOM   671  O O   . ASP C 1 6  ? 12.026  2.807   9.632   1.00 25.51 ? 59  ASP C O   1 
ATOM   672  C CB  . ASP C 1 6  ? 13.152  5.302   11.126  1.00 27.93 ? 59  ASP C CB  1 
ATOM   673  C CG  . ASP C 1 6  ? 12.833  6.792   11.321  1.00 34.60 ? 59  ASP C CG  1 
ATOM   674  O OD1 . ASP C 1 6  ? 11.656  7.177   11.570  1.00 38.55 ? 59  ASP C OD1 1 
ATOM   675  O OD2 . ASP C 1 6  ? 13.803  7.581   11.245  1.00 40.62 ? 59  ASP C OD2 1 
ATOM   676  N N   . LEU C 1 7  ? 12.955  2.186   11.589  1.00 23.58 ? 60  LEU C N   1 
ATOM   677  C CA  . LEU C 1 7  ? 13.294  0.824   11.122  1.00 23.90 ? 60  LEU C CA  1 
ATOM   678  C C   . LEU C 1 7  ? 12.065  -0.066  11.008  1.00 22.55 ? 60  LEU C C   1 
ATOM   679  O O   . LEU C 1 7  ? 12.014  -0.868  10.129  1.00 22.92 ? 60  LEU C O   1 
ATOM   680  C CB  . LEU C 1 7  ? 14.325  0.116   12.013  1.00 23.14 ? 60  LEU C CB  1 
ATOM   681  C CG  . LEU C 1 7  ? 15.606  0.920   12.262  1.00 27.13 ? 60  LEU C CG  1 
ATOM   682  C CD1 . LEU C 1 7  ? 16.320  0.375   13.496  1.00 29.12 ? 60  LEU C CD1 1 
ATOM   683  C CD2 . LEU C 1 7  ? 16.556  0.955   11.086  1.00 28.25 ? 60  LEU C CD2 1 
ATOM   684  N N   . LYS C 1 8  ? 11.098  0.041   11.917  1.00 22.50 ? 61  LYS C N   1 
ATOM   685  C CA  . LYS C 1 8  ? 9.829   -0.692  11.765  1.00 22.43 ? 61  LYS C CA  1 
ATOM   686  C C   . LYS C 1 8  ? 9.023   -0.285  10.517  1.00 20.96 ? 61  LYS C C   1 
ATOM   687  O O   . LYS C 1 8  ? 8.520   -1.135  9.820   1.00 19.70 ? 61  LYS C O   1 
ATOM   688  C CB  . LYS C 1 8  ? 9.001   -0.530  13.026  1.00 23.32 ? 61  LYS C CB  1 
ATOM   689  C CG  . LYS C 1 8  ? 9.609   -1.367  14.161  1.00 30.28 ? 61  LYS C CG  1 
ATOM   690  C CD  . LYS C 1 8  ? 8.821   -1.285  15.450  1.00 42.10 ? 61  LYS C CD  1 
ATOM   691  C CE  . LYS C 1 8  ? 9.240   -0.110  16.295  1.00 51.09 ? 61  LYS C CE  1 
ATOM   692  N NZ  . LYS C 1 8  ? 8.874   1.233   15.701  1.00 54.55 ? 61  LYS C NZ  1 
ATOM   693  N N   . ASP C 1 9  ? 8.937   1.027   10.262  1.00 18.83 ? 62  ASP C N   1 
ATOM   694  C CA  . ASP C 1 9  ? 8.425   1.568   9.018   1.00 19.36 ? 62  ASP C CA  1 
ATOM   695  C C   . ASP C 1 9  ? 9.122   0.932   7.823   1.00 19.14 ? 62  ASP C C   1 
ATOM   696  O O   . ASP C 1 9  ? 8.461   0.495   6.942   1.00 18.90 ? 62  ASP C O   1 
ATOM   697  C CB  . ASP C 1 9  ? 8.618   3.093   8.990   1.00 17.12 ? 62  ASP C CB  1 
ATOM   698  C CG  . ASP C 1 9  ? 7.678   3.794   9.931   1.00 21.63 ? 62  ASP C CG  1 
ATOM   699  O OD1 . ASP C 1 9  ? 7.834   4.974   10.198  1.00 29.39 ? 62  ASP C OD1 1 
ATOM   700  O OD2 . ASP C 1 9  ? 6.766   3.156   10.438  1.00 22.70 ? 62  ASP C OD2 1 
ATOM   701  N N   . ALA C 1 10 ? 10.465  0.899   7.798   1.00 19.86 ? 63  ALA C N   1 
ATOM   702  C CA  . ALA C 1 10 ? 11.192  0.516   6.615   1.00 19.83 ? 63  ALA C CA  1 
ATOM   703  C C   . ALA C 1 10 ? 10.960  -0.973  6.374   1.00 20.49 ? 63  ALA C C   1 
ATOM   704  O O   . ALA C 1 10 ? 10.766  -1.398  5.251   1.00 22.06 ? 63  ALA C O   1 
ATOM   705  C CB  . ALA C 1 10 ? 12.721  0.847   6.760   1.00 19.95 ? 63  ALA C CB  1 
ATOM   706  N N   . GLU C 1 11 ? 10.891  -1.761  7.431   1.00 20.80 ? 64  GLU C N   1 
ATOM   707  C CA  . GLU C 1 11 ? 10.604  -3.187  7.317   1.00 21.40 ? 64  GLU C CA  1 
ATOM   708  C C   . GLU C 1 11 ? 9.135   -3.483  6.941   1.00 22.20 ? 64  GLU C C   1 
ATOM   709  O O   . GLU C 1 11 ? 8.877   -4.389  6.090   1.00 21.09 ? 64  GLU C O   1 
ATOM   710  C CB  . GLU C 1 11 ? 10.929  -3.859  8.631   1.00 21.42 ? 64  GLU C CB  1 
ATOM   711  C CG  . GLU C 1 11 ? 10.666  -5.357  8.651   1.00 27.04 ? 64  GLU C CG  1 
ATOM   712  C CD  . GLU C 1 11 ? 11.019  -6.029  10.010  1.00 35.51 ? 64  GLU C CD  1 
ATOM   713  O OE1 . GLU C 1 11 ? 10.407  -7.088  10.337  1.00 38.95 ? 64  GLU C OE1 1 
ATOM   714  O OE2 . GLU C 1 11 ? 11.896  -5.497  10.755  1.00 40.19 ? 64  GLU C OE2 1 
ATOM   715  N N   . ALA C 1 12 ? 8.177   -2.738  7.536   1.00 20.61 ? 65  ALA C N   1 
ATOM   716  C CA  . ALA C 1 12 ? 6.758   -2.854  7.070   1.00 20.67 ? 65  ALA C CA  1 
ATOM   717  C C   . ALA C 1 12 ? 6.603   -2.570  5.534   1.00 20.65 ? 65  ALA C C   1 
ATOM   718  O O   . ALA C 1 12 ? 5.931   -3.282  4.820   1.00 20.91 ? 65  ALA C O   1 
ATOM   719  C CB  . ALA C 1 12 ? 5.844   -1.950  7.886   1.00 18.66 ? 65  ALA C CB  1 
ATOM   720  N N   . VAL C 1 13 ? 7.290   -1.545  5.034   1.00 21.66 ? 66  VAL C N   1 
ATOM   721  C CA  . VAL C 1 13 ? 7.195   -1.099  3.642   1.00 20.05 ? 66  VAL C CA  1 
ATOM   722  C C   . VAL C 1 13 ? 7.827   -2.145  2.691   1.00 21.16 ? 66  VAL C C   1 
ATOM   723  O O   . VAL C 1 13 ? 7.234   -2.541  1.688   1.00 21.04 ? 66  VAL C O   1 
ATOM   724  C CB  . VAL C 1 13 ? 7.900   0.279   3.507   1.00 21.35 ? 66  VAL C CB  1 
ATOM   725  C CG1 . VAL C 1 13 ? 8.212   0.631   2.036   1.00 22.27 ? 66  VAL C CG1 1 
ATOM   726  C CG2 . VAL C 1 13 ? 7.087   1.444   4.211   1.00 20.62 ? 66  VAL C CG2 1 
ATOM   727  N N   . GLN C 1 14 ? 9.008   -2.640  3.050   1.00 19.65 ? 67  GLN C N   1 
ATOM   728  C CA  . GLN C 1 14 ? 9.672   -3.719  2.313   1.00 20.08 ? 67  GLN C CA  1 
ATOM   729  C C   . GLN C 1 14 ? 8.883   -4.999  2.198   1.00 19.56 ? 67  GLN C C   1 
ATOM   730  O O   . GLN C 1 14 ? 8.815   -5.640  1.137   1.00 17.08 ? 67  GLN C O   1 
ATOM   731  C CB  . GLN C 1 14 ? 11.051  -3.978  2.938   1.00 19.61 ? 67  GLN C CB  1 
ATOM   732  C CG  . GLN C 1 14 ? 11.943  -2.806  2.559   1.00 20.48 ? 67  GLN C CG  1 
ATOM   733  C CD  . GLN C 1 14 ? 13.359  -2.827  3.170   1.00 27.71 ? 67  GLN C CD  1 
ATOM   734  O OE1 . GLN C 1 14 ? 14.093  -1.892  2.926   1.00 31.77 ? 67  GLN C OE1 1 
ATOM   735  N NE2 . GLN C 1 14 ? 13.756  -3.909  3.905   1.00 23.69 ? 67  GLN C NE2 1 
ATOM   736  N N   . LYS C 1 15 ? 8.258   -5.359  3.306   1.00 18.18 ? 68  LYS C N   1 
ATOM   737  C CA  . LYS C 1 15 ? 7.498   -6.545  3.349   1.00 18.63 ? 68  LYS C CA  1 
ATOM   738  C C   . LYS C 1 15 ? 6.255   -6.375  2.461   1.00 19.10 ? 68  LYS C C   1 
ATOM   739  O O   . LYS C 1 15 ? 5.885   -7.272  1.738   1.00 20.47 ? 68  LYS C O   1 
ATOM   740  C CB  . LYS C 1 15 ? 7.089   -6.809  4.804   1.00 17.11 ? 68  LYS C CB  1 
ATOM   741  C CG  . LYS C 1 15 ? 6.215   -8.031  4.943   1.00 21.66 ? 68  LYS C CG  1 
ATOM   742  C CD  . LYS C 1 15 ? 5.692   -8.233  6.372   1.00 27.28 ? 68  LYS C CD  1 
ATOM   743  C CE  . LYS C 1 15 ? 5.173   -9.650  6.509   1.00 30.97 ? 68  LYS C CE  1 
ATOM   744  N NZ  . LYS C 1 15 ? 3.799   -9.689  7.027   1.00 36.18 ? 68  LYS C NZ  1 
ATOM   745  N N   . PHE C 1 16 ? 5.604   -5.221  2.560   1.00 19.03 ? 69  PHE C N   1 
ATOM   746  C CA  . PHE C 1 16 ? 4.458   -4.924  1.727   1.00 18.53 ? 69  PHE C CA  1 
ATOM   747  C C   . PHE C 1 16 ? 4.904   -4.908  0.292   1.00 18.58 ? 69  PHE C C   1 
ATOM   748  O O   . PHE C 1 16 ? 4.293   -5.542  -0.568  1.00 19.31 ? 69  PHE C O   1 
ATOM   749  C CB  . PHE C 1 16 ? 3.922   -3.524  2.106   1.00 17.79 ? 69  PHE C CB  1 
ATOM   750  C CG  . PHE C 1 16 ? 2.758   -3.066  1.256   1.00 17.75 ? 69  PHE C CG  1 
ATOM   751  C CD1 . PHE C 1 16 ? 2.936   -2.097  0.243   1.00 19.77 ? 69  PHE C CD1 1 
ATOM   752  C CD2 . PHE C 1 16 ? 1.488   -3.618  1.460   1.00 13.82 ? 69  PHE C CD2 1 
ATOM   753  C CE1 . PHE C 1 16 ? 1.851   -1.643  -0.521  1.00 18.46 ? 69  PHE C CE1 1 
ATOM   754  C CE2 . PHE C 1 16 ? 0.391   -3.223  0.668   1.00 21.45 ? 69  PHE C CE2 1 
ATOM   755  C CZ  . PHE C 1 16 ? 0.581   -2.206  -0.321  1.00 18.25 ? 69  PHE C CZ  1 
ATOM   756  N N   . PHE C 1 17 ? 5.975   -4.179  0.007   1.00 18.54 ? 70  PHE C N   1 
ATOM   757  C CA  . PHE C 1 17 ? 6.466   -4.155  -1.373  1.00 19.22 ? 70  PHE C CA  1 
ATOM   758  C C   . PHE C 1 17 ? 6.725   -5.578  -1.930  1.00 18.60 ? 70  PHE C C   1 
ATOM   759  O O   . PHE C 1 17 ? 6.213   -5.952  -2.963  1.00 19.15 ? 70  PHE C O   1 
ATOM   760  C CB  . PHE C 1 17 ? 7.694   -3.308  -1.412  1.00 19.63 ? 70  PHE C CB  1 
ATOM   761  C CG  . PHE C 1 17 ? 8.429   -3.338  -2.725  1.00 23.80 ? 70  PHE C CG  1 
ATOM   762  C CD1 . PHE C 1 17 ? 8.038   -2.509  -3.757  1.00 21.07 ? 70  PHE C CD1 1 
ATOM   763  C CD2 . PHE C 1 17 ? 9.590   -4.133  -2.876  1.00 24.51 ? 70  PHE C CD2 1 
ATOM   764  C CE1 . PHE C 1 17 ? 8.760   -2.470  -4.997  1.00 25.34 ? 70  PHE C CE1 1 
ATOM   765  C CE2 . PHE C 1 17 ? 10.329  -4.120  -4.099  1.00 28.85 ? 70  PHE C CE2 1 
ATOM   766  C CZ  . PHE C 1 17 ? 9.887   -3.272  -5.166  1.00 29.65 ? 70  PHE C CZ  1 
ATOM   767  N N   . LEU C 1 18 ? 7.476   -6.397  -1.226  1.00 19.46 ? 71  LEU C N   1 
ATOM   768  C CA  . LEU C 1 18 ? 7.797   -7.732  -1.744  1.00 20.92 ? 71  LEU C CA  1 
ATOM   769  C C   . LEU C 1 18 ? 6.544   -8.619  -1.853  1.00 20.75 ? 71  LEU C C   1 
ATOM   770  O O   . LEU C 1 18 ? 6.411   -9.374  -2.806  1.00 18.97 ? 71  LEU C O   1 
ATOM   771  C CB  . LEU C 1 18 ? 8.838   -8.421  -0.867  1.00 20.52 ? 71  LEU C CB  1 
ATOM   772  C CG  . LEU C 1 18 ? 10.379  -8.399  -1.107  1.00 26.19 ? 71  LEU C CG  1 
ATOM   773  C CD1 . LEU C 1 18 ? 10.910  -7.479  -2.197  1.00 26.25 ? 71  LEU C CD1 1 
ATOM   774  C CD2 . LEU C 1 18 ? 11.114  -8.218  0.182   1.00 22.57 ? 71  LEU C CD2 1 
ATOM   775  N N   . GLU C 1 19 ? 5.651   -8.549  -0.863  1.00 21.22 ? 72  GLU C N   1 
ATOM   776  C CA  . GLU C 1 19 ? 4.401   -9.287  -0.978  1.00 22.19 ? 72  GLU C CA  1 
ATOM   777  C C   . GLU C 1 19 ? 3.538   -8.798  -2.122  1.00 21.37 ? 72  GLU C C   1 
ATOM   778  O O   . GLU C 1 19 ? 2.896   -9.581  -2.727  1.00 21.81 ? 72  GLU C O   1 
ATOM   779  C CB  . GLU C 1 19 ? 3.595   -9.253  0.335   1.00 22.30 ? 72  GLU C CB  1 
ATOM   780  C CG  . GLU C 1 19 ? 4.439   -9.748  1.476   1.00 26.50 ? 72  GLU C CG  1 
ATOM   781  C CD  . GLU C 1 19 ? 3.667   -10.122 2.749   1.00 32.03 ? 72  GLU C CD  1 
ATOM   782  O OE1 . GLU C 1 19 ? 4.161   -11.022 3.475   1.00 34.25 ? 72  GLU C OE1 1 
ATOM   783  O OE2 . GLU C 1 19 ? 2.616   -9.516  3.053   1.00 32.83 ? 72  GLU C OE2 1 
ATOM   784  N N   . GLU C 1 20 ? 3.467   -7.501  -2.388  1.00 21.60 ? 73  GLU C N   1 
ATOM   785  C CA  . GLU C 1 20 ? 2.631   -7.021  -3.496  1.00 22.23 ? 73  GLU C CA  1 
ATOM   786  C C   . GLU C 1 20 ? 3.167   -7.516  -4.869  1.00 22.32 ? 73  GLU C C   1 
ATOM   787  O O   . GLU C 1 20 ? 2.407   -7.857  -5.771  1.00 23.17 ? 73  GLU C O   1 
ATOM   788  C CB  . GLU C 1 20 ? 2.513   -5.474  -3.455  1.00 22.20 ? 73  GLU C CB  1 
ATOM   789  C CG  . GLU C 1 20 ? 1.570   -4.945  -2.284  1.00 25.23 ? 73  GLU C CG  1 
ATOM   790  C CD  . GLU C 1 20 ? 0.131   -5.531  -2.354  1.00 28.26 ? 73  GLU C CD  1 
ATOM   791  O OE1 . GLU C 1 20 ? -0.202  -6.414  -1.563  1.00 36.60 ? 73  GLU C OE1 1 
ATOM   792  O OE2 . GLU C 1 20 ? -0.688  -5.123  -3.177  1.00 33.35 ? 73  GLU C OE2 1 
ATOM   793  N N   . ILE C 1 21 ? 4.472   -7.628  -4.998  1.00 22.50 ? 74  ILE C N   1 
ATOM   794  C CA  . ILE C 1 21 ? 5.092   -8.080  -6.246  1.00 23.71 ? 74  ILE C CA  1 
ATOM   795  C C   . ILE C 1 21 ? 4.785   -9.564  -6.412  1.00 23.83 ? 74  ILE C C   1 
ATOM   796  O O   . ILE C 1 21 ? 4.217   -9.976  -7.447  1.00 23.94 ? 74  ILE C O   1 
ATOM   797  C CB  . ILE C 1 21 ? 6.601   -7.782  -6.260  1.00 22.95 ? 74  ILE C CB  1 
ATOM   798  C CG1 . ILE C 1 21 ? 6.837   -6.373  -6.768  1.00 24.66 ? 74  ILE C CG1 1 
ATOM   799  C CG2 . ILE C 1 21 ? 7.362   -8.729  -7.237  1.00 24.60 ? 74  ILE C CG2 1 
ATOM   800  C CD1 . ILE C 1 21 ? 8.043   -5.856  -6.255  1.00 27.23 ? 74  ILE C CD1 1 
ATOM   801  N N   . GLN C 1 22 ? 5.039   -10.333 -5.342  1.00 24.29 ? 75  GLN C N   1 
ATOM   802  C CA  . GLN C 1 22 ? 4.773   -11.783 -5.306  1.00 24.12 ? 75  GLN C CA  1 
ATOM   803  C C   . GLN C 1 22 ? 3.326   -12.120 -5.598  1.00 24.01 ? 75  GLN C C   1 
ATOM   804  O O   . GLN C 1 22 ? 3.030   -12.931 -6.467  1.00 24.30 ? 75  GLN C O   1 
ATOM   805  C CB  . GLN C 1 22 ? 5.209   -12.376 -3.963  1.00 24.07 ? 75  GLN C CB  1 
ATOM   806  C CG  . GLN C 1 22 ? 4.986   -13.895 -3.887  1.00 28.95 ? 75  GLN C CG  1 
ATOM   807  C CD  . GLN C 1 22 ? 5.765   -14.635 -2.741  1.00 34.49 ? 75  GLN C CD  1 
ATOM   808  O OE1 . GLN C 1 22 ? 6.397   -14.020 -1.854  1.00 38.30 ? 75  GLN C OE1 1 
ATOM   809  N NE2 . GLN C 1 22 ? 5.681   -15.963 -2.760  1.00 35.77 ? 75  GLN C NE2 1 
ATOM   810  N N   . LEU C 1 23 ? 2.402   -11.491 -4.893  1.00 23.24 ? 76  LEU C N   1 
ATOM   811  C CA  . LEU C 1 23 ? 0.998   -11.729 -5.116  1.00 25.27 ? 76  LEU C CA  1 
ATOM   812  C C   . LEU C 1 23 ? 0.521   -11.262 -6.537  1.00 27.09 ? 76  LEU C C   1 
ATOM   813  O O   . LEU C 1 23 ? -0.290  -11.955 -7.195  1.00 28.69 ? 76  LEU C O   1 
ATOM   814  C CB  . LEU C 1 23 ? 0.230   -11.014 -4.022  1.00 25.10 ? 76  LEU C CB  1 
ATOM   815  C CG  . LEU C 1 23 ? -1.169  -11.419 -3.654  1.00 29.21 ? 76  LEU C CG  1 
ATOM   816  C CD1 . LEU C 1 23 ? -1.298  -12.942 -3.495  1.00 32.38 ? 76  LEU C CD1 1 
ATOM   817  C CD2 . LEU C 1 23 ? -1.450  -10.715 -2.340  1.00 32.52 ? 76  LEU C CD2 1 
ATOM   818  N N   . GLY C 1 24 ? 1.025   -10.125 -7.012  1.00 27.25 ? 77  GLY C N   1 
ATOM   819  C CA  . GLY C 1 24 ? 0.763   -9.661  -8.389  1.00 30.01 ? 77  GLY C CA  1 
ATOM   820  C C   . GLY C 1 24 ? 1.258   -10.721 -9.383  1.00 30.98 ? 77  GLY C C   1 
ATOM   821  O O   . GLY C 1 24 ? 0.521   -11.147 -10.253 1.00 31.11 ? 77  GLY C O   1 
ATOM   822  N N   . GLU C 1 25 ? 2.470   -11.231 -9.193  1.00 32.80 ? 78  GLU C N   1 
ATOM   823  C CA  . GLU C 1 25 ? 2.933   -12.282 -10.101 1.00 34.12 ? 78  GLU C CA  1 
ATOM   824  C C   . GLU C 1 25 ? 2.175   -13.602 -9.986  1.00 33.51 ? 78  GLU C C   1 
ATOM   825  O O   . GLU C 1 25 ? 1.946   -14.243 -10.995 1.00 35.21 ? 78  GLU C O   1 
ATOM   826  C CB  . GLU C 1 25 ? 4.466   -12.414 -10.159 1.00 34.34 ? 78  GLU C CB  1 
ATOM   827  C CG  . GLU C 1 25 ? 5.181   -12.655 -8.846  1.00 42.44 ? 78  GLU C CG  1 
ATOM   828  C CD  . GLU C 1 25 ? 6.747   -12.583 -8.934  1.00 48.52 ? 78  GLU C CD  1 
ATOM   829  O OE1 . GLU C 1 25 ? 7.413   -13.183 -8.033  1.00 51.73 ? 78  GLU C OE1 1 
ATOM   830  O OE2 . GLU C 1 25 ? 7.300   -11.924 -9.872  1.00 50.01 ? 78  GLU C OE2 1 
ATOM   831  N N   . GLU C 1 26 ? 1.733   -14.003 -8.795  1.00 33.39 ? 79  GLU C N   1 
ATOM   832  C CA  . GLU C 1 26 ? 0.850   -15.187 -8.654  1.00 32.94 ? 79  GLU C CA  1 
ATOM   833  C C   . GLU C 1 26 ? -0.480  -14.997 -9.378  1.00 33.89 ? 79  GLU C C   1 
ATOM   834  O O   . GLU C 1 26 ? -0.971  -15.944 -9.984  1.00 33.85 ? 79  GLU C O   1 
ATOM   835  C CB  . GLU C 1 26 ? 0.577   -15.553 -7.181  1.00 32.02 ? 79  GLU C CB  1 
ATOM   836  C CG  . GLU C 1 26 ? 1.874   -15.980 -6.424  1.00 32.24 ? 79  GLU C CG  1 
ATOM   837  C CD  . GLU C 1 26 ? 1.668   -16.402 -4.948  1.00 32.62 ? 79  GLU C CD  1 
ATOM   838  O OE1 . GLU C 1 26 ? 0.541   -16.302 -4.407  1.00 30.69 ? 79  GLU C OE1 1 
ATOM   839  O OE2 . GLU C 1 26 ? 2.670   -16.854 -4.345  1.00 29.35 ? 79  GLU C OE2 1 
ATOM   840  N N   . LEU C 1 27 ? -1.064  -13.802 -9.293  1.00 33.83 ? 80  LEU C N   1 
ATOM   841  C CA  . LEU C 1 27 ? -2.348  -13.560 -9.900  1.00 36.07 ? 80  LEU C CA  1 
ATOM   842  C C   . LEU C 1 27 ? -2.231  -13.546 -11.435 1.00 37.73 ? 80  LEU C C   1 
ATOM   843  O O   . LEU C 1 27 ? -3.055  -14.129 -12.129 1.00 37.97 ? 80  LEU C O   1 
ATOM   844  C CB  . LEU C 1 27 ? -2.990  -12.285 -9.363  1.00 35.93 ? 80  LEU C CB  1 
ATOM   845  C CG  . LEU C 1 27 ? -3.429  -12.466 -7.906  1.00 37.46 ? 80  LEU C CG  1 
ATOM   846  C CD1 . LEU C 1 27 ? -3.669  -11.100 -7.187  1.00 34.74 ? 80  LEU C CD1 1 
ATOM   847  C CD2 . LEU C 1 27 ? -4.648  -13.401 -7.849  1.00 35.47 ? 80  LEU C CD2 1 
ATOM   848  N N   . LEU C 1 28 ? -1.179  -12.916 -11.944 1.00 38.99 ? 81  LEU C N   1 
ATOM   849  C CA  . LEU C 1 28 ? -0.901  -12.972 -13.366 1.00 40.86 ? 81  LEU C CA  1 
ATOM   850  C C   . LEU C 1 28 ? -0.760  -14.416 -13.895 1.00 42.12 ? 81  LEU C C   1 
ATOM   851  O O   . LEU C 1 28 ? -1.461  -14.756 -14.835 1.00 42.76 ? 81  LEU C O   1 
ATOM   852  C CB  . LEU C 1 28 ? 0.297   -12.110 -13.722 1.00 39.75 ? 81  LEU C CB  1 
ATOM   853  C CG  . LEU C 1 28 ? 0.095   -10.640 -13.376 1.00 40.29 ? 81  LEU C CG  1 
ATOM   854  C CD1 . LEU C 1 28 ? 1.307   -9.924  -13.838 1.00 41.74 ? 81  LEU C CD1 1 
ATOM   855  C CD2 . LEU C 1 28 ? -1.163  -10.014 -13.956 1.00 41.89 ? 81  LEU C CD2 1 
ATOM   856  N N   . ALA C 1 29 ? 0.096   -15.233 -13.267 1.00 42.72 ? 82  ALA C N   1 
ATOM   857  C CA  . ALA C 1 29 ? 0.301   -16.653 -13.606 1.00 44.44 ? 82  ALA C CA  1 
ATOM   858  C C   . ALA C 1 29 ? -0.981  -17.485 -13.649 1.00 45.43 ? 82  ALA C C   1 
ATOM   859  O O   . ALA C 1 29 ? -0.983  -18.585 -14.178 1.00 46.55 ? 82  ALA C O   1 
ATOM   860  C CB  . ALA C 1 29 ? 1.300   -17.301 -12.646 1.00 43.07 ? 82  ALA C CB  1 
ATOM   861  N N   . GLN C 1 30 ? -2.064  -16.959 -13.098 1.00 46.50 ? 83  GLN C N   1 
ATOM   862  C CA  . GLN C 1 30 ? -3.310  -17.685 -13.080 1.00 47.70 ? 83  GLN C CA  1 
ATOM   863  C C   . GLN C 1 30 ? -4.472  -16.947 -13.801 1.00 48.25 ? 83  GLN C C   1 
ATOM   864  O O   . GLN C 1 30 ? -5.639  -17.329 -13.700 1.00 47.90 ? 83  GLN C O   1 
ATOM   865  C CB  . GLN C 1 30 ? -3.623  -18.089 -11.639 1.00 47.11 ? 83  GLN C CB  1 
ATOM   866  C CG  . GLN C 1 30 ? -4.499  -17.170 -10.847 1.00 47.92 ? 83  GLN C CG  1 
ATOM   867  C CD  . GLN C 1 30 ? -4.626  -17.651 -9.405  1.00 50.80 ? 83  GLN C CD  1 
ATOM   868  O OE1 . GLN C 1 30 ? -3.950  -18.614 -8.996  1.00 50.83 ? 83  GLN C OE1 1 
ATOM   869  N NE2 . GLN C 1 30 ? -5.494  -16.985 -8.625  1.00 51.54 ? 83  GLN C NE2 1 
ATOM   870  N N   . GLY C 1 31 ? -4.132  -15.891 -14.526 1.00 49.36 ? 84  GLY C N   1 
ATOM   871  C CA  . GLY C 1 31 ? -5.098  -15.217 -15.373 1.00 51.61 ? 84  GLY C CA  1 
ATOM   872  C C   . GLY C 1 31 ? -5.784  -13.941 -14.912 1.00 53.89 ? 84  GLY C C   1 
ATOM   873  O O   . GLY C 1 31 ? -6.414  -13.285 -15.760 1.00 54.81 ? 84  GLY C O   1 
ATOM   874  N N   . ASP C 1 32 ? -5.709  -13.553 -13.619 1.00 55.09 ? 85  ASP C N   1 
ATOM   875  C CA  . ASP C 1 32 ? -6.435  -12.323 -13.176 1.00 56.35 ? 85  ASP C CA  1 
ATOM   876  C C   . ASP C 1 32 ? -5.544  -11.159 -13.407 1.00 56.62 ? 85  ASP C C   1 
ATOM   877  O O   . ASP C 1 32 ? -4.903  -10.669 -12.477 1.00 56.59 ? 85  ASP C O   1 
ATOM   878  C CB  . ASP C 1 32 ? -6.830  -12.251 -11.701 1.00 56.90 ? 85  ASP C CB  1 
ATOM   879  C CG  . ASP C 1 32 ? -7.192  -13.564 -11.121 1.00 59.81 ? 85  ASP C CG  1 
ATOM   880  O OD1 . ASP C 1 32 ? -6.706  -14.591 -11.642 1.00 65.49 ? 85  ASP C OD1 1 
ATOM   881  O OD2 . ASP C 1 32 ? -7.954  -13.567 -10.118 1.00 63.45 ? 85  ASP C OD2 1 
ATOM   882  N N   . TYR C 1 33 ? -5.500  -10.728 -14.653 1.00 56.67 ? 86  TYR C N   1 
ATOM   883  C CA  . TYR C 1 33 ? -4.800  -9.543  -15.028 1.00 57.07 ? 86  TYR C CA  1 
ATOM   884  C C   . TYR C 1 33 ? -5.258  -8.317  -14.224 1.00 55.88 ? 86  TYR C C   1 
ATOM   885  O O   . TYR C 1 33 ? -4.427  -7.469  -13.895 1.00 55.37 ? 86  TYR C O   1 
ATOM   886  C CB  . TYR C 1 33 ? -4.994  -9.309  -16.519 1.00 57.82 ? 86  TYR C CB  1 
ATOM   887  C CG  . TYR C 1 33 ? -4.604  -10.484 -17.373 1.00 62.17 ? 86  TYR C CG  1 
ATOM   888  C CD1 . TYR C 1 33 ? -5.581  -11.253 -18.007 1.00 66.98 ? 86  TYR C CD1 1 
ATOM   889  C CD2 . TYR C 1 33 ? -3.262  -10.814 -17.569 1.00 65.59 ? 86  TYR C CD2 1 
ATOM   890  C CE1 . TYR C 1 33 ? -5.226  -12.330 -18.821 1.00 70.59 ? 86  TYR C CE1 1 
ATOM   891  C CE2 . TYR C 1 33 ? -2.883  -11.882 -18.382 1.00 68.97 ? 86  TYR C CE2 1 
ATOM   892  C CZ  . TYR C 1 33 ? -3.869  -12.636 -19.006 1.00 71.47 ? 86  TYR C CZ  1 
ATOM   893  O OH  . TYR C 1 33 ? -3.519  -13.708 -19.803 1.00 73.49 ? 86  TYR C OH  1 
ATOM   894  N N   . GLU C 1 34 ? -6.562  -8.253  -13.918 1.00 55.24 ? 87  GLU C N   1 
ATOM   895  C CA  . GLU C 1 34 ? -7.198  -7.153  -13.164 1.00 54.61 ? 87  GLU C CA  1 
ATOM   896  C C   . GLU C 1 34 ? -6.526  -6.977  -11.801 1.00 52.49 ? 87  GLU C C   1 
ATOM   897  O O   . GLU C 1 34 ? -5.878  -5.946  -11.535 1.00 51.19 ? 87  GLU C O   1 
ATOM   898  C CB  . GLU C 1 34 ? -8.703  -7.463  -12.937 1.00 55.96 ? 87  GLU C CB  1 
ATOM   899  C CG  . GLU C 1 34 ? -9.703  -6.275  -13.038 1.00 60.75 ? 87  GLU C CG  1 
ATOM   900  C CD  . GLU C 1 34 ? -10.005 -5.543  -11.691 1.00 68.61 ? 87  GLU C CD  1 
ATOM   901  O OE1 . GLU C 1 34 ? -10.111 -4.280  -11.718 1.00 71.05 ? 87  GLU C OE1 1 
ATOM   902  O OE2 . GLU C 1 34 ? -10.153 -6.208  -10.616 1.00 70.72 ? 87  GLU C OE2 1 
ATOM   903  N N   . LYS C 1 35 ? -6.685  -8.000  -10.955 1.00 50.37 ? 88  LYS C N   1 
ATOM   904  C CA  . LYS C 1 35 ? -6.182  -7.981  -9.581  1.00 48.42 ? 88  LYS C CA  1 
ATOM   905  C C   . LYS C 1 35 ? -4.629  -7.938  -9.498  1.00 46.09 ? 88  LYS C C   1 
ATOM   906  O O   . LYS C 1 35 ? -4.061  -7.185  -8.702  1.00 45.70 ? 88  LYS C O   1 
ATOM   907  C CB  . LYS C 1 35 ? -6.806  -9.131  -8.781  1.00 49.12 ? 88  LYS C CB  1 
ATOM   908  C CG  . LYS C 1 35 ? -8.075  -8.710  -8.043  1.00 51.31 ? 88  LYS C CG  1 
ATOM   909  C CD  . LYS C 1 35 ? -9.212  -9.724  -8.157  1.00 57.98 ? 88  LYS C CD  1 
ATOM   910  C CE  . LYS C 1 35 ? -8.911  -11.033 -7.407  1.00 60.39 ? 88  LYS C CE  1 
ATOM   911  N NZ  . LYS C 1 35 ? -9.445  -12.210 -8.180  1.00 62.98 ? 88  LYS C NZ  1 
ATOM   912  N N   . GLY C 1 36 ? -3.956  -8.682  -10.377 1.00 43.26 ? 89  GLY C N   1 
ATOM   913  C CA  . GLY C 1 36 ? -2.497  -8.711  -10.421 1.00 39.92 ? 89  GLY C CA  1 
ATOM   914  C C   . GLY C 1 36 ? -1.834  -7.376  -10.674 1.00 37.61 ? 89  GLY C C   1 
ATOM   915  O O   . GLY C 1 36 ? -0.843  -7.015  -10.035 1.00 35.73 ? 89  GLY C O   1 
ATOM   916  N N   . VAL C 1 37 ? -2.385  -6.641  -11.623 1.00 36.85 ? 90  VAL C N   1 
ATOM   917  C CA  . VAL C 1 37 ? -1.865  -5.338  -11.970 1.00 36.10 ? 90  VAL C CA  1 
ATOM   918  C C   . VAL C 1 37 ? -2.147  -4.359  -10.822 1.00 34.59 ? 90  VAL C C   1 
ATOM   919  O O   . VAL C 1 37 ? -1.302  -3.523  -10.510 1.00 35.56 ? 90  VAL C O   1 
ATOM   920  C CB  . VAL C 1 37 ? -2.455  -4.854  -13.356 1.00 37.10 ? 90  VAL C CB  1 
ATOM   921  C CG1 . VAL C 1 37 ? -2.146  -3.351  -13.625 1.00 38.53 ? 90  VAL C CG1 1 
ATOM   922  C CG2 . VAL C 1 37 ? -1.905  -5.709  -14.505 1.00 37.43 ? 90  VAL C CG2 1 
ATOM   923  N N   . ASP C 1 38 ? -3.319  -4.476  -10.201 1.00 33.17 ? 91  ASP C N   1 
ATOM   924  C CA  . ASP C 1 38 ? -3.646  -3.749  -8.965  1.00 33.42 ? 91  ASP C CA  1 
ATOM   925  C C   . ASP C 1 38 ? -2.515  -3.860  -7.930  1.00 31.32 ? 91  ASP C C   1 
ATOM   926  O O   . ASP C 1 38 ? -2.007  -2.877  -7.436  1.00 31.14 ? 91  ASP C O   1 
ATOM   927  C CB  . ASP C 1 38 ? -4.868  -4.362  -8.323  1.00 34.87 ? 91  ASP C CB  1 
ATOM   928  C CG  . ASP C 1 38 ? -6.201  -3.829  -8.895  1.00 42.82 ? 91  ASP C CG  1 
ATOM   929  O OD1 . ASP C 1 38 ? -6.192  -2.832  -9.678  1.00 47.86 ? 91  ASP C OD1 1 
ATOM   930  O OD2 . ASP C 1 38 ? -7.271  -4.443  -8.539  1.00 49.31 ? 91  ASP C OD2 1 
ATOM   931  N N   . HIS C 1 39 ? -2.136  -5.085  -7.614  1.00 29.43 ? 92  HIS C N   1 
ATOM   932  C CA  . HIS C 1 39 ? -1.066  -5.333  -6.673  1.00 28.90 ? 92  HIS C CA  1 
ATOM   933  C C   . HIS C 1 39 ? 0.244   -4.701  -7.087  1.00 28.08 ? 92  HIS C C   1 
ATOM   934  O O   . HIS C 1 39 ? 0.845   -4.008  -6.281  1.00 27.07 ? 92  HIS C O   1 
ATOM   935  C CB  . HIS C 1 39 ? -0.933  -6.813  -6.426  1.00 28.64 ? 92  HIS C CB  1 
ATOM   936  C CG  . HIS C 1 39 ? -2.044  -7.330  -5.601  1.00 29.84 ? 92  HIS C CG  1 
ATOM   937  N ND1 . HIS C 1 39 ? -2.173  -6.999  -4.272  1.00 26.92 ? 92  HIS C ND1 1 
ATOM   938  C CD2 . HIS C 1 39 ? -3.141  -8.051  -5.927  1.00 33.09 ? 92  HIS C CD2 1 
ATOM   939  C CE1 . HIS C 1 39 ? -3.278  -7.555  -3.795  1.00 32.98 ? 92  HIS C CE1 1 
ATOM   940  N NE2 . HIS C 1 39 ? -3.890  -8.188  -4.783  1.00 35.14 ? 92  HIS C NE2 1 
ATOM   941  N N   . LEU C 1 40 ? 0.632   -4.861  -8.360  1.00 27.85 ? 93  LEU C N   1 
ATOM   942  C CA  . LEU C 1 40 ? 1.877   -4.287  -8.858  1.00 27.41 ? 93  LEU C CA  1 
ATOM   943  C C   . LEU C 1 40 ? 1.873   -2.746  -8.786  1.00 26.95 ? 93  LEU C C   1 
ATOM   944  O O   . LEU C 1 40 ? 2.889   -2.166  -8.501  1.00 25.91 ? 93  LEU C O   1 
ATOM   945  C CB  . LEU C 1 40 ? 2.163   -4.784  -10.299 1.00 28.72 ? 93  LEU C CB  1 
ATOM   946  C CG  . LEU C 1 40 ? 2.412   -6.276  -10.482 1.00 28.78 ? 93  LEU C CG  1 
ATOM   947  C CD1 . LEU C 1 40 ? 2.582   -6.634  -11.966 1.00 35.51 ? 93  LEU C CD1 1 
ATOM   948  C CD2 . LEU C 1 40 ? 3.620   -6.818  -9.685  1.00 28.41 ? 93  LEU C CD2 1 
ATOM   949  N N   . THR C 1 41 ? 0.741   -2.123  -9.094  1.00 27.25 ? 94  THR C N   1 
ATOM   950  C CA  . THR C 1 41 ? 0.486   -0.703  -8.872  1.00 29.99 ? 94  THR C CA  1 
ATOM   951  C C   . THR C 1 41 ? 0.760   -0.277  -7.396  1.00 27.91 ? 94  THR C C   1 
ATOM   952  O O   . THR C 1 41 ? 1.354   0.795   -7.114  1.00 28.87 ? 94  THR C O   1 
ATOM   953  C CB  . THR C 1 41 ? -1.007  -0.456  -9.222  1.00 31.15 ? 94  THR C CB  1 
ATOM   954  O OG1 . THR C 1 41 ? -1.130  -0.332  -10.649 1.00 39.00 ? 94  THR C OG1 1 
ATOM   955  C CG2 . THR C 1 41 ? -1.529  0.747   -8.612  1.00 34.45 ? 94  THR C CG2 1 
ATOM   956  N N   . ASN C 1 42 ? 0.336   -1.108  -6.439  1.00 26.14 ? 95  ASN C N   1 
ATOM   957  C CA  . ASN C 1 42 ? 0.667   -0.819  -5.017  1.00 24.10 ? 95  ASN C CA  1 
ATOM   958  C C   . ASN C 1 42 ? 2.179   -0.888  -4.779  1.00 22.93 ? 95  ASN C C   1 
ATOM   959  O O   . ASN C 1 42 ? 2.748   -0.087  -4.029  1.00 21.47 ? 95  ASN C O   1 
ATOM   960  C CB  . ASN C 1 42 ? -0.043  -1.770  -4.114  1.00 22.33 ? 95  ASN C CB  1 
ATOM   961  C CG  . ASN C 1 42 ? -1.529  -1.494  -4.060  1.00 22.94 ? 95  ASN C CG  1 
ATOM   962  O OD1 . ASN C 1 42 ? -2.002  -0.455  -4.486  1.00 22.22 ? 95  ASN C OD1 1 
ATOM   963  N ND2 . ASN C 1 42 ? -2.270  -2.455  -3.580  1.00 21.52 ? 95  ASN C ND2 1 
ATOM   964  N N   . ALA C 1 43 ? 2.851   -1.832  -5.422  1.00 23.20 ? 96  ALA C N   1 
ATOM   965  C CA  . ALA C 1 43 ? 4.305   -1.927  -5.224  1.00 24.49 ? 96  ALA C CA  1 
ATOM   966  C C   . ALA C 1 43 ? 4.985   -0.715  -5.848  1.00 25.66 ? 96  ALA C C   1 
ATOM   967  O O   . ALA C 1 43 ? 5.904   -0.145  -5.272  1.00 25.93 ? 96  ALA C O   1 
ATOM   968  C CB  . ALA C 1 43 ? 4.846   -3.216  -5.829  1.00 23.94 ? 96  ALA C CB  1 
ATOM   969  N N   . ILE C 1 44 ? 4.573   -0.327  -7.048  1.00 26.70 ? 97  ILE C N   1 
ATOM   970  C CA  . ILE C 1 44 ? 5.229   0.846   -7.638  1.00 28.12 ? 97  ILE C CA  1 
ATOM   971  C C   . ILE C 1 44 ? 4.942   2.087   -6.798  1.00 28.30 ? 97  ILE C C   1 
ATOM   972  O O   . ILE C 1 44 ? 5.879   2.865   -6.566  1.00 29.67 ? 97  ILE C O   1 
ATOM   973  C CB  . ILE C 1 44 ? 4.883   1.058   -9.170  1.00 29.47 ? 97  ILE C CB  1 
ATOM   974  C CG1 . ILE C 1 44 ? 5.434   -0.094  -10.016 1.00 28.10 ? 97  ILE C CG1 1 
ATOM   975  C CG2 . ILE C 1 44 ? 5.478   2.382   -9.700  1.00 28.69 ? 97  ILE C CG2 1 
ATOM   976  C CD1 . ILE C 1 44 ? 4.364   -0.680  -10.812 1.00 28.23 ? 97  ILE C CD1 1 
ATOM   977  N N   . ALA C 1 45 ? 3.705   2.224   -6.273  1.00 27.67 ? 98  ALA C N   1 
ATOM   978  C CA  . ALA C 1 45 ? 3.328   3.430   -5.473  1.00 28.39 ? 98  ALA C CA  1 
ATOM   979  C C   . ALA C 1 45 ? 4.127   3.617   -4.215  1.00 29.05 ? 98  ALA C C   1 
ATOM   980  O O   . ALA C 1 45 ? 4.248   4.752   -3.763  1.00 31.23 ? 98  ALA C O   1 
ATOM   981  C CB  . ALA C 1 45 ? 1.837   3.521   -5.171  1.00 27.71 ? 98  ALA C CB  1 
ATOM   982  N N   . VAL C 1 46 ? 4.717   2.557   -3.654  1.00 27.69 ? 99  VAL C N   1 
ATOM   983  C CA  . VAL C 1 46 ? 5.626   2.796   -2.535  1.00 26.56 ? 99  VAL C CA  1 
ATOM   984  C C   . VAL C 1 46 ? 7.075   3.074   -2.910  1.00 28.85 ? 99  VAL C C   1 
ATOM   985  O O   . VAL C 1 46 ? 7.880   3.361   -2.017  1.00 27.64 ? 99  VAL C O   1 
ATOM   986  C CB  . VAL C 1 46 ? 5.494   1.734   -1.342  1.00 25.92 ? 99  VAL C CB  1 
ATOM   987  C CG1 . VAL C 1 46 ? 4.074   1.797   -0.793  1.00 22.41 ? 99  VAL C CG1 1 
ATOM   988  C CG2 . VAL C 1 46 ? 5.798   0.291   -1.802  1.00 19.30 ? 99  VAL C CG2 1 
ATOM   989  N N   . CYS C 1 47 ? 7.425   3.018   -4.206  1.00 31.05 ? 100 CYS C N   1 
ATOM   990  C CA  . CYS C 1 47 ? 8.844   3.210   -4.559  1.00 33.99 ? 100 CYS C CA  1 
ATOM   991  C C   . CYS C 1 47 ? 9.219   4.697   -4.802  1.00 35.25 ? 100 CYS C C   1 
ATOM   992  O O   . CYS C 1 47 ? 8.478   5.476   -5.435  1.00 33.08 ? 100 CYS C O   1 
ATOM   993  C CB  . CYS C 1 47 ? 9.266   2.289   -5.721  1.00 35.21 ? 100 CYS C CB  1 
ATOM   994  S SG  . CYS C 1 47 ? 10.972  2.622   -6.404  1.00 42.73 ? 100 CYS C SG  1 
ATOM   995  N N   . GLY C 1 48 ? 10.386  5.077   -4.284  1.00 37.33 ? 101 GLY C N   1 
ATOM   996  C CA  . GLY C 1 48 ? 10.883  6.434   -4.487  1.00 40.74 ? 101 GLY C CA  1 
ATOM   997  C C   . GLY C 1 48 ? 11.251  6.797   -5.923  1.00 42.74 ? 101 GLY C C   1 
ATOM   998  O O   . GLY C 1 48 ? 11.002  7.955   -6.386  1.00 42.71 ? 101 GLY C O   1 
ATOM   999  N N   . GLN C 1 49 ? 11.847  5.839   -6.627  1.00 43.94 ? 102 GLN C N   1 
ATOM   1000 C CA  . GLN C 1 49 ? 12.255  6.050   -8.014  1.00 46.88 ? 102 GLN C CA  1 
ATOM   1001 C C   . GLN C 1 49 ? 11.491  5.076   -8.885  1.00 46.37 ? 102 GLN C C   1 
ATOM   1002 O O   . GLN C 1 49 ? 12.029  4.046   -9.229  1.00 46.22 ? 102 GLN C O   1 
ATOM   1003 C CB  . GLN C 1 49 ? 13.781  5.884   -8.182  1.00 47.60 ? 102 GLN C CB  1 
ATOM   1004 C CG  . GLN C 1 49 ? 14.362  6.418   -9.526  1.00 53.31 ? 102 GLN C CG  1 
ATOM   1005 C CD  . GLN C 1 49 ? 14.042  7.912   -9.791  1.00 59.47 ? 102 GLN C CD  1 
ATOM   1006 O OE1 . GLN C 1 49 ? 13.422  8.255   -10.819 1.00 60.80 ? 102 GLN C OE1 1 
ATOM   1007 N NE2 . GLN C 1 49 ? 14.443  8.797   -8.851  1.00 60.77 ? 102 GLN C NE2 1 
ATOM   1008 N N   . PRO C 1 50 ? 10.216  5.398   -9.207  1.00 46.75 ? 103 PRO C N   1 
ATOM   1009 C CA  . PRO C 1 50 ? 9.319   4.480   -9.912  1.00 47.84 ? 103 PRO C CA  1 
ATOM   1010 C C   . PRO C 1 50 ? 9.619   4.222   -11.391 1.00 49.75 ? 103 PRO C C   1 
ATOM   1011 O O   . PRO C 1 50 ? 9.172   3.183   -11.926 1.00 48.83 ? 103 PRO C O   1 
ATOM   1012 C CB  . PRO C 1 50 ? 7.930   5.117   -9.750  1.00 47.59 ? 103 PRO C CB  1 
ATOM   1013 C CG  . PRO C 1 50 ? 8.154   6.489   -9.276  1.00 46.56 ? 103 PRO C CG  1 
ATOM   1014 C CD  . PRO C 1 50 ? 9.530   6.631   -8.761  1.00 46.05 ? 103 PRO C CD  1 
ATOM   1015 N N   . GLN C 1 51 ? 10.338  5.153   -12.033 1.00 51.72 ? 104 GLN C N   1 
ATOM   1016 C CA  . GLN C 1 51 ? 10.817  4.965   -13.408 1.00 54.06 ? 104 GLN C CA  1 
ATOM   1017 C C   . GLN C 1 51 ? 11.962  3.951   -13.442 1.00 54.86 ? 104 GLN C C   1 
ATOM   1018 O O   . GLN C 1 51 ? 11.965  3.034   -14.271 1.00 55.20 ? 104 GLN C O   1 
ATOM   1019 C CB  . GLN C 1 51 ? 11.252  6.292   -14.049 1.00 54.31 ? 104 GLN C CB  1 
ATOM   1020 C CG  . GLN C 1 51 ? 10.103  7.176   -14.552 1.00 57.32 ? 104 GLN C CG  1 
ATOM   1021 C CD  . GLN C 1 51 ? 9.229   6.512   -15.648 1.00 62.58 ? 104 GLN C CD  1 
ATOM   1022 O OE1 . GLN C 1 51 ? 7.982   6.594   -15.616 1.00 63.45 ? 104 GLN C OE1 1 
ATOM   1023 N NE2 . GLN C 1 51 ? 9.882   5.861   -16.620 1.00 64.72 ? 104 GLN C NE2 1 
ATOM   1024 N N   . GLN C 1 52 ? 12.917  4.111   -12.536 1.00 55.66 ? 105 GLN C N   1 
ATOM   1025 C CA  . GLN C 1 52 ? 13.999  3.160   -12.382 1.00 57.84 ? 105 GLN C CA  1 
ATOM   1026 C C   . GLN C 1 52 ? 13.488  1.706   -12.145 1.00 59.04 ? 105 GLN C C   1 
ATOM   1027 O O   . GLN C 1 52 ? 14.176  0.730   -12.509 1.00 59.04 ? 105 GLN C O   1 
ATOM   1028 C CB  . GLN C 1 52 ? 14.886  3.633   -11.246 1.00 57.72 ? 105 GLN C CB  1 
ATOM   1029 C CG  . GLN C 1 52 ? 16.072  2.754   -10.933 1.00 60.94 ? 105 GLN C CG  1 
ATOM   1030 C CD  . GLN C 1 52 ? 17.005  3.386   -9.899  1.00 64.49 ? 105 GLN C CD  1 
ATOM   1031 O OE1 . GLN C 1 52 ? 17.074  4.620   -9.755  1.00 66.88 ? 105 GLN C OE1 1 
ATOM   1032 N NE2 . GLN C 1 52 ? 17.736  2.540   -9.180  1.00 65.93 ? 105 GLN C NE2 1 
ATOM   1033 N N   . LEU C 1 53 ? 12.279  1.587   -11.560 1.00 59.77 ? 106 LEU C N   1 
ATOM   1034 C CA  . LEU C 1 53 ? 11.648  0.305   -11.195 1.00 59.80 ? 106 LEU C CA  1 
ATOM   1035 C C   . LEU C 1 53 ? 10.749  -0.219  -12.305 1.00 60.40 ? 106 LEU C C   1 
ATOM   1036 O O   . LEU C 1 53 ? 10.694  -1.431  -12.533 1.00 59.88 ? 106 LEU C O   1 
ATOM   1037 C CB  . LEU C 1 53 ? 10.852  0.450   -9.873  1.00 59.74 ? 106 LEU C CB  1 
ATOM   1038 C CG  . LEU C 1 53 ? 9.727   -0.530  -9.431  1.00 59.30 ? 106 LEU C CG  1 
ATOM   1039 C CD1 . LEU C 1 53 ? 10.167  -2.002  -9.428  1.00 59.88 ? 106 LEU C CD1 1 
ATOM   1040 C CD2 . LEU C 1 53 ? 9.137   -0.195  -8.057  1.00 55.55 ? 106 LEU C CD2 1 
ATOM   1041 N N   . LEU C 1 54 ? 10.032  0.685   -12.983 1.00 61.25 ? 107 LEU C N   1 
ATOM   1042 C CA  . LEU C 1 54 ? 9.256   0.314   -14.185 1.00 62.91 ? 107 LEU C CA  1 
ATOM   1043 C C   . LEU C 1 54 ? 10.163  -0.217  -15.305 1.00 64.51 ? 107 LEU C C   1 
ATOM   1044 O O   . LEU C 1 54 ? 9.683   -0.804  -16.287 1.00 65.08 ? 107 LEU C O   1 
ATOM   1045 C CB  . LEU C 1 54 ? 8.454   1.499   -14.721 1.00 61.96 ? 107 LEU C CB  1 
ATOM   1046 C CG  . LEU C 1 54 ? 7.196   1.903   -13.966 1.00 60.62 ? 107 LEU C CG  1 
ATOM   1047 C CD1 . LEU C 1 54 ? 6.807   3.315   -14.375 1.00 60.50 ? 107 LEU C CD1 1 
ATOM   1048 C CD2 . LEU C 1 54 ? 6.059   0.928   -14.203 1.00 57.47 ? 107 LEU C CD2 1 
ATOM   1049 N N   . GLN C 1 55 ? 11.462  0.039   -15.128 1.00 66.15 ? 108 GLN C N   1 
ATOM   1050 C CA  . GLN C 1 55 ? 12.562  -0.416  -15.977 1.00 67.85 ? 108 GLN C CA  1 
ATOM   1051 C C   . GLN C 1 55 ? 12.650  -1.928  -15.984 1.00 68.12 ? 108 GLN C C   1 
ATOM   1052 O O   . GLN C 1 55 ? 12.746  -2.548  -17.047 1.00 68.30 ? 108 GLN C O   1 
ATOM   1053 C CB  . GLN C 1 55 ? 13.892  0.151   -15.425 1.00 68.28 ? 108 GLN C CB  1 
ATOM   1054 C CG  . GLN C 1 55 ? 14.939  0.535   -16.466 1.00 69.38 ? 108 GLN C CG  1 
ATOM   1055 C CD  . GLN C 1 55 ? 14.703  1.916   -17.078 1.00 71.61 ? 108 GLN C CD  1 
ATOM   1056 O OE1 . GLN C 1 55 ? 15.628  2.720   -17.160 1.00 71.40 ? 108 GLN C OE1 1 
ATOM   1057 N NE2 . GLN C 1 55 ? 13.465  2.197   -17.509 1.00 71.62 ? 108 GLN C NE2 1 
ATOM   1058 N N   . VAL C 1 56 ? 12.630  -2.493  -14.774 1.00 68.63 ? 109 VAL C N   1 
ATOM   1059 C CA  . VAL C 1 56 ? 12.727  -3.924  -14.529 1.00 68.56 ? 109 VAL C CA  1 
ATOM   1060 C C   . VAL C 1 56 ? 11.423  -4.616  -14.941 1.00 68.74 ? 109 VAL C C   1 
ATOM   1061 O O   . VAL C 1 56 ? 11.427  -5.733  -15.472 1.00 68.52 ? 109 VAL C O   1 
ATOM   1062 C CB  . VAL C 1 56 ? 13.040  -4.176  -13.040 1.00 68.59 ? 109 VAL C CB  1 
ATOM   1063 C CG1 . VAL C 1 56 ? 13.163  -5.679  -12.727 1.00 68.97 ? 109 VAL C CG1 1 
ATOM   1064 C CG2 . VAL C 1 56 ? 14.305  -3.395  -12.615 1.00 68.45 ? 109 VAL C CG2 1 
ATOM   1065 N N   . LEU C 1 57 ? 10.301  -3.949  -14.722 1.00 69.16 ? 110 LEU C N   1 
ATOM   1066 C CA  . LEU C 1 57 ? 9.010   -4.564  -15.060 1.00 69.73 ? 110 LEU C CA  1 
ATOM   1067 C C   . LEU C 1 57 ? 8.658   -4.510  -16.564 1.00 70.29 ? 110 LEU C C   1 
ATOM   1068 O O   . LEU C 1 57 ? 7.931   -5.373  -17.060 1.00 70.81 ? 110 LEU C O   1 
ATOM   1069 C CB  . LEU C 1 57 ? 7.884   -4.046  -14.146 1.00 69.32 ? 110 LEU C CB  1 
ATOM   1070 C CG  . LEU C 1 57 ? 8.304   -3.914  -12.661 1.00 69.11 ? 110 LEU C CG  1 
ATOM   1071 C CD1 . LEU C 1 57 ? 7.224   -3.233  -11.835 1.00 68.39 ? 110 LEU C CD1 1 
ATOM   1072 C CD2 . LEU C 1 57 ? 8.757   -5.240  -11.989 1.00 67.84 ? 110 LEU C CD2 1 
ATOM   1073 N N   . GLN C 1 58 ? 9.175   -3.510  -17.282 1.00 70.64 ? 111 GLN C N   1 
ATOM   1074 C CA  . GLN C 1 58 ? 9.080   -3.464  -18.756 1.00 70.88 ? 111 GLN C CA  1 
ATOM   1075 C C   . GLN C 1 58 ? 9.804   -4.670  -19.349 1.00 70.70 ? 111 GLN C C   1 
ATOM   1076 O O   . GLN C 1 58 ? 9.318   -5.328  -20.272 1.00 70.25 ? 111 GLN C O   1 
ATOM   1077 C CB  . GLN C 1 58 ? 9.739   -2.185  -19.279 1.00 71.04 ? 111 GLN C CB  1 
ATOM   1078 C CG  . GLN C 1 58 ? 9.720   -2.008  -20.800 1.00 71.52 ? 111 GLN C CG  1 
ATOM   1079 C CD  . GLN C 1 58 ? 10.393  -0.715  -21.228 1.00 72.16 ? 111 GLN C CD  1 
ATOM   1080 O OE1 . GLN C 1 58 ? 11.619  -0.595  -21.140 1.00 71.35 ? 111 GLN C OE1 1 
ATOM   1081 N NE2 . GLN C 1 58 ? 9.591   0.269   -21.674 1.00 71.06 ? 111 GLN C NE2 1 
ATOM   1082 N N   . GLN C 1 59 ? 10.982  -4.927  -18.783 1.00 70.67 ? 112 GLN C N   1 
ATOM   1083 C CA  . GLN C 1 59 ? 11.870  -6.020  -19.146 1.00 70.70 ? 112 GLN C CA  1 
ATOM   1084 C C   . GLN C 1 59 ? 11.546  -7.219  -18.226 1.00 70.12 ? 112 GLN C C   1 
ATOM   1085 O O   . GLN C 1 59 ? 12.459  -7.799  -17.644 1.00 70.45 ? 112 GLN C O   1 
ATOM   1086 C CB  . GLN C 1 59 ? 13.321  -5.527  -18.939 1.00 70.92 ? 112 GLN C CB  1 
ATOM   1087 C CG  . GLN C 1 59 ? 14.472  -6.225  -19.702 1.00 72.35 ? 112 GLN C CG  1 
ATOM   1088 C CD  . GLN C 1 59 ? 15.840  -5.995  -19.009 1.00 74.82 ? 112 GLN C CD  1 
ATOM   1089 O OE1 . GLN C 1 59 ? 16.064  -4.952  -18.373 1.00 75.06 ? 112 GLN C OE1 1 
ATOM   1090 N NE2 . GLN C 1 59 ? 16.746  -6.980  -19.116 1.00 73.80 ? 112 GLN C NE2 1 
ATOM   1091 N N   . THR C 1 60 ? 10.248  -7.551  -18.075 1.00 69.08 ? 113 THR C N   1 
ATOM   1092 C CA  . THR C 1 60 ? 9.768   -8.724  -17.298 1.00 67.72 ? 113 THR C CA  1 
ATOM   1093 C C   . THR C 1 60 ? 8.300   -9.133  -17.577 1.00 67.04 ? 113 THR C C   1 
ATOM   1094 O O   . THR C 1 60 ? 7.950   -10.296 -17.484 1.00 66.75 ? 113 THR C O   1 
ATOM   1095 C CB  . THR C 1 60 ? 10.013  -8.556  -15.755 1.00 67.73 ? 113 THR C CB  1 
ATOM   1096 O OG1 . THR C 1 60 ? 10.551  -9.764  -15.199 1.00 66.66 ? 113 THR C OG1 1 
ATOM   1097 C CG2 . THR C 1 60 ? 8.730   -8.164  -15.005 1.00 68.55 ? 113 THR C CG2 1 
ATOM   1098 N N   . LEU C 1 61 ? 7.445   -8.177  -17.920 1.00 66.68 ? 114 LEU C N   1 
ATOM   1099 C CA  . LEU C 1 61 ? 6.011   -8.447  -18.098 1.00 66.19 ? 114 LEU C CA  1 
ATOM   1100 C C   . LEU C 1 61 ? 5.658   -8.648  -19.554 1.00 65.73 ? 114 LEU C C   1 
ATOM   1101 O O   . LEU C 1 61 ? 6.388   -8.183  -20.415 1.00 65.82 ? 114 LEU C O   1 
ATOM   1102 C CB  . LEU C 1 61 ? 5.160   -7.282  -17.544 1.00 66.36 ? 114 LEU C CB  1 
ATOM   1103 C CG  . LEU C 1 61 ? 5.142   -7.087  -16.022 1.00 66.27 ? 114 LEU C CG  1 
ATOM   1104 C CD1 . LEU C 1 61 ? 4.596   -5.717  -15.619 1.00 64.13 ? 114 LEU C CD1 1 
ATOM   1105 C CD2 . LEU C 1 61 ? 4.357   -8.218  -15.364 1.00 65.32 ? 114 LEU C CD2 1 
ATOM   1106 N N   . PRO C 1 62 ? 4.525   -9.333  -19.841 1.00 65.89 ? 115 PRO C N   1 
ATOM   1107 C CA  . PRO C 1 62 ? 4.017   -9.259  -21.214 1.00 65.76 ? 115 PRO C CA  1 
ATOM   1108 C C   . PRO C 1 62 ? 3.751   -7.796  -21.534 1.00 65.82 ? 115 PRO C C   1 
ATOM   1109 O O   . PRO C 1 62 ? 3.426   -7.037  -20.625 1.00 65.54 ? 115 PRO C O   1 
ATOM   1110 C CB  . PRO C 1 62 ? 2.691   -10.026 -21.147 1.00 65.67 ? 115 PRO C CB  1 
ATOM   1111 C CG  . PRO C 1 62 ? 2.830   -10.920 -19.955 1.00 65.71 ? 115 PRO C CG  1 
ATOM   1112 C CD  . PRO C 1 62 ? 3.650   -10.150 -18.975 1.00 65.60 ? 115 PRO C CD  1 
ATOM   1113 N N   . PRO C 1 63 ? 3.933   -7.385  -22.804 1.00 66.02 ? 116 PRO C N   1 
ATOM   1114 C CA  . PRO C 1 63 ? 3.543   -6.015  -23.127 1.00 65.37 ? 116 PRO C CA  1 
ATOM   1115 C C   . PRO C 1 63 ? 2.075   -5.636  -22.775 1.00 64.59 ? 116 PRO C C   1 
ATOM   1116 O O   . PRO C 1 63 ? 1.884   -4.550  -22.208 1.00 64.53 ? 116 PRO C O   1 
ATOM   1117 C CB  . PRO C 1 63 ? 3.869   -5.896  -24.630 1.00 65.58 ? 116 PRO C CB  1 
ATOM   1118 C CG  . PRO C 1 63 ? 5.059   -6.785  -24.808 1.00 66.05 ? 116 PRO C CG  1 
ATOM   1119 C CD  . PRO C 1 63 ? 4.778   -7.975  -23.873 1.00 66.44 ? 116 PRO C CD  1 
ATOM   1120 N N   . PRO C 1 64 ? 1.067   -6.513  -23.056 1.00 63.63 ? 117 PRO C N   1 
ATOM   1121 C CA  . PRO C 1 64 ? -0.343  -6.119  -22.803 1.00 63.01 ? 117 PRO C CA  1 
ATOM   1122 C C   . PRO C 1 64 ? -0.641  -5.643  -21.376 1.00 62.53 ? 117 PRO C C   1 
ATOM   1123 O O   . PRO C 1 64 ? -1.354  -4.642  -21.186 1.00 62.43 ? 117 PRO C O   1 
ATOM   1124 C CB  . PRO C 1 64 ? -1.152  -7.401  -23.103 1.00 62.82 ? 117 PRO C CB  1 
ATOM   1125 C CG  . PRO C 1 64 ? -0.315  -8.193  -24.009 1.00 63.27 ? 117 PRO C CG  1 
ATOM   1126 C CD  . PRO C 1 64 ? 1.143   -7.844  -23.702 1.00 64.09 ? 117 PRO C CD  1 
ATOM   1127 N N   . VAL C 1 65 ? -0.103  -6.371  -20.397 1.00 61.58 ? 118 VAL C N   1 
ATOM   1128 C CA  . VAL C 1 65 ? -0.343  -6.076  -18.986 1.00 60.61 ? 118 VAL C CA  1 
ATOM   1129 C C   . VAL C 1 65 ? 0.586   -4.964  -18.481 1.00 59.87 ? 118 VAL C C   1 
ATOM   1130 O O   . VAL C 1 65 ? 0.161   -4.138  -17.681 1.00 59.68 ? 118 VAL C O   1 
ATOM   1131 C CB  . VAL C 1 65 ? -0.328  -7.377  -18.055 1.00 60.69 ? 118 VAL C CB  1 
ATOM   1132 C CG1 . VAL C 1 65 ? -1.211  -8.487  -18.632 1.00 60.38 ? 118 VAL C CG1 1 
ATOM   1133 C CG2 . VAL C 1 65 ? 1.082   -7.881  -17.789 1.00 60.00 ? 118 VAL C CG2 1 
ATOM   1134 N N   . PHE C 1 66 ? 1.843   -4.942  -18.940 1.00 59.47 ? 119 PHE C N   1 
ATOM   1135 C CA  . PHE C 1 66 ? 2.758   -3.806  -18.661 1.00 59.12 ? 119 PHE C CA  1 
ATOM   1136 C C   . PHE C 1 66 ? 2.109   -2.493  -19.109 1.00 58.97 ? 119 PHE C C   1 
ATOM   1137 O O   . PHE C 1 66 ? 2.302   -1.438  -18.491 1.00 58.22 ? 119 PHE C O   1 
ATOM   1138 C CB  . PHE C 1 66 ? 4.133   -3.970  -19.319 1.00 57.85 ? 119 PHE C CB  1 
ATOM   1139 C CG  . PHE C 1 66 ? 5.061   -2.823  -19.050 1.00 58.44 ? 119 PHE C CG  1 
ATOM   1140 C CD1 . PHE C 1 66 ? 5.457   -2.512  -17.739 1.00 58.72 ? 119 PHE C CD1 1 
ATOM   1141 C CD2 . PHE C 1 66 ? 5.541   -2.028  -20.100 1.00 59.67 ? 119 PHE C CD2 1 
ATOM   1142 C CE1 . PHE C 1 66 ? 6.335   -1.426  -17.454 1.00 59.15 ? 119 PHE C CE1 1 
ATOM   1143 C CE2 . PHE C 1 66 ? 6.414   -0.921  -19.848 1.00 60.68 ? 119 PHE C CE2 1 
ATOM   1144 C CZ  . PHE C 1 66 ? 6.815   -0.622  -18.503 1.00 61.28 ? 119 PHE C CZ  1 
ATOM   1145 N N   . GLN C 1 67 ? 1.331   -2.604  -20.185 1.00 59.42 ? 120 GLN C N   1 
ATOM   1146 C CA  . GLN C 1 67 ? 0.541   -1.509  -20.730 1.00 59.94 ? 120 GLN C CA  1 
ATOM   1147 C C   . GLN C 1 67 ? -0.703  -1.245  -19.851 1.00 61.40 ? 120 GLN C C   1 
ATOM   1148 O O   . GLN C 1 67 ? -1.073  -0.079  -19.597 1.00 61.16 ? 120 GLN C O   1 
ATOM   1149 C CB  . GLN C 1 67 ? 0.195   -1.791  -22.213 1.00 59.68 ? 120 GLN C CB  1 
ATOM   1150 C CG  . GLN C 1 67 ? 1.398   -1.530  -23.181 1.00 55.30 ? 120 GLN C CG  1 
ATOM   1151 C CD  . GLN C 1 67 ? 1.398   -2.359  -24.459 1.00 49.98 ? 120 GLN C CD  1 
ATOM   1152 O OE1 . GLN C 1 67 ? 2.466   -2.602  -25.036 1.00 49.07 ? 120 GLN C OE1 1 
ATOM   1153 N NE2 . GLN C 1 67 ? 0.223   -2.754  -24.931 1.00 47.38 ? 120 GLN C NE2 1 
ATOM   1154 N N   . MET C 1 68 ? -1.319  -2.323  -19.358 1.00 62.39 ? 121 MET C N   1 
ATOM   1155 C CA  . MET C 1 68 ? -2.411  -2.204  -18.392 1.00 63.58 ? 121 MET C CA  1 
ATOM   1156 C C   . MET C 1 68 ? -1.933  -1.452  -17.145 1.00 63.26 ? 121 MET C C   1 
ATOM   1157 O O   . MET C 1 68 ? -2.561  -0.491  -16.697 1.00 63.41 ? 121 MET C O   1 
ATOM   1158 C CB  . MET C 1 68 ? -2.921  -3.585  -18.019 1.00 64.40 ? 121 MET C CB  1 
ATOM   1159 C CG  . MET C 1 68 ? -4.429  -3.678  -17.861 1.00 67.87 ? 121 MET C CG  1 
ATOM   1160 S SD  . MET C 1 68 ? -4.980  -5.408  -17.861 1.00 75.89 ? 121 MET C SD  1 
ATOM   1161 C CE  . MET C 1 68 ? -4.148  -6.094  -19.313 1.00 74.34 ? 121 MET C CE  1 
ATOM   1162 N N   . LEU C 1 69 ? -0.803  -1.893  -16.606 1.00 62.98 ? 122 LEU C N   1 
ATOM   1163 C CA  . LEU C 1 69 ? -0.112  -1.209  -15.517 1.00 62.93 ? 122 LEU C CA  1 
ATOM   1164 C C   . LEU C 1 69 ? 0.157   0.295   -15.760 1.00 63.55 ? 122 LEU C C   1 
ATOM   1165 O O   . LEU C 1 69 ? -0.013  1.116   -14.845 1.00 63.31 ? 122 LEU C O   1 
ATOM   1166 C CB  . LEU C 1 69 ? 1.194   -1.956  -15.219 1.00 62.51 ? 122 LEU C CB  1 
ATOM   1167 C CG  . LEU C 1 69 ? 2.181   -1.377  -14.218 1.00 62.06 ? 122 LEU C CG  1 
ATOM   1168 C CD1 . LEU C 1 69 ? 1.500   -1.267  -12.849 1.00 62.21 ? 122 LEU C CD1 1 
ATOM   1169 C CD2 . LEU C 1 69 ? 3.435   -2.230  -14.169 1.00 61.27 ? 122 LEU C CD2 1 
ATOM   1170 N N   . LEU C 1 70 ? 0.593   0.649   -16.973 1.00 64.52 ? 123 LEU C N   1 
ATOM   1171 C CA  . LEU C 1 70 ? 0.914   2.050   -17.325 1.00 65.10 ? 123 LEU C CA  1 
ATOM   1172 C C   . LEU C 1 70 ? -0.285  2.986   -17.267 1.00 65.74 ? 123 LEU C C   1 
ATOM   1173 O O   . LEU C 1 70 ? -0.115  4.184   -17.039 1.00 65.50 ? 123 LEU C O   1 
ATOM   1174 C CB  . LEU C 1 70 ? 1.572   2.133   -18.693 1.00 65.03 ? 123 LEU C CB  1 
ATOM   1175 C CG  . LEU C 1 70 ? 3.100   2.033   -18.777 1.00 65.50 ? 123 LEU C CG  1 
ATOM   1176 C CD1 . LEU C 1 70 ? 3.713   1.285   -17.616 1.00 66.35 ? 123 LEU C CD1 1 
ATOM   1177 C CD2 . LEU C 1 70 ? 3.496   1.370   -20.091 1.00 65.06 ? 123 LEU C CD2 1 
ATOM   1178 N N   . THR C 1 71 ? -1.474  2.414   -17.483 1.00 66.79 ? 124 THR C N   1 
ATOM   1179 C CA  . THR C 1 71 ? -2.786  3.074   -17.328 1.00 68.26 ? 124 THR C CA  1 
ATOM   1180 C C   . THR C 1 71 ? -3.057  3.683   -15.936 1.00 69.25 ? 124 THR C C   1 
ATOM   1181 O O   . THR C 1 71 ? -3.808  4.660   -15.822 1.00 69.30 ? 124 THR C O   1 
ATOM   1182 C CB  . THR C 1 71 ? -3.933  2.060   -17.606 1.00 68.02 ? 124 THR C CB  1 
ATOM   1183 O OG1 . THR C 1 71 ? -3.785  1.508   -18.913 1.00 68.24 ? 124 THR C OG1 1 
ATOM   1184 C CG2 . THR C 1 71 ? -5.329  2.697   -17.475 1.00 69.70 ? 124 THR C CG2 1 
ATOM   1185 N N   . LYS C 1 72 ? -2.483  3.088   -14.879 1.00 70.35 ? 125 LYS C N   1 
ATOM   1186 C CA  . LYS C 1 72 ? -2.862  3.446   -13.502 1.00 70.79 ? 125 LYS C CA  1 
ATOM   1187 C C   . LYS C 1 72 ? -1.709  3.408   -12.522 1.00 70.88 ? 125 LYS C C   1 
ATOM   1188 O O   . LYS C 1 72 ? -1.132  4.447   -12.216 1.00 71.32 ? 125 LYS C O   1 
ATOM   1189 C CB  . LYS C 1 72 ? -4.038  2.590   -13.010 1.00 71.00 ? 125 LYS C CB  1 
ATOM   1190 C CG  . LYS C 1 72 ? -4.174  1.221   -13.701 1.00 72.07 ? 125 LYS C CG  1 
ATOM   1191 C CD  . LYS C 1 72 ? -5.463  0.510   -13.303 1.00 72.77 ? 125 LYS C CD  1 
ATOM   1192 C CE  . LYS C 1 72 ? -5.457  -0.922  -13.786 1.00 73.72 ? 125 LYS C CE  1 
ATOM   1193 N NZ  . LYS C 1 72 ? -5.940  -1.826  -12.699 1.00 75.08 ? 125 LYS C NZ  1 
ATOM   1194 N N   . GLY D 2 1  ? 15.536  8.254   -5.284  1.00 65.23 ? 12  GLY D N   1 
ATOM   1195 C CA  . GLY D 2 1  ? 15.867  7.138   -4.325  1.00 65.09 ? 12  GLY D CA  1 
ATOM   1196 C C   . GLY D 2 1  ? 15.412  5.767   -4.786  1.00 64.66 ? 12  GLY D C   1 
ATOM   1197 O O   . GLY D 2 1  ? 14.286  5.622   -5.280  1.00 64.57 ? 12  GLY D O   1 
HETATM 1198 N N   . DCY D 2 2  ? 16.275  4.758   -4.611  1.00 64.01 ? 13  DCY D N   1 
HETATM 1199 C CA  . DCY D 2 2  ? 16.035  3.422   -5.179  1.00 62.89 ? 13  DCY D CA  1 
HETATM 1200 C C   . DCY D 2 2  ? 16.389  2.253   -4.267  1.00 61.29 ? 13  DCY D C   1 
HETATM 1201 O O   . DCY D 2 2  ? 17.036  1.332   -4.748  1.00 61.56 ? 13  DCY D O   1 
HETATM 1202 C CB  . DCY D 2 2  ? 14.573  3.280   -5.614  1.00 63.10 ? 13  DCY D CB  1 
HETATM 1203 S SG  . DCY D 2 2  ? 14.281  1.979   -6.838  1.00 66.26 ? 13  DCY D SG  1 
ATOM   1204 N N   . ARG D 2 3  ? 15.953  2.255   -2.998  1.00 59.20 ? 14  ARG D N   1 
ATOM   1205 C CA  . ARG D 2 3  ? 16.215  1.091   -2.118  1.00 56.76 ? 14  ARG D CA  1 
ATOM   1206 C C   . ARG D 2 3  ? 15.381  -0.127  -2.543  1.00 55.24 ? 14  ARG D C   1 
ATOM   1207 O O   . ARG D 2 3  ? 15.883  -1.261  -2.535  1.00 54.41 ? 14  ARG D O   1 
ATOM   1208 C CB  . ARG D 2 3  ? 16.142  1.410   -0.587  1.00 56.51 ? 14  ARG D CB  1 
ATOM   1209 C CG  . ARG D 2 3  ? 14.788  1.811   0.041   1.00 55.82 ? 14  ARG D CG  1 
ATOM   1210 C CD  . ARG D 2 3  ? 14.850  2.141   1.606   1.00 54.01 ? 14  ARG D CD  1 
ATOM   1211 N NE  . ARG D 2 3  ? 14.986  0.985   2.530   1.00 50.27 ? 14  ARG D NE  1 
ATOM   1212 C CZ  . ARG D 2 3  ? 15.416  1.033   3.816   1.00 47.10 ? 14  ARG D CZ  1 
ATOM   1213 N NH1 . ARG D 2 3  ? 15.759  2.184   4.423   1.00 41.09 ? 14  ARG D NH1 1 
ATOM   1214 N NH2 . ARG D 2 3  ? 15.501  -0.097  4.523   1.00 43.15 ? 14  ARG D NH2 1 
ATOM   1215 N N   . LEU D 2 4  ? 14.146  0.127   -2.981  1.00 53.94 ? 15  LEU D N   1 
ATOM   1216 C CA  . LEU D 2 4  ? 13.223  -0.957  -3.345  1.00 52.94 ? 15  LEU D CA  1 
ATOM   1217 C C   . LEU D 2 4  ? 13.597  -1.608  -4.685  1.00 53.10 ? 15  LEU D C   1 
ATOM   1218 O O   . LEU D 2 4  ? 13.235  -2.752  -4.951  1.00 52.33 ? 15  LEU D O   1 
ATOM   1219 C CB  . LEU D 2 4  ? 11.748  -0.504  -3.254  1.00 52.59 ? 15  LEU D CB  1 
ATOM   1220 C CG  . LEU D 2 4  ? 11.170  0.010   -1.913  1.00 49.82 ? 15  LEU D CG  1 
ATOM   1221 C CD1 . LEU D 2 4  ? 9.728   0.428   -2.051  1.00 46.72 ? 15  LEU D CD1 1 
ATOM   1222 C CD2 . LEU D 2 4  ? 11.287  -0.986  -0.777  1.00 47.27 ? 15  LEU D CD2 1 
ATOM   1223 N N   . CYS D 2 5  ? 14.379  -0.894  -5.499  1.00 53.70 ? 16  CYS D N   1 
ATOM   1224 C CA  . CYS D 2 5  ? 15.027  -1.491  -6.680  1.00 55.29 ? 16  CYS D CA  1 
ATOM   1225 C C   . CYS D 2 5  ? 16.120  -2.544  -6.374  1.00 54.14 ? 16  CYS D C   1 
ATOM   1226 O O   . CYS D 2 5  ? 16.058  -3.702  -6.842  1.00 54.32 ? 16  CYS D O   1 
ATOM   1227 C CB  . CYS D 2 5  ? 15.571  -0.385  -7.604  1.00 56.06 ? 16  CYS D CB  1 
ATOM   1228 S SG  . CYS D 2 5  ? 14.235  0.650   -8.330  1.00 63.57 ? 16  CYS D SG  1 
ATOM   1229 N N   . ARG D 2 6  ? 17.099  -2.152  -5.573  1.00 53.58 ? 17  ARG D N   1 
ATOM   1230 C CA  . ARG D 2 6  ? 18.160  -3.065  -5.121  1.00 53.18 ? 17  ARG D CA  1 
ATOM   1231 C C   . ARG D 2 6  ? 17.509  -4.307  -4.481  1.00 52.58 ? 17  ARG D C   1 
ATOM   1232 O O   . ARG D 2 6  ? 17.760  -5.490  -4.870  1.00 52.83 ? 17  ARG D O   1 
ATOM   1233 C CB  . ARG D 2 6  ? 19.143  -2.316  -4.177  1.00 53.88 ? 17  ARG D CB  1 
ATOM   1234 C CG  . ARG D 2 6  ? 19.100  -0.743  -4.323  1.00 55.11 ? 17  ARG D CG  1 
ATOM   1235 C CD  . ARG D 2 6  ? 20.246  0.054   -3.595  1.00 58.18 ? 17  ARG D CD  1 
ATOM   1236 N NE  . ARG D 2 6  ? 19.915  1.484   -3.464  1.00 58.86 ? 17  ARG D NE  1 
ATOM   1237 C CZ  . ARG D 2 6  ? 19.735  2.156   -2.311  1.00 61.56 ? 17  ARG D CZ  1 
ATOM   1238 N NH1 . ARG D 2 6  ? 19.894  1.560   -1.130  1.00 64.31 ? 17  ARG D NH1 1 
ATOM   1239 N NH2 . ARG D 2 6  ? 19.402  3.452   -2.318  1.00 61.76 ? 17  ARG D NH2 1 
ATOM   1240 N N   . LEU D 2 7  ? 16.574  -4.022  -3.576  1.00 51.92 ? 18  LEU D N   1 
ATOM   1241 C CA  . LEU D 2 7  ? 15.806  -5.046  -2.900  1.00 50.29 ? 18  LEU D CA  1 
ATOM   1242 C C   . LEU D 2 7  ? 15.174  -6.000  -3.872  1.00 50.42 ? 18  LEU D C   1 
ATOM   1243 O O   . LEU D 2 7  ? 15.243  -7.217  -3.666  1.00 50.48 ? 18  LEU D O   1 
ATOM   1244 C CB  . LEU D 2 7  ? 14.713  -4.429  -2.009  1.00 50.11 ? 18  LEU D CB  1 
ATOM   1245 C CG  . LEU D 2 7  ? 14.166  -5.404  -0.966  1.00 45.93 ? 18  LEU D CG  1 
ATOM   1246 C CD1 . LEU D 2 7  ? 15.269  -5.662  0.048   1.00 41.50 ? 18  LEU D CD1 1 
ATOM   1247 C CD2 . LEU D 2 7  ? 12.870  -4.871  -0.304  1.00 41.36 ? 18  LEU D CD2 1 
ATOM   1248 N N   . LEU D 2 8  ? 14.535  -5.449  -4.910  1.00 50.56 ? 19  LEU D N   1 
ATOM   1249 C CA  . LEU D 2 8  ? 13.825  -6.255  -5.918  1.00 50.99 ? 19  LEU D CA  1 
ATOM   1250 C C   . LEU D 2 8  ? 14.749  -7.232  -6.704  1.00 52.06 ? 19  LEU D C   1 
ATOM   1251 O O   . LEU D 2 8  ? 14.362  -8.374  -7.016  1.00 51.91 ? 19  LEU D O   1 
ATOM   1252 C CB  . LEU D 2 8  ? 13.040  -5.344  -6.866  1.00 49.54 ? 19  LEU D CB  1 
ATOM   1253 C CG  . LEU D 2 8  ? 12.270  -6.037  -7.993  1.00 48.16 ? 19  LEU D CG  1 
ATOM   1254 C CD1 . LEU D 2 8  ? 11.369  -7.163  -7.499  1.00 46.20 ? 19  LEU D CD1 1 
ATOM   1255 C CD2 . LEU D 2 8  ? 11.472  -5.014  -8.771  1.00 44.84 ? 19  LEU D CD2 1 
ATOM   1256 N N   . SER D 2 9  ? 15.959  -6.769  -7.008  1.00 53.73 ? 20  SER D N   1 
ATOM   1257 C CA  . SER D 2 9  ? 16.929  -7.601  -7.713  1.00 55.54 ? 20  SER D CA  1 
ATOM   1258 C C   . SER D 2 9  ? 17.389  -8.719  -6.773  1.00 55.91 ? 20  SER D C   1 
ATOM   1259 O O   . SER D 2 9  ? 17.454  -9.889  -7.187  1.00 56.13 ? 20  SER D O   1 
ATOM   1260 C CB  . SER D 2 9  ? 18.118  -6.766  -8.230  1.00 55.84 ? 20  SER D CB  1 
ATOM   1261 O OG  . SER D 2 9  ? 19.002  -6.385  -7.175  1.00 57.12 ? 20  SER D OG  1 
ATOM   1262 N N   . TYR D 2 10 ? 17.664  -8.375  -5.506  1.00 56.26 ? 21  TYR D N   1 
ATOM   1263 C CA  . TYR D 2 10 ? 18.041  -9.403  -4.526  1.00 55.88 ? 21  TYR D CA  1 
ATOM   1264 C C   . TYR D 2 10 ? 17.005  -10.527 -4.492  1.00 56.58 ? 21  TYR D C   1 
ATOM   1265 O O   . TYR D 2 10 ? 17.355  -11.723 -4.474  1.00 56.92 ? 21  TYR D O   1 
ATOM   1266 C CB  . TYR D 2 10 ? 18.212  -8.810  -3.147  1.00 55.21 ? 21  TYR D CB  1 
ATOM   1267 C CG  . TYR D 2 10 ? 19.328  -7.796  -2.980  1.00 53.48 ? 21  TYR D CG  1 
ATOM   1268 C CD1 . TYR D 2 10 ? 20.498  -7.854  -3.734  1.00 53.51 ? 21  TYR D CD1 1 
ATOM   1269 C CD2 . TYR D 2 10 ? 19.253  -6.839  -1.984  1.00 51.23 ? 21  TYR D CD2 1 
ATOM   1270 C CE1 . TYR D 2 10 ? 21.539  -6.937  -3.526  1.00 52.03 ? 21  TYR D CE1 1 
ATOM   1271 C CE2 . TYR D 2 10 ? 20.272  -5.913  -1.784  1.00 52.81 ? 21  TYR D CE2 1 
ATOM   1272 C CZ  . TYR D 2 10 ? 21.411  -5.969  -2.557  1.00 52.57 ? 21  TYR D CZ  1 
ATOM   1273 O OH  . TYR D 2 10 ? 22.414  -5.044  -2.338  1.00 55.71 ? 21  TYR D OH  1 
ATOM   1274 N N   . ALA D 2 11 ? 15.737  -10.129 -4.562  1.00 56.91 ? 22  ALA D N   1 
ATOM   1275 C CA  . ALA D 2 11 ? 14.593  -11.028 -4.359  1.00 57.73 ? 22  ALA D CA  1 
ATOM   1276 C C   . ALA D 2 11 ? 14.516  -12.190 -5.342  1.00 58.17 ? 22  ALA D C   1 
ATOM   1277 O O   . ALA D 2 11 ? 13.798  -13.166 -5.083  1.00 58.99 ? 22  ALA D O   1 
ATOM   1278 C CB  . ALA D 2 11 ? 13.271  -10.239 -4.357  1.00 56.74 ? 22  ALA D CB  1 
HETATM 1279 P P   . PO4 E 3 .  ? 4.254   4.640   11.960  1.00 94.69 ? 1   PO4 A P   1 
HETATM 1280 O O1  . PO4 E 3 .  ? 4.347   5.153   10.531  1.00 94.05 ? 1   PO4 A O1  1 
HETATM 1281 O O2  . PO4 E 3 .  ? 2.803   4.496   12.300  1.00 94.56 ? 1   PO4 A O2  1 
HETATM 1282 O O3  . PO4 E 3 .  ? 4.790   3.239   12.086  1.00 94.70 ? 1   PO4 A O3  1 
HETATM 1283 O O4  . PO4 E 3 .  ? 4.967   5.566   12.942  1.00 93.65 ? 1   PO4 A O4  1 
HETATM 1284 O O   . HOH F 4 .  ? 3.846   -4.657  5.835   1.00 17.68 ? 2   HOH A O   1 
HETATM 1285 O O   . HOH F 4 .  ? -11.947 -6.624  2.386   1.00 44.13 ? 4   HOH A O   1 
HETATM 1286 O O   . HOH F 4 .  ? -14.998 -4.158  17.304  1.00 37.24 ? 5   HOH A O   1 
HETATM 1287 O O   . HOH F 4 .  ? 6.919   2.994   13.507  1.00 31.45 ? 6   HOH A O   1 
HETATM 1288 O O   . HOH F 4 .  ? 1.303   3.549   17.027  1.00 34.70 ? 8   HOH A O   1 
HETATM 1289 O O   . HOH F 4 .  ? 11.931  3.343   -2.504  1.00 48.34 ? 9   HOH A O   1 
HETATM 1290 O O   . HOH F 4 .  ? -7.129  -7.160  2.893   1.00 54.17 ? 11  HOH A O   1 
HETATM 1291 O O   . HOH F 4 .  ? -15.042 1.297   22.307  1.00 42.36 ? 12  HOH A O   1 
HETATM 1292 O O   . HOH F 4 .  ? 5.323   15.345  1.110   1.00 47.51 ? 17  HOH A O   1 
HETATM 1293 O O   . HOH F 4 .  ? -15.255 -1.721  18.260  1.00 22.53 ? 18  HOH A O   1 
HETATM 1294 O O   . HOH F 4 .  ? -14.100 6.203   8.886   1.00 44.96 ? 19  HOH A O   1 
HETATM 1295 O O   . HOH F 4 .  ? -3.179  4.433   -3.981  1.00 36.49 ? 21  HOH A O   1 
HETATM 1296 O O   . HOH F 4 .  ? -2.450  -4.807  6.933   1.00 38.20 ? 22  HOH A O   1 
HETATM 1297 O O   . HOH F 4 .  ? -0.698  -5.636  8.490   1.00 41.84 ? 23  HOH A O   1 
HETATM 1298 O O   . HOH F 4 .  ? -15.413 0.015   16.209  1.00 17.94 ? 127 HOH A O   1 
HETATM 1299 O O   . HOH G 4 .  ? -5.098  -4.093  -2.861  1.00 42.38 ? 3   HOH C O   1 
HETATM 1300 O O   . HOH G 4 .  ? 10.776  8.354   -11.527 1.00 47.71 ? 7   HOH C O   1 
HETATM 1301 O O   . HOH G 4 .  ? 16.225  7.676   12.466  1.00 41.52 ? 10  HOH C O   1 
HETATM 1302 O O   . HOH G 4 .  ? 9.487   -14.805 -9.562  1.00 48.84 ? 13  HOH C O   1 
HETATM 1303 O O   . HOH G 4 .  ? 6.221   6.018   -6.557  1.00 43.79 ? 14  HOH C O   1 
HETATM 1304 O O   . HOH G 4 .  ? 9.322   -9.104  8.446   1.00 45.00 ? 15  HOH C O   1 
HETATM 1305 O O   . HOH G 4 .  ? 2.792   7.028   -4.044  1.00 42.33 ? 16  HOH C O   1 
HETATM 1306 O O   . HOH G 4 .  ? -2.110  2.203   -6.004  1.00 33.64 ? 20  HOH C O   1 
# 
